data_5T0Q
# 
_entry.id   5T0Q 
# 
_audit_conform.dict_name       mmcif_pdbx.dic 
_audit_conform.dict_version    5.379 
_audit_conform.dict_location   http://mmcif.pdb.org/dictionaries/ascii/mmcif_pdbx.dic 
# 
loop_
_database_2.database_id 
_database_2.database_code 
_database_2.pdbx_database_accession 
_database_2.pdbx_DOI 
PDB   5T0Q         pdb_00005t0q 10.2210/pdb5t0q/pdb 
WWPDB D_1000223432 ?            ?                   
# 
loop_
_pdbx_database_related.db_name 
_pdbx_database_related.details 
_pdbx_database_related.db_id 
_pdbx_database_related.content_type 
PDB . 5T0F unspecified 
PDB . 4RQW unspecified 
PDB . 4RRU unspecified 
PDB . 4RS9 unspecified 
PDB . 4YWC unspecified 
PDB . 4YZ6 unspecified 
# 
_pdbx_database_status.status_code                     REL 
_pdbx_database_status.status_code_sf                  REL 
_pdbx_database_status.status_code_mr                  ? 
_pdbx_database_status.entry_id                        5T0Q 
_pdbx_database_status.recvd_initial_deposition_date   2016-08-16 
_pdbx_database_status.SG_entry                        N 
_pdbx_database_status.deposit_site                    RCSB 
_pdbx_database_status.process_site                    RCSB 
_pdbx_database_status.status_code_cs                  ? 
_pdbx_database_status.methods_development_category    ? 
_pdbx_database_status.pdb_format_compatible           Y 
_pdbx_database_status.status_code_nmr_data            ? 
# 
loop_
_audit_author.name 
_audit_author.pdbx_ordinal 
'Ke, J.'          1 
'Zhang, F.'       2 
'Brunzelle, J.S.' 3 
'He, S.Y.'        4 
'Xu, H.E.'        5 
'Melcher, K.'     6 
# 
_citation.abstract                  ? 
_citation.abstract_id_CAS           ? 
_citation.book_id_ISBN              ? 
_citation.book_publisher            ? 
_citation.book_publisher_city       ? 
_citation.book_title                ? 
_citation.coordinate_linkage        ? 
_citation.country                   US 
_citation.database_id_Medline       ? 
_citation.details                   ? 
_citation.id                        primary 
_citation.journal_abbrev            'Proc. Natl. Acad. Sci. U.S.A.' 
_citation.journal_id_ASTM           PNASA6 
_citation.journal_id_CSD            0040 
_citation.journal_id_ISSN           1091-6490 
_citation.journal_full              ? 
_citation.journal_issue             ? 
_citation.journal_volume            114 
_citation.language                  ? 
_citation.page_first                1720 
_citation.page_last                 1725 
_citation.title                     
'Structural insights into alternative splicing-mediated desensitization of jasmonate signaling.' 
_citation.year                      2017 
_citation.database_id_CSD           ? 
_citation.pdbx_database_id_DOI      10.1073/pnas.1616938114 
_citation.pdbx_database_id_PubMed   28137867 
_citation.unpublished_flag          ? 
# 
loop_
_citation_author.citation_id 
_citation_author.name 
_citation_author.ordinal 
_citation_author.identifier_ORCID 
primary 'Zhang, F.'    1  ? 
primary 'Ke, J.'       2  ? 
primary 'Zhang, L.'    3  ? 
primary 'Chen, R.'     4  ? 
primary 'Sugimoto, K.' 5  ? 
primary 'Howe, G.A.'   6  ? 
primary 'Xu, H.E.'     7  ? 
primary 'Zhou, M.'     8  ? 
primary 'He, S.Y.'     9  ? 
primary 'Melcher, K.'  10 ? 
# 
_cell.angle_alpha                  90.00 
_cell.angle_alpha_esd              ? 
_cell.angle_beta                   90.00 
_cell.angle_beta_esd               ? 
_cell.angle_gamma                  120.00 
_cell.angle_gamma_esd              ? 
_cell.entry_id                     5T0Q 
_cell.details                      ? 
_cell.formula_units_Z              ? 
_cell.length_a                     86.098 
_cell.length_a_esd                 ? 
_cell.length_b                     86.098 
_cell.length_b_esd                 ? 
_cell.length_c                     57.871 
_cell.length_c_esd                 ? 
_cell.volume                       ? 
_cell.volume_esd                   ? 
_cell.Z_PDB                        6 
_cell.reciprocal_angle_alpha       ? 
_cell.reciprocal_angle_beta        ? 
_cell.reciprocal_angle_gamma       ? 
_cell.reciprocal_angle_alpha_esd   ? 
_cell.reciprocal_angle_beta_esd    ? 
_cell.reciprocal_angle_gamma_esd   ? 
_cell.reciprocal_length_a          ? 
_cell.reciprocal_length_b          ? 
_cell.reciprocal_length_c          ? 
_cell.reciprocal_length_a_esd      ? 
_cell.reciprocal_length_b_esd      ? 
_cell.reciprocal_length_c_esd      ? 
_cell.pdbx_unique_axis             ? 
# 
_symmetry.entry_id                         5T0Q 
_symmetry.cell_setting                     ? 
_symmetry.Int_Tables_number                154 
_symmetry.space_group_name_Hall            ? 
_symmetry.space_group_name_H-M             'P 32 2 1' 
_symmetry.pdbx_full_space_group_name_H-M   ? 
# 
loop_
_entity.id 
_entity.type 
_entity.src_method 
_entity.pdbx_description 
_entity.formula_weight 
_entity.pdbx_number_of_molecules 
_entity.pdbx_ec 
_entity.pdbx_mutation 
_entity.pdbx_fragment 
_entity.details 
1 polymer man 'Transcription factor MYC3' 21872.879 1   ? ? ?                      ? 
2 polymer man 'Protein TIFY 9'            3295.879  1   ? ? 'UNP residues 166-192' ? 
3 water   nat water                       18.015    107 ? ? ?                      ? 
# 
loop_
_entity_name_com.entity_id 
_entity_name_com.name 
1 
;Basic helix-loop-helix protein 5,bHLH 5,Protein ALTERED TRYPTOPHAN REGULATION 2,Transcription factor ATR2,Transcription factor EN 36,bHLH transcription factor bHLH005
;
2 'Jasmonate ZIM domain-containing protein 10,Protein JASMONATE-ASSOCIATED 1,Protein JAZ10' 
# 
loop_
_entity_poly.entity_id 
_entity_poly.type 
_entity_poly.nstd_linkage 
_entity_poly.nstd_monomer 
_entity_poly.pdbx_seq_one_letter_code 
_entity_poly.pdbx_seq_one_letter_code_can 
_entity_poly.pdbx_strand_id 
_entity_poly.pdbx_target_identifier 
1 'polypeptide(L)' no no 
;QPQFNEDTLQQRLQALIESAGENWTYAIFWQISHDFDSSTGDNTVILGWGDGYYKGEEDKEKKKNNTNTAEQEHRKRVIR
ELNSLISGGIGVSDESNDEEVTDTEWFFLVSMTQSFVNGVGLPGESFLNSRVIWLSGSGALTGSGCERAGQGQIYGLKTM
VCIATQNGVVELGSSEVISQSSDLMHKVNNLFNFNNGGG
;
;QPQFNEDTLQQRLQALIESAGENWTYAIFWQISHDFDSSTGDNTVILGWGDGYYKGEEDKEKKKNNTNTAEQEHRKRVIR
ELNSLISGGIGVSDESNDEEVTDTEWFFLVSMTQSFVNGVGLPGESFLNSRVIWLSGSGALTGSGCERAGQGQIYGLKTM
VCIATQNGVVELGSSEVISQSSDLMHKVNNLFNFNNGGG
;
A ? 
2 'polypeptide(L)' no no DLPIARRKSLQRFLEKRKERLVSTSPY DLPIARRKSLQRFLEKRKERLVSTSPY B ? 
# 
loop_
_entity_poly_seq.entity_id 
_entity_poly_seq.num 
_entity_poly_seq.mon_id 
_entity_poly_seq.hetero 
1 1   GLN n 
1 2   PRO n 
1 3   GLN n 
1 4   PHE n 
1 5   ASN n 
1 6   GLU n 
1 7   ASP n 
1 8   THR n 
1 9   LEU n 
1 10  GLN n 
1 11  GLN n 
1 12  ARG n 
1 13  LEU n 
1 14  GLN n 
1 15  ALA n 
1 16  LEU n 
1 17  ILE n 
1 18  GLU n 
1 19  SER n 
1 20  ALA n 
1 21  GLY n 
1 22  GLU n 
1 23  ASN n 
1 24  TRP n 
1 25  THR n 
1 26  TYR n 
1 27  ALA n 
1 28  ILE n 
1 29  PHE n 
1 30  TRP n 
1 31  GLN n 
1 32  ILE n 
1 33  SER n 
1 34  HIS n 
1 35  ASP n 
1 36  PHE n 
1 37  ASP n 
1 38  SER n 
1 39  SER n 
1 40  THR n 
1 41  GLY n 
1 42  ASP n 
1 43  ASN n 
1 44  THR n 
1 45  VAL n 
1 46  ILE n 
1 47  LEU n 
1 48  GLY n 
1 49  TRP n 
1 50  GLY n 
1 51  ASP n 
1 52  GLY n 
1 53  TYR n 
1 54  TYR n 
1 55  LYS n 
1 56  GLY n 
1 57  GLU n 
1 58  GLU n 
1 59  ASP n 
1 60  LYS n 
1 61  GLU n 
1 62  LYS n 
1 63  LYS n 
1 64  LYS n 
1 65  ASN n 
1 66  ASN n 
1 67  THR n 
1 68  ASN n 
1 69  THR n 
1 70  ALA n 
1 71  GLU n 
1 72  GLN n 
1 73  GLU n 
1 74  HIS n 
1 75  ARG n 
1 76  LYS n 
1 77  ARG n 
1 78  VAL n 
1 79  ILE n 
1 80  ARG n 
1 81  GLU n 
1 82  LEU n 
1 83  ASN n 
1 84  SER n 
1 85  LEU n 
1 86  ILE n 
1 87  SER n 
1 88  GLY n 
1 89  GLY n 
1 90  ILE n 
1 91  GLY n 
1 92  VAL n 
1 93  SER n 
1 94  ASP n 
1 95  GLU n 
1 96  SER n 
1 97  ASN n 
1 98  ASP n 
1 99  GLU n 
1 100 GLU n 
1 101 VAL n 
1 102 THR n 
1 103 ASP n 
1 104 THR n 
1 105 GLU n 
1 106 TRP n 
1 107 PHE n 
1 108 PHE n 
1 109 LEU n 
1 110 VAL n 
1 111 SER n 
1 112 MET n 
1 113 THR n 
1 114 GLN n 
1 115 SER n 
1 116 PHE n 
1 117 VAL n 
1 118 ASN n 
1 119 GLY n 
1 120 VAL n 
1 121 GLY n 
1 122 LEU n 
1 123 PRO n 
1 124 GLY n 
1 125 GLU n 
1 126 SER n 
1 127 PHE n 
1 128 LEU n 
1 129 ASN n 
1 130 SER n 
1 131 ARG n 
1 132 VAL n 
1 133 ILE n 
1 134 TRP n 
1 135 LEU n 
1 136 SER n 
1 137 GLY n 
1 138 SER n 
1 139 GLY n 
1 140 ALA n 
1 141 LEU n 
1 142 THR n 
1 143 GLY n 
1 144 SER n 
1 145 GLY n 
1 146 CYS n 
1 147 GLU n 
1 148 ARG n 
1 149 ALA n 
1 150 GLY n 
1 151 GLN n 
1 152 GLY n 
1 153 GLN n 
1 154 ILE n 
1 155 TYR n 
1 156 GLY n 
1 157 LEU n 
1 158 LYS n 
1 159 THR n 
1 160 MET n 
1 161 VAL n 
1 162 CYS n 
1 163 ILE n 
1 164 ALA n 
1 165 THR n 
1 166 GLN n 
1 167 ASN n 
1 168 GLY n 
1 169 VAL n 
1 170 VAL n 
1 171 GLU n 
1 172 LEU n 
1 173 GLY n 
1 174 SER n 
1 175 SER n 
1 176 GLU n 
1 177 VAL n 
1 178 ILE n 
1 179 SER n 
1 180 GLN n 
1 181 SER n 
1 182 SER n 
1 183 ASP n 
1 184 LEU n 
1 185 MET n 
1 186 HIS n 
1 187 LYS n 
1 188 VAL n 
1 189 ASN n 
1 190 ASN n 
1 191 LEU n 
1 192 PHE n 
1 193 ASN n 
1 194 PHE n 
1 195 ASN n 
1 196 ASN n 
1 197 GLY n 
1 198 GLY n 
1 199 GLY n 
2 1   ASP n 
2 2   LEU n 
2 3   PRO n 
2 4   ILE n 
2 5   ALA n 
2 6   ARG n 
2 7   ARG n 
2 8   LYS n 
2 9   SER n 
2 10  LEU n 
2 11  GLN n 
2 12  ARG n 
2 13  PHE n 
2 14  LEU n 
2 15  GLU n 
2 16  LYS n 
2 17  ARG n 
2 18  LYS n 
2 19  GLU n 
2 20  ARG n 
2 21  LEU n 
2 22  VAL n 
2 23  SER n 
2 24  THR n 
2 25  SER n 
2 26  PRO n 
2 27  TYR n 
# 
loop_
_entity_src_gen.entity_id 
_entity_src_gen.pdbx_src_id 
_entity_src_gen.pdbx_alt_source_flag 
_entity_src_gen.pdbx_seq_type 
_entity_src_gen.pdbx_beg_seq_num 
_entity_src_gen.pdbx_end_seq_num 
_entity_src_gen.gene_src_common_name 
_entity_src_gen.gene_src_genus 
_entity_src_gen.pdbx_gene_src_gene 
_entity_src_gen.gene_src_species 
_entity_src_gen.gene_src_strain 
_entity_src_gen.gene_src_tissue 
_entity_src_gen.gene_src_tissue_fraction 
_entity_src_gen.gene_src_details 
_entity_src_gen.pdbx_gene_src_fragment 
_entity_src_gen.pdbx_gene_src_scientific_name 
_entity_src_gen.pdbx_gene_src_ncbi_taxonomy_id 
_entity_src_gen.pdbx_gene_src_variant 
_entity_src_gen.pdbx_gene_src_cell_line 
_entity_src_gen.pdbx_gene_src_atcc 
_entity_src_gen.pdbx_gene_src_organ 
_entity_src_gen.pdbx_gene_src_organelle 
_entity_src_gen.pdbx_gene_src_cell 
_entity_src_gen.pdbx_gene_src_cellular_location 
_entity_src_gen.host_org_common_name 
_entity_src_gen.pdbx_host_org_scientific_name 
_entity_src_gen.pdbx_host_org_ncbi_taxonomy_id 
_entity_src_gen.host_org_genus 
_entity_src_gen.pdbx_host_org_gene 
_entity_src_gen.pdbx_host_org_organ 
_entity_src_gen.host_org_species 
_entity_src_gen.pdbx_host_org_tissue 
_entity_src_gen.pdbx_host_org_tissue_fraction 
_entity_src_gen.pdbx_host_org_strain 
_entity_src_gen.pdbx_host_org_variant 
_entity_src_gen.pdbx_host_org_cell_line 
_entity_src_gen.pdbx_host_org_atcc 
_entity_src_gen.pdbx_host_org_culture_collection 
_entity_src_gen.pdbx_host_org_cell 
_entity_src_gen.pdbx_host_org_organelle 
_entity_src_gen.pdbx_host_org_cellular_location 
_entity_src_gen.pdbx_host_org_vector_type 
_entity_src_gen.pdbx_host_org_vector 
_entity_src_gen.host_org_details 
_entity_src_gen.expression_system_id 
_entity_src_gen.plasmid_name 
_entity_src_gen.plasmid_details 
_entity_src_gen.pdbx_description 
1 1 sample 'Biological sequence' 1 199 'Mouse-ear cress' ? 'MYC3, ATR2, BHLH5, EN36, At5g46760, MZA15.18' ? ? ? ? ? ? 
'Arabidopsis thaliana' 3702 ? ? ? ? ? ? ? ? 'Escherichia coli' 562 ? ? ? ? ? ? ? ? ? ? ? ? ? ? ? ? ? ? ? ? ? 
2 1 sample 'Biological sequence' 1 27  'Mouse-ear cress' ? 'TIFY9, JAS1, JAZ10, At5g13220, T31B5.40'      ? ? ? ? ? ? 
'Arabidopsis thaliana' 3702 ? ? ? ? ? ? ? ? 'Escherichia coli' 562 ? ? ? ? ? ? ? ? ? ? ? ? ? ? ? ? ? ? ? ? ? 
# 
loop_
_struct_ref.id 
_struct_ref.db_name 
_struct_ref.db_code 
_struct_ref.pdbx_db_accession 
_struct_ref.pdbx_db_isoform 
_struct_ref.entity_id 
_struct_ref.pdbx_seq_one_letter_code 
_struct_ref.pdbx_align_begin 
1 UNP MYC3_ARATH Q9FIP9 ? 1 
;QPQFNEDTLQQRLQALIESAGENWTYAIFWQISHDFDSSTGDNTVILGWGDGYYKGEEDKEKKKNNTNTAEQEHRKRVIR
ELNSLISGGIGVSDESNDEEVTDTEWFFLVSMTQSFVNGVGLPGESFLNSRVIWLSGSGALTGSGCERAGQGQIYGLKTM
VCIATQNGVVELGSSEVISQSSDLMHKVNNLFNFNNGGG
;
44  
2 UNP TIF9_ARATH Q93ZM9 ? 2 DLPIARRKSLQRFLEKRKERLVSTSPY 166 
# 
loop_
_struct_ref_seq.align_id 
_struct_ref_seq.ref_id 
_struct_ref_seq.pdbx_PDB_id_code 
_struct_ref_seq.pdbx_strand_id 
_struct_ref_seq.seq_align_beg 
_struct_ref_seq.pdbx_seq_align_beg_ins_code 
_struct_ref_seq.seq_align_end 
_struct_ref_seq.pdbx_seq_align_end_ins_code 
_struct_ref_seq.pdbx_db_accession 
_struct_ref_seq.db_align_beg 
_struct_ref_seq.pdbx_db_align_beg_ins_code 
_struct_ref_seq.db_align_end 
_struct_ref_seq.pdbx_db_align_end_ins_code 
_struct_ref_seq.pdbx_auth_seq_align_beg 
_struct_ref_seq.pdbx_auth_seq_align_end 
1 1 5T0Q A 1 ? 199 ? Q9FIP9 44  ? 242 ? 44  242 
2 2 5T0Q B 1 ? 27  ? Q93ZM9 166 ? 192 ? 218 244 
# 
loop_
_chem_comp.id 
_chem_comp.type 
_chem_comp.mon_nstd_flag 
_chem_comp.name 
_chem_comp.pdbx_synonyms 
_chem_comp.formula 
_chem_comp.formula_weight 
ALA 'L-peptide linking' y ALANINE         ? 'C3 H7 N O2'     89.093  
ARG 'L-peptide linking' y ARGININE        ? 'C6 H15 N4 O2 1' 175.209 
ASN 'L-peptide linking' y ASPARAGINE      ? 'C4 H8 N2 O3'    132.118 
ASP 'L-peptide linking' y 'ASPARTIC ACID' ? 'C4 H7 N O4'     133.103 
CYS 'L-peptide linking' y CYSTEINE        ? 'C3 H7 N O2 S'   121.158 
GLN 'L-peptide linking' y GLUTAMINE       ? 'C5 H10 N2 O3'   146.144 
GLU 'L-peptide linking' y 'GLUTAMIC ACID' ? 'C5 H9 N O4'     147.129 
GLY 'peptide linking'   y GLYCINE         ? 'C2 H5 N O2'     75.067  
HIS 'L-peptide linking' y HISTIDINE       ? 'C6 H10 N3 O2 1' 156.162 
HOH non-polymer         . WATER           ? 'H2 O'           18.015  
ILE 'L-peptide linking' y ISOLEUCINE      ? 'C6 H13 N O2'    131.173 
LEU 'L-peptide linking' y LEUCINE         ? 'C6 H13 N O2'    131.173 
LYS 'L-peptide linking' y LYSINE          ? 'C6 H15 N2 O2 1' 147.195 
MET 'L-peptide linking' y METHIONINE      ? 'C5 H11 N O2 S'  149.211 
PHE 'L-peptide linking' y PHENYLALANINE   ? 'C9 H11 N O2'    165.189 
PRO 'L-peptide linking' y PROLINE         ? 'C5 H9 N O2'     115.130 
SER 'L-peptide linking' y SERINE          ? 'C3 H7 N O3'     105.093 
THR 'L-peptide linking' y THREONINE       ? 'C4 H9 N O3'     119.119 
TRP 'L-peptide linking' y TRYPTOPHAN      ? 'C11 H12 N2 O2'  204.225 
TYR 'L-peptide linking' y TYROSINE        ? 'C9 H11 N O3'    181.189 
VAL 'L-peptide linking' y VALINE          ? 'C5 H11 N O2'    117.146 
# 
_exptl.absorpt_coefficient_mu     ? 
_exptl.absorpt_correction_T_max   ? 
_exptl.absorpt_correction_T_min   ? 
_exptl.absorpt_correction_type    ? 
_exptl.absorpt_process_details    ? 
_exptl.entry_id                   5T0Q 
_exptl.crystals_number            1 
_exptl.details                    ? 
_exptl.method                     'X-RAY DIFFRACTION' 
_exptl.method_details             ? 
# 
_exptl_crystal.colour                      ? 
_exptl_crystal.density_diffrn              ? 
_exptl_crystal.density_Matthews            2.46 
_exptl_crystal.density_method              ? 
_exptl_crystal.density_percent_sol         50.00 
_exptl_crystal.description                 'Square-shaped crystals' 
_exptl_crystal.F_000                       ? 
_exptl_crystal.id                          1 
_exptl_crystal.preparation                 ? 
_exptl_crystal.size_max                    ? 
_exptl_crystal.size_mid                    ? 
_exptl_crystal.size_min                    ? 
_exptl_crystal.size_rad                    ? 
_exptl_crystal.colour_lustre               ? 
_exptl_crystal.colour_modifier             ? 
_exptl_crystal.colour_primary              ? 
_exptl_crystal.density_meas                ? 
_exptl_crystal.density_meas_esd            ? 
_exptl_crystal.density_meas_gt             ? 
_exptl_crystal.density_meas_lt             ? 
_exptl_crystal.density_meas_temp           ? 
_exptl_crystal.density_meas_temp_esd       ? 
_exptl_crystal.density_meas_temp_gt        ? 
_exptl_crystal.density_meas_temp_lt        ? 
_exptl_crystal.pdbx_crystal_image_url      ? 
_exptl_crystal.pdbx_crystal_image_format   ? 
_exptl_crystal.pdbx_mosaicity              ? 
_exptl_crystal.pdbx_mosaicity_esd          ? 
# 
_exptl_crystal_grow.apparatus       ? 
_exptl_crystal_grow.atmosphere      ? 
_exptl_crystal_grow.crystal_id      1 
_exptl_crystal_grow.details         ? 
_exptl_crystal_grow.method          'VAPOR DIFFUSION, SITTING DROP' 
_exptl_crystal_grow.method_ref      ? 
_exptl_crystal_grow.pH              7.0 
_exptl_crystal_grow.pressure        ? 
_exptl_crystal_grow.pressure_esd    ? 
_exptl_crystal_grow.seeding         ? 
_exptl_crystal_grow.seeding_ref     ? 
_exptl_crystal_grow.temp            293 
_exptl_crystal_grow.temp_details    ? 
_exptl_crystal_grow.temp_esd        ? 
_exptl_crystal_grow.time            ? 
_exptl_crystal_grow.pdbx_details    '20% w/v polyethylene glycol 3,350, 0.2 M magnesium formate dihydrate, pH 7.0.' 
_exptl_crystal_grow.pdbx_pH_range   ? 
# 
_diffrn.ambient_environment    ? 
_diffrn.ambient_temp           100 
_diffrn.ambient_temp_details   ? 
_diffrn.ambient_temp_esd       ? 
_diffrn.crystal_id             1 
_diffrn.crystal_support        ? 
_diffrn.crystal_treatment      ? 
_diffrn.details                ? 
_diffrn.id                     1 
_diffrn.ambient_pressure       ? 
_diffrn.ambient_pressure_esd   ? 
_diffrn.ambient_pressure_gt    ? 
_diffrn.ambient_pressure_lt    ? 
_diffrn.ambient_temp_gt        ? 
_diffrn.ambient_temp_lt        ? 
# 
_diffrn_detector.details                      ? 
_diffrn_detector.detector                     CCD 
_diffrn_detector.diffrn_id                    1 
_diffrn_detector.type                         'MARMOSAIC 300 mm CCD' 
_diffrn_detector.area_resol_mean              ? 
_diffrn_detector.dtime                        ? 
_diffrn_detector.pdbx_frames_total            ? 
_diffrn_detector.pdbx_collection_time_total   ? 
_diffrn_detector.pdbx_collection_date         2015-08-07 
# 
_diffrn_radiation.collimation                      ? 
_diffrn_radiation.diffrn_id                        1 
_diffrn_radiation.filter_edge                      ? 
_diffrn_radiation.inhomogeneity                    ? 
_diffrn_radiation.monochromator                    'Ni FILTER' 
_diffrn_radiation.polarisn_norm                    ? 
_diffrn_radiation.polarisn_ratio                   ? 
_diffrn_radiation.probe                            ? 
_diffrn_radiation.type                             ? 
_diffrn_radiation.xray_symbol                      ? 
_diffrn_radiation.wavelength_id                    1 
_diffrn_radiation.pdbx_monochromatic_or_laue_m_l   M 
_diffrn_radiation.pdbx_wavelength_list             ? 
_diffrn_radiation.pdbx_wavelength                  ? 
_diffrn_radiation.pdbx_diffrn_protocol             'SINGLE WAVELENGTH' 
_diffrn_radiation.pdbx_analyzer                    ? 
_diffrn_radiation.pdbx_scattering_type             x-ray 
# 
_diffrn_radiation_wavelength.id           1 
_diffrn_radiation_wavelength.wavelength   1.078 
_diffrn_radiation_wavelength.wt           1.0 
# 
_diffrn_source.current                     ? 
_diffrn_source.details                     ? 
_diffrn_source.diffrn_id                   1 
_diffrn_source.power                       ? 
_diffrn_source.size                        ? 
_diffrn_source.source                      SYNCHROTRON 
_diffrn_source.target                      ? 
_diffrn_source.type                        'APS BEAMLINE 21-ID-D' 
_diffrn_source.voltage                     ? 
_diffrn_source.take-off_angle              ? 
_diffrn_source.pdbx_wavelength_list        1.078 
_diffrn_source.pdbx_wavelength             ? 
_diffrn_source.pdbx_synchrotron_beamline   21-ID-D 
_diffrn_source.pdbx_synchrotron_site       APS 
# 
_reflns.B_iso_Wilson_estimate            ? 
_reflns.entry_id                         5T0Q 
_reflns.data_reduction_details           ? 
_reflns.data_reduction_method            ? 
_reflns.d_resolution_high                2.15 
_reflns.d_resolution_low                 50 
_reflns.details                          ? 
_reflns.limit_h_max                      ? 
_reflns.limit_h_min                      ? 
_reflns.limit_k_max                      ? 
_reflns.limit_k_min                      ? 
_reflns.limit_l_max                      ? 
_reflns.limit_l_min                      ? 
_reflns.number_all                       ? 
_reflns.number_obs                       13793 
_reflns.observed_criterion               ? 
_reflns.observed_criterion_F_max         ? 
_reflns.observed_criterion_F_min         ? 
_reflns.observed_criterion_I_max         ? 
_reflns.observed_criterion_I_min         ? 
_reflns.observed_criterion_sigma_F       ? 
_reflns.observed_criterion_sigma_I       ? 
_reflns.percent_possible_obs             100 
_reflns.R_free_details                   ? 
_reflns.Rmerge_F_all                     ? 
_reflns.Rmerge_F_obs                     ? 
_reflns.Friedel_coverage                 ? 
_reflns.number_gt                        ? 
_reflns.threshold_expression             ? 
_reflns.pdbx_redundancy                  11.6 
_reflns.pdbx_Rmerge_I_obs                0.102 
_reflns.pdbx_Rmerge_I_all                ? 
_reflns.pdbx_Rsym_value                  ? 
_reflns.pdbx_netI_over_av_sigmaI         ? 
_reflns.pdbx_netI_over_sigmaI            16.3 
_reflns.pdbx_res_netI_over_av_sigmaI_2   ? 
_reflns.pdbx_res_netI_over_sigmaI_2      ? 
_reflns.pdbx_chi_squared                 ? 
_reflns.pdbx_scaling_rejects             ? 
_reflns.pdbx_d_res_high_opt              ? 
_reflns.pdbx_d_res_low_opt               ? 
_reflns.pdbx_d_res_opt_method            ? 
_reflns.phase_calculation_details        ? 
_reflns.pdbx_Rrim_I_all                  ? 
_reflns.pdbx_Rpim_I_all                  ? 
_reflns.pdbx_d_opt                       ? 
_reflns.pdbx_number_measured_all         ? 
_reflns.pdbx_diffrn_id                   1 
_reflns.pdbx_ordinal                     1 
_reflns.pdbx_CC_half                     0.996 
_reflns.pdbx_R_split                     ? 
# 
_reflns_shell.d_res_high                  2.15 
_reflns_shell.d_res_low                   2.22 
_reflns_shell.meanI_over_sigI_all         ? 
_reflns_shell.meanI_over_sigI_obs         2.8 
_reflns_shell.number_measured_all         ? 
_reflns_shell.number_measured_obs         ? 
_reflns_shell.number_possible             ? 
_reflns_shell.number_unique_all           ? 
_reflns_shell.number_unique_obs           ? 
_reflns_shell.percent_possible_all        100 
_reflns_shell.percent_possible_obs        ? 
_reflns_shell.Rmerge_F_all                ? 
_reflns_shell.Rmerge_F_obs                ? 
_reflns_shell.Rmerge_I_all                ? 
_reflns_shell.Rmerge_I_obs                1.0 
_reflns_shell.meanI_over_sigI_gt          ? 
_reflns_shell.meanI_over_uI_all           ? 
_reflns_shell.meanI_over_uI_gt            ? 
_reflns_shell.number_measured_gt          ? 
_reflns_shell.number_unique_gt            ? 
_reflns_shell.percent_possible_gt         ? 
_reflns_shell.Rmerge_F_gt                 ? 
_reflns_shell.Rmerge_I_gt                 ? 
_reflns_shell.pdbx_redundancy             11.8 
_reflns_shell.pdbx_Rsym_value             ? 
_reflns_shell.pdbx_chi_squared            ? 
_reflns_shell.pdbx_netI_over_sigmaI_all   ? 
_reflns_shell.pdbx_netI_over_sigmaI_obs   ? 
_reflns_shell.pdbx_Rrim_I_all             ? 
_reflns_shell.pdbx_Rpim_I_all             ? 
_reflns_shell.pdbx_rejects                ? 
_reflns_shell.pdbx_ordinal                1 
_reflns_shell.pdbx_diffrn_id              1 
_reflns_shell.pdbx_CC_half                0.866 
_reflns_shell.pdbx_R_split                ? 
# 
_refine.aniso_B[1][1]                            ? 
_refine.aniso_B[1][2]                            ? 
_refine.aniso_B[1][3]                            ? 
_refine.aniso_B[2][2]                            ? 
_refine.aniso_B[2][3]                            ? 
_refine.aniso_B[3][3]                            ? 
_refine.B_iso_max                                ? 
_refine.B_iso_mean                               ? 
_refine.B_iso_min                                ? 
_refine.correlation_coeff_Fo_to_Fc               ? 
_refine.correlation_coeff_Fo_to_Fc_free          ? 
_refine.details                                  ? 
_refine.diff_density_max                         ? 
_refine.diff_density_max_esd                     ? 
_refine.diff_density_min                         ? 
_refine.diff_density_min_esd                     ? 
_refine.diff_density_rms                         ? 
_refine.diff_density_rms_esd                     ? 
_refine.entry_id                                 5T0Q 
_refine.pdbx_refine_id                           'X-RAY DIFFRACTION' 
_refine.ls_abs_structure_details                 ? 
_refine.ls_abs_structure_Flack                   ? 
_refine.ls_abs_structure_Flack_esd               ? 
_refine.ls_abs_structure_Rogers                  ? 
_refine.ls_abs_structure_Rogers_esd              ? 
_refine.ls_d_res_high                            2.150 
_refine.ls_d_res_low                             28.182 
_refine.ls_extinction_coef                       ? 
_refine.ls_extinction_coef_esd                   ? 
_refine.ls_extinction_expression                 ? 
_refine.ls_extinction_method                     ? 
_refine.ls_goodness_of_fit_all                   ? 
_refine.ls_goodness_of_fit_all_esd               ? 
_refine.ls_goodness_of_fit_obs                   ? 
_refine.ls_goodness_of_fit_obs_esd               ? 
_refine.ls_hydrogen_treatment                    ? 
_refine.ls_matrix_type                           ? 
_refine.ls_number_constraints                    ? 
_refine.ls_number_parameters                     ? 
_refine.ls_number_reflns_all                     ? 
_refine.ls_number_reflns_obs                     13759 
_refine.ls_number_reflns_R_free                  667 
_refine.ls_number_reflns_R_work                  ? 
_refine.ls_number_restraints                     ? 
_refine.ls_percent_reflns_obs                    99.95 
_refine.ls_percent_reflns_R_free                 4.85 
_refine.ls_R_factor_all                          ? 
_refine.ls_R_factor_obs                          0.1975 
_refine.ls_R_factor_R_free                       0.2421 
_refine.ls_R_factor_R_free_error                 ? 
_refine.ls_R_factor_R_free_error_details         ? 
_refine.ls_R_factor_R_work                       0.1952 
_refine.ls_R_Fsqd_factor_obs                     ? 
_refine.ls_R_I_factor_obs                        ? 
_refine.ls_redundancy_reflns_all                 ? 
_refine.ls_redundancy_reflns_obs                 ? 
_refine.ls_restrained_S_all                      ? 
_refine.ls_restrained_S_obs                      ? 
_refine.ls_shift_over_esd_max                    ? 
_refine.ls_shift_over_esd_mean                   ? 
_refine.ls_structure_factor_coef                 ? 
_refine.ls_weighting_details                     ? 
_refine.ls_weighting_scheme                      ? 
_refine.ls_wR_factor_all                         ? 
_refine.ls_wR_factor_obs                         ? 
_refine.ls_wR_factor_R_free                      ? 
_refine.ls_wR_factor_R_work                      ? 
_refine.occupancy_max                            ? 
_refine.occupancy_min                            ? 
_refine.solvent_model_details                    ? 
_refine.solvent_model_param_bsol                 ? 
_refine.solvent_model_param_ksol                 ? 
_refine.ls_R_factor_gt                           ? 
_refine.ls_goodness_of_fit_gt                    ? 
_refine.ls_goodness_of_fit_ref                   ? 
_refine.ls_shift_over_su_max                     ? 
_refine.ls_shift_over_su_max_lt                  ? 
_refine.ls_shift_over_su_mean                    ? 
_refine.ls_shift_over_su_mean_lt                 ? 
_refine.pdbx_ls_sigma_I                          ? 
_refine.pdbx_ls_sigma_F                          1.89 
_refine.pdbx_ls_sigma_Fsqd                       ? 
_refine.pdbx_data_cutoff_high_absF               ? 
_refine.pdbx_data_cutoff_high_rms_absF           ? 
_refine.pdbx_data_cutoff_low_absF                ? 
_refine.pdbx_isotropic_thermal_model             ? 
_refine.pdbx_ls_cross_valid_method               'FREE R-VALUE' 
_refine.pdbx_method_to_determine_struct          'MOLECULAR REPLACEMENT' 
_refine.pdbx_starting_model                      4RQW 
_refine.pdbx_stereochemistry_target_values       ? 
_refine.pdbx_R_Free_selection_details            ? 
_refine.pdbx_stereochem_target_val_spec_case     ? 
_refine.pdbx_overall_ESU_R                       ? 
_refine.pdbx_overall_ESU_R_Free                  ? 
_refine.pdbx_solvent_vdw_probe_radii             1.11 
_refine.pdbx_solvent_ion_probe_radii             ? 
_refine.pdbx_solvent_shrinkage_radii             0.90 
_refine.pdbx_real_space_R                        ? 
_refine.pdbx_density_correlation                 ? 
_refine.pdbx_pd_number_of_powder_patterns        ? 
_refine.pdbx_pd_number_of_points                 ? 
_refine.pdbx_pd_meas_number_of_points            ? 
_refine.pdbx_pd_proc_ls_prof_R_factor            ? 
_refine.pdbx_pd_proc_ls_prof_wR_factor           ? 
_refine.pdbx_pd_Marquardt_correlation_coeff      ? 
_refine.pdbx_pd_Fsqrd_R_factor                   ? 
_refine.pdbx_pd_ls_matrix_band_width             ? 
_refine.pdbx_overall_phase_error                 27.30 
_refine.pdbx_overall_SU_R_free_Cruickshank_DPI   ? 
_refine.pdbx_overall_SU_R_free_Blow_DPI          ? 
_refine.pdbx_overall_SU_R_Blow_DPI               ? 
_refine.pdbx_TLS_residual_ADP_flag               ? 
_refine.pdbx_diffrn_id                           1 
_refine.overall_SU_B                             ? 
_refine.overall_SU_ML                            0.28 
_refine.overall_SU_R_Cruickshank_DPI             ? 
_refine.overall_SU_R_free                        ? 
_refine.overall_FOM_free_R_set                   ? 
_refine.overall_FOM_work_R_set                   ? 
_refine.pdbx_average_fsc_overall                 ? 
_refine.pdbx_average_fsc_work                    ? 
_refine.pdbx_average_fsc_free                    ? 
# 
_refine_hist.pdbx_refine_id                   'X-RAY DIFFRACTION' 
_refine_hist.cycle_id                         LAST 
_refine_hist.pdbx_number_atoms_protein        1489 
_refine_hist.pdbx_number_atoms_nucleic_acid   0 
_refine_hist.pdbx_number_atoms_ligand         0 
_refine_hist.number_atoms_solvent             107 
_refine_hist.number_atoms_total               1596 
_refine_hist.d_res_high                       2.150 
_refine_hist.d_res_low                        28.182 
# 
loop_
_refine_ls_restr.pdbx_refine_id 
_refine_ls_restr.criterion 
_refine_ls_restr.dev_ideal 
_refine_ls_restr.dev_ideal_target 
_refine_ls_restr.number 
_refine_ls_restr.rejects 
_refine_ls_restr.type 
_refine_ls_restr.weight 
_refine_ls_restr.pdbx_restraint_function 
'X-RAY DIFFRACTION' ? 0.008  ? 1515 ? f_bond_d           ? ? 
'X-RAY DIFFRACTION' ? 1.067  ? 2039 ? f_angle_d          ? ? 
'X-RAY DIFFRACTION' ? 15.248 ? 547  ? f_dihedral_angle_d ? ? 
'X-RAY DIFFRACTION' ? 0.044  ? 220  ? f_chiral_restr     ? ? 
'X-RAY DIFFRACTION' ? 0.005  ? 264  ? f_plane_restr      ? ? 
# 
loop_
_refine_ls_shell.pdbx_refine_id 
_refine_ls_shell.d_res_high 
_refine_ls_shell.d_res_low 
_refine_ls_shell.number_reflns_all 
_refine_ls_shell.number_reflns_obs 
_refine_ls_shell.number_reflns_R_free 
_refine_ls_shell.number_reflns_R_work 
_refine_ls_shell.percent_reflns_obs 
_refine_ls_shell.percent_reflns_R_free 
_refine_ls_shell.R_factor_all 
_refine_ls_shell.R_factor_obs 
_refine_ls_shell.R_factor_R_free 
_refine_ls_shell.R_factor_R_free_error 
_refine_ls_shell.R_factor_R_work 
_refine_ls_shell.redundancy_reflns_all 
_refine_ls_shell.redundancy_reflns_obs 
_refine_ls_shell.wR_factor_all 
_refine_ls_shell.wR_factor_obs 
_refine_ls_shell.wR_factor_R_free 
_refine_ls_shell.wR_factor_R_work 
_refine_ls_shell.pdbx_total_number_of_bins_used 
_refine_ls_shell.pdbx_phase_error 
_refine_ls_shell.pdbx_fsc_work 
_refine_ls_shell.pdbx_fsc_free 
'X-RAY DIFFRACTION' 2.1502 2.3162  . . 122 2581 100.00 . . . 0.3350 . 0.2811 . . . . . . . . . . 
'X-RAY DIFFRACTION' 2.3162 2.5491  . . 135 2584 100.00 . . . 0.2574 . 0.2453 . . . . . . . . . . 
'X-RAY DIFFRACTION' 2.5491 2.9176  . . 117 2599 100.00 . . . 0.2710 . 0.2111 . . . . . . . . . . 
'X-RAY DIFFRACTION' 2.9176 3.6746  . . 154 2613 100.00 . . . 0.2483 . 0.1835 . . . . . . . . . . 
'X-RAY DIFFRACTION' 3.6746 28.1846 . . 139 2715 100.00 . . . 0.2135 . 0.1727 . . . . . . . . . . 
# 
_struct.entry_id                     5T0Q 
_struct.title                        
'Crystal structure of the Myc3 N-terminal domain [44-242] in complex with JAZ10 Jas domain [166-192] from arabidopsis' 
_struct.pdbx_model_details           ? 
_struct.pdbx_formula_weight          ? 
_struct.pdbx_formula_weight_method   ? 
_struct.pdbx_model_type_details      ? 
_struct.pdbx_CASP_flag               N 
# 
_struct_keywords.entry_id        5T0Q 
_struct_keywords.text            
'transcriptional repression, jasmonate signaling, MYC3, JAZ10 CMID, alternative splicing, desensitization, TRANSCRIPTION' 
_struct_keywords.pdbx_keywords   TRANSCRIPTION 
# 
loop_
_struct_asym.id 
_struct_asym.pdbx_blank_PDB_chainid_flag 
_struct_asym.pdbx_modified 
_struct_asym.entity_id 
_struct_asym.details 
A N N 1 ? 
B N N 2 ? 
C N N 3 ? 
D N N 3 ? 
# 
_struct_biol.id        1 
_struct_biol.details   'heterodimer according to size exclusion column' 
# 
loop_
_struct_conf.conf_type_id 
_struct_conf.id 
_struct_conf.pdbx_PDB_helix_id 
_struct_conf.beg_label_comp_id 
_struct_conf.beg_label_asym_id 
_struct_conf.beg_label_seq_id 
_struct_conf.pdbx_beg_PDB_ins_code 
_struct_conf.end_label_comp_id 
_struct_conf.end_label_asym_id 
_struct_conf.end_label_seq_id 
_struct_conf.pdbx_end_PDB_ins_code 
_struct_conf.beg_auth_comp_id 
_struct_conf.beg_auth_asym_id 
_struct_conf.beg_auth_seq_id 
_struct_conf.end_auth_comp_id 
_struct_conf.end_auth_asym_id 
_struct_conf.end_auth_seq_id 
_struct_conf.pdbx_PDB_helix_class 
_struct_conf.details 
_struct_conf.pdbx_PDB_helix_length 
HELX_P HELX_P1 AA1 ASN A 5   ? ASP A 7   ? ASN A 48  ASP A 50  5 ? 3  
HELX_P HELX_P2 AA2 THR A 8   ? SER A 19  ? THR A 51  SER A 62  1 ? 12 
HELX_P HELX_P3 AA3 THR A 69  ? LEU A 85  ? THR A 112 LEU A 128 1 ? 17 
HELX_P HELX_P4 AA4 THR A 102 ? MET A 112 ? THR A 145 MET A 155 1 ? 11 
HELX_P HELX_P5 AA5 VAL A 120 ? ASN A 129 ? VAL A 163 ASN A 172 1 ? 10 
HELX_P HELX_P6 AA6 GLY A 137 ? GLY A 143 ? GLY A 180 GLY A 186 1 ? 7  
HELX_P HELX_P7 AA7 CYS A 146 ? TYR A 155 ? CYS A 189 TYR A 198 1 ? 10 
HELX_P HELX_P8 AA8 SER A 181 ? PHE A 192 ? SER A 224 PHE A 235 1 ? 12 
HELX_P HELX_P9 AA9 ILE B 4   ? LYS B 18  ? ILE B 221 LYS B 235 1 ? 15 
# 
_struct_conf_type.id          HELX_P 
_struct_conf_type.criteria    ? 
_struct_conf_type.reference   ? 
# 
_struct_sheet.id               AA1 
_struct_sheet.type             ? 
_struct_sheet.number_strands   6 
_struct_sheet.details          ? 
# 
loop_
_struct_sheet_order.sheet_id 
_struct_sheet_order.range_id_1 
_struct_sheet_order.range_id_2 
_struct_sheet_order.offset 
_struct_sheet_order.sense 
AA1 1 2 ? anti-parallel 
AA1 2 3 ? anti-parallel 
AA1 3 4 ? anti-parallel 
AA1 4 5 ? anti-parallel 
AA1 5 6 ? anti-parallel 
# 
loop_
_struct_sheet_range.sheet_id 
_struct_sheet_range.id 
_struct_sheet_range.beg_label_comp_id 
_struct_sheet_range.beg_label_asym_id 
_struct_sheet_range.beg_label_seq_id 
_struct_sheet_range.pdbx_beg_PDB_ins_code 
_struct_sheet_range.end_label_comp_id 
_struct_sheet_range.end_label_asym_id 
_struct_sheet_range.end_label_seq_id 
_struct_sheet_range.pdbx_end_PDB_ins_code 
_struct_sheet_range.beg_auth_comp_id 
_struct_sheet_range.beg_auth_asym_id 
_struct_sheet_range.beg_auth_seq_id 
_struct_sheet_range.end_auth_comp_id 
_struct_sheet_range.end_auth_asym_id 
_struct_sheet_range.end_auth_seq_id 
AA1 1 SER A 115 ? VAL A 117 ? SER A 158 VAL A 160 
AA1 2 ASN A 43  ? TYR A 54  ? ASN A 86  TYR A 97  
AA1 3 TYR A 26  ? PHE A 36  ? TYR A 69  PHE A 79  
AA1 4 GLY A 168 ? SER A 174 ? GLY A 211 SER A 217 
AA1 5 THR A 159 ? THR A 165 ? THR A 202 THR A 208 
AA1 6 VAL A 132 ? SER A 136 ? VAL A 175 SER A 179 
# 
loop_
_pdbx_struct_sheet_hbond.sheet_id 
_pdbx_struct_sheet_hbond.range_id_1 
_pdbx_struct_sheet_hbond.range_id_2 
_pdbx_struct_sheet_hbond.range_1_label_atom_id 
_pdbx_struct_sheet_hbond.range_1_label_comp_id 
_pdbx_struct_sheet_hbond.range_1_label_asym_id 
_pdbx_struct_sheet_hbond.range_1_label_seq_id 
_pdbx_struct_sheet_hbond.range_1_PDB_ins_code 
_pdbx_struct_sheet_hbond.range_1_auth_atom_id 
_pdbx_struct_sheet_hbond.range_1_auth_comp_id 
_pdbx_struct_sheet_hbond.range_1_auth_asym_id 
_pdbx_struct_sheet_hbond.range_1_auth_seq_id 
_pdbx_struct_sheet_hbond.range_2_label_atom_id 
_pdbx_struct_sheet_hbond.range_2_label_comp_id 
_pdbx_struct_sheet_hbond.range_2_label_asym_id 
_pdbx_struct_sheet_hbond.range_2_label_seq_id 
_pdbx_struct_sheet_hbond.range_2_PDB_ins_code 
_pdbx_struct_sheet_hbond.range_2_auth_atom_id 
_pdbx_struct_sheet_hbond.range_2_auth_comp_id 
_pdbx_struct_sheet_hbond.range_2_auth_asym_id 
_pdbx_struct_sheet_hbond.range_2_auth_seq_id 
AA1 1 2 O PHE A 116 ? O PHE A 159 N LEU A 47  ? N LEU A 90  
AA1 2 3 O ASP A 51  ? O ASP A 94  N PHE A 29  ? N PHE A 72  
AA1 3 4 N TRP A 30  ? N TRP A 73  O VAL A 169 ? O VAL A 212 
AA1 4 5 O GLY A 168 ? O GLY A 211 N THR A 165 ? N THR A 208 
AA1 5 6 O MET A 160 ? O MET A 203 N LEU A 135 ? N LEU A 178 
# 
_atom_sites.entry_id                    5T0Q 
_atom_sites.fract_transf_matrix[1][1]   0.00126314 
_atom_sites.fract_transf_matrix[1][2]   0.01217295 
_atom_sites.fract_transf_matrix[1][3]   0.00548656 
_atom_sites.fract_transf_matrix[2][1]   0.01144859 
_atom_sites.fract_transf_matrix[2][2]   0.00683915 
_atom_sites.fract_transf_matrix[2][3]   -0.00141796 
_atom_sites.fract_transf_matrix[3][1]   -0.00607740 
_atom_sites.fract_transf_matrix[3][2]   0.00716681 
_atom_sites.fract_transf_matrix[3][3]   -0.01450174 
_atom_sites.fract_transf_vector[1]      -0.190925 
_atom_sites.fract_transf_vector[2]      -0.384207 
_atom_sites.fract_transf_vector[3]      -0.167916 
# 
loop_
_atom_type.symbol 
C 
N 
O 
S 
# 
loop_
_atom_site.group_PDB 
_atom_site.id 
_atom_site.type_symbol 
_atom_site.label_atom_id 
_atom_site.label_alt_id 
_atom_site.label_comp_id 
_atom_site.label_asym_id 
_atom_site.label_entity_id 
_atom_site.label_seq_id 
_atom_site.pdbx_PDB_ins_code 
_atom_site.Cartn_x 
_atom_site.Cartn_y 
_atom_site.Cartn_z 
_atom_site.occupancy 
_atom_site.B_iso_or_equiv 
_atom_site.pdbx_formal_charge 
_atom_site.auth_seq_id 
_atom_site.auth_comp_id 
_atom_site.auth_asym_id 
_atom_site.auth_atom_id 
_atom_site.pdbx_PDB_model_num 
ATOM   1    N N   . PRO A 1 2   ? -8.588  -16.698 -14.236 1.00 70.08 ? 45  PRO A N   1 
ATOM   2    C CA  . PRO A 1 2   ? -8.101  -15.532 -14.980 1.00 69.16 ? 45  PRO A CA  1 
ATOM   3    C C   . PRO A 1 2   ? -9.095  -14.381 -15.014 1.00 72.50 ? 45  PRO A C   1 
ATOM   4    O O   . PRO A 1 2   ? -9.254  -13.747 -16.064 1.00 79.92 ? 45  PRO A O   1 
ATOM   5    C CB  . PRO A 1 2   ? -7.855  -16.086 -16.393 1.00 65.76 ? 45  PRO A CB  1 
ATOM   6    C CG  . PRO A 1 2   ? -7.924  -17.622 -16.258 1.00 79.92 ? 45  PRO A CG  1 
ATOM   7    C CD  . PRO A 1 2   ? -8.017  -17.941 -14.778 1.00 74.83 ? 45  PRO A CD  1 
ATOM   8    N N   . GLN A 1 3   ? -9.753  -14.138 -13.883 1.00 58.97 ? 46  GLN A N   1 
ATOM   9    C CA  . GLN A 1 3   ? -10.466 -12.884 -13.623 1.00 58.93 ? 46  GLN A CA  1 
ATOM   10   C C   . GLN A 1 3   ? -10.723 -12.789 -12.129 1.00 54.06 ? 46  GLN A C   1 
ATOM   11   O O   . GLN A 1 3   ? -11.707 -13.326 -11.617 1.00 53.52 ? 46  GLN A O   1 
ATOM   12   C CB  . GLN A 1 3   ? -11.781 -12.790 -14.393 1.00 59.97 ? 46  GLN A CB  1 
ATOM   13   C CG  . GLN A 1 3   ? -12.683 -11.616 -13.960 1.00 58.26 ? 46  GLN A CG  1 
ATOM   14   C CD  . GLN A 1 3   ? -12.091 -10.221 -14.234 1.00 65.53 ? 46  GLN A CD  1 
ATOM   15   O OE1 . GLN A 1 3   ? -11.124 -10.065 -14.992 1.00 63.80 ? 46  GLN A OE1 1 
ATOM   16   N NE2 . GLN A 1 3   ? -12.683 -9.200  -13.611 1.00 58.16 ? 46  GLN A NE2 1 
ATOM   17   N N   . PHE A 1 4   ? -9.826  -12.107 -11.428 1.00 46.70 ? 47  PHE A N   1 
ATOM   18   C CA  . PHE A 1 4   ? -9.788  -12.202 -9.980  1.00 48.86 ? 47  PHE A CA  1 
ATOM   19   C C   . PHE A 1 4   ? -10.858 -11.349 -9.312  1.00 52.68 ? 47  PHE A C   1 
ATOM   20   O O   . PHE A 1 4   ? -11.309 -10.333 -9.867  1.00 45.98 ? 47  PHE A O   1 
ATOM   21   C CB  . PHE A 1 4   ? -8.395  -11.824 -9.479  1.00 45.34 ? 47  PHE A CB  1 
ATOM   22   C CG  . PHE A 1 4   ? -7.298  -12.696 -10.036 1.00 49.73 ? 47  PHE A CG  1 
ATOM   23   C CD1 . PHE A 1 4   ? -7.413  -14.076 -10.017 1.00 46.50 ? 47  PHE A CD1 1 
ATOM   24   C CD2 . PHE A 1 4   ? -6.161  -12.139 -10.597 1.00 45.29 ? 47  PHE A CD2 1 
ATOM   25   C CE1 . PHE A 1 4   ? -6.408  -14.874 -10.540 1.00 48.64 ? 47  PHE A CE1 1 
ATOM   26   C CE2 . PHE A 1 4   ? -5.162  -12.937 -11.111 1.00 42.39 ? 47  PHE A CE2 1 
ATOM   27   C CZ  . PHE A 1 4   ? -5.289  -14.303 -11.090 1.00 44.19 ? 47  PHE A CZ  1 
ATOM   28   N N   . ASN A 1 5   ? -11.272 -11.798 -8.126  1.00 45.22 ? 48  ASN A N   1 
ATOM   29   C CA  . ASN A 1 5   ? -12.287 -11.121 -7.333  1.00 50.35 ? 48  ASN A CA  1 
ATOM   30   C C   . ASN A 1 5   ? -11.753 -10.837 -5.942  1.00 45.61 ? 48  ASN A C   1 
ATOM   31   O O   . ASN A 1 5   ? -10.682 -11.313 -5.571  1.00 43.43 ? 48  ASN A O   1 
ATOM   32   C CB  . ASN A 1 5   ? -13.573 -11.964 -7.242  1.00 58.83 ? 48  ASN A CB  1 
ATOM   33   C CG  . ASN A 1 5   ? -14.165 -12.290 -8.611  1.00 61.79 ? 48  ASN A CG  1 
ATOM   34   O OD1 . ASN A 1 5   ? -14.161 -13.445 -9.044  1.00 65.57 ? 48  ASN A OD1 1 
ATOM   35   N ND2 . ASN A 1 5   ? -14.683 -11.269 -9.292  1.00 61.75 ? 48  ASN A ND2 1 
ATOM   36   N N   . GLU A 1 6   ? -12.529 -10.101 -5.163  1.00 42.93 ? 49  GLU A N   1 
ATOM   37   C CA  . GLU A 1 6   ? -12.116 -9.674  -3.839  1.00 49.56 ? 49  GLU A CA  1 
ATOM   38   C C   . GLU A 1 6   ? -11.758 -10.823 -2.883  1.00 47.60 ? 49  GLU A C   1 
ATOM   39   O O   . GLU A 1 6   ? -10.915 -10.653 -1.998  1.00 42.38 ? 49  GLU A O   1 
ATOM   40   C CB  . GLU A 1 6   ? -13.221 -8.819  -3.223  1.00 58.57 ? 49  GLU A CB  1 
ATOM   41   C CG  . GLU A 1 6   ? -12.781 -7.994  -2.033  1.00 62.91 ? 49  GLU A CG  1 
ATOM   42   C CD  . GLU A 1 6   ? -13.924 -7.171  -1.455  1.00 78.29 ? 49  GLU A CD  1 
ATOM   43   O OE1 . GLU A 1 6   ? -15.066 -7.274  -1.970  1.00 76.39 ? 49  GLU A OE1 1 
ATOM   44   O OE2 . GLU A 1 6   ? -13.670 -6.413  -0.490  1.00 84.56 ? 49  GLU A OE2 1 
ATOM   45   N N   . ASP A 1 7   ? -12.375 -11.987 -3.067  1.00 48.75 ? 50  ASP A N   1 
ATOM   46   C CA  . ASP A 1 7   ? -12.162 -13.100 -2.143  1.00 47.39 ? 50  ASP A CA  1 
ATOM   47   C C   . ASP A 1 7   ? -10.735 -13.661 -2.172  1.00 48.28 ? 50  ASP A C   1 
ATOM   48   O O   . ASP A 1 7   ? -10.294 -14.269 -1.190  1.00 45.00 ? 50  ASP A O   1 
ATOM   49   C CB  . ASP A 1 7   ? -13.170 -14.239 -2.395  1.00 55.05 ? 50  ASP A CB  1 
ATOM   50   C CG  . ASP A 1 7   ? -13.400 -14.532 -3.875  1.00 64.16 ? 50  ASP A CG  1 
ATOM   51   O OD1 . ASP A 1 7   ? -12.490 -14.296 -4.703  1.00 62.87 ? 50  ASP A OD1 1 
ATOM   52   O OD2 . ASP A 1 7   ? -14.503 -15.031 -4.208  1.00 73.90 ? 50  ASP A OD2 1 
ATOM   53   N N   . THR A 1 8   ? -10.001 -13.450 -3.266  1.00 45.31 ? 51  THR A N   1 
ATOM   54   C CA  . THR A 1 8   ? -8.619  -13.944 -3.323  1.00 43.28 ? 51  THR A CA  1 
ATOM   55   C C   . THR A 1 8   ? -7.573  -12.841 -3.112  1.00 40.88 ? 51  THR A C   1 
ATOM   56   O O   . THR A 1 8   ? -6.373  -13.114 -3.130  1.00 37.54 ? 51  THR A O   1 
ATOM   57   C CB  . THR A 1 8   ? -8.325  -14.650 -4.665  1.00 43.93 ? 51  THR A CB  1 
ATOM   58   O OG1 . THR A 1 8   ? -8.652  -13.774 -5.750  1.00 44.60 ? 51  THR A OG1 1 
ATOM   59   C CG2 . THR A 1 8   ? -9.159  -15.925 -4.790  1.00 48.04 ? 51  THR A CG2 1 
ATOM   60   N N   . LEU A 1 9   ? -8.031  -11.605 -2.900  1.00 42.45 ? 52  LEU A N   1 
ATOM   61   C CA  . LEU A 1 9   ? -7.144  -10.442 -2.916  1.00 39.69 ? 52  LEU A CA  1 
ATOM   62   C C   . LEU A 1 9   ? -6.005  -10.553 -1.897  1.00 39.93 ? 52  LEU A C   1 
ATOM   63   O O   . LEU A 1 9   ? -4.851  -10.268 -2.218  1.00 40.99 ? 52  LEU A O   1 
ATOM   64   C CB  . LEU A 1 9   ? -7.943  -9.165  -2.682  1.00 39.99 ? 52  LEU A CB  1 
ATOM   65   C CG  . LEU A 1 9   ? -7.138  -7.866  -2.556  1.00 38.37 ? 52  LEU A CG  1 
ATOM   66   C CD1 . LEU A 1 9   ? -6.096  -7.710  -3.669  1.00 32.46 ? 52  LEU A CD1 1 
ATOM   67   C CD2 . LEU A 1 9   ? -8.079  -6.659  -2.510  1.00 32.95 ? 52  LEU A CD2 1 
ATOM   68   N N   . GLN A 1 10  ? -6.309  -10.995 -0.686  1.00 38.17 ? 53  GLN A N   1 
ATOM   69   C CA  . GLN A 1 10  ? -5.258  -11.149 0.319   1.00 37.04 ? 53  GLN A CA  1 
ATOM   70   C C   . GLN A 1 10  ? -4.258  -12.220 -0.098  1.00 39.18 ? 53  GLN A C   1 
ATOM   71   O O   . GLN A 1 10  ? -3.050  -12.060 0.096   1.00 40.23 ? 53  GLN A O   1 
ATOM   72   C CB  . GLN A 1 10  ? -5.858  -11.479 1.694   1.00 35.13 ? 53  GLN A CB  1 
ATOM   73   C CG  . GLN A 1 10  ? -4.838  -11.894 2.772   1.00 39.29 ? 53  GLN A CG  1 
ATOM   74   C CD  . GLN A 1 10  ? -3.858  -10.786 3.176   1.00 42.50 ? 53  GLN A CD  1 
ATOM   75   O OE1 . GLN A 1 10  ? -2.762  -11.073 3.659   1.00 47.80 ? 53  GLN A OE1 1 
ATOM   76   N NE2 . GLN A 1 10  ? -4.259  -9.520  2.999   1.00 41.17 ? 53  GLN A NE2 1 
ATOM   77   N N   . GLN A 1 11  ? -4.759  -13.313 -0.668  1.00 40.03 ? 54  GLN A N   1 
ATOM   78   C CA  . GLN A 1 11  ? -3.894  -14.398 -1.119  1.00 41.30 ? 54  GLN A CA  1 
ATOM   79   C C   . GLN A 1 11  ? -2.943  -13.950 -2.221  1.00 38.31 ? 54  GLN A C   1 
ATOM   80   O O   . GLN A 1 11  ? -1.771  -14.342 -2.257  1.00 36.50 ? 54  GLN A O   1 
ATOM   81   C CB  . GLN A 1 11  ? -4.734  -15.579 -1.615  1.00 42.60 ? 54  GLN A CB  1 
ATOM   82   C CG  . GLN A 1 11  ? -5.360  -16.404 -0.503  1.00 49.83 ? 54  GLN A CG  1 
ATOM   83   C CD  . GLN A 1 11  ? -6.582  -17.165 -0.979  1.00 57.53 ? 54  GLN A CD  1 
ATOM   84   O OE1 . GLN A 1 11  ? -7.670  -16.590 -1.115  1.00 55.59 ? 54  GLN A OE1 1 
ATOM   85   N NE2 . GLN A 1 11  ? -6.408  -18.462 -1.258  1.00 51.17 ? 54  GLN A NE2 1 
ATOM   86   N N   . ARG A 1 12  ? -3.453  -13.123 -3.125  1.00 37.86 ? 55  ARG A N   1 
ATOM   87   C CA  . ARG A 1 12  ? -2.653  -12.656 -4.240  1.00 37.27 ? 55  ARG A CA  1 
ATOM   88   C C   . ARG A 1 12  ? -1.596  -11.642 -3.787  1.00 38.25 ? 55  ARG A C   1 
ATOM   89   O O   . ARG A 1 12  ? -0.473  -11.630 -4.312  1.00 34.71 ? 55  ARG A O   1 
ATOM   90   C CB  . ARG A 1 12  ? -3.568  -12.078 -5.319  1.00 39.99 ? 55  ARG A CB  1 
ATOM   91   C CG  . ARG A 1 12  ? -4.534  -13.136 -5.879  1.00 40.69 ? 55  ARG A CG  1 
ATOM   92   C CD  . ARG A 1 12  ? -5.425  -12.591 -6.988  1.00 40.35 ? 55  ARG A CD  1 
ATOM   93   N NE  . ARG A 1 12  ? -6.634  -11.941 -6.482  1.00 40.96 ? 55  ARG A NE  1 
ATOM   94   C CZ  . ARG A 1 12  ? -6.904  -10.645 -6.592  1.00 39.33 ? 55  ARG A CZ  1 
ATOM   95   N NH1 . ARG A 1 12  ? -6.037  -9.831  -7.178  1.00 33.97 ? 55  ARG A NH1 1 
ATOM   96   N NH2 . ARG A 1 12  ? -8.043  -10.159 -6.106  1.00 35.30 ? 55  ARG A NH2 1 
ATOM   97   N N   . LEU A 1 13  ? -1.938  -10.822 -2.792  1.00 36.56 ? 56  LEU A N   1 
ATOM   98   C CA  . LEU A 1 13  ? -0.979  -9.875  -2.225  1.00 33.52 ? 56  LEU A CA  1 
ATOM   99   C C   . LEU A 1 13  ? 0.145   -10.622 -1.523  1.00 37.06 ? 56  LEU A C   1 
ATOM   100  O O   . LEU A 1 13  ? 1.316   -10.271 -1.629  1.00 38.30 ? 56  LEU A O   1 
ATOM   101  C CB  . LEU A 1 13  ? -1.673  -8.908  -1.251  1.00 35.73 ? 56  LEU A CB  1 
ATOM   102  C CG  . LEU A 1 13  ? -2.526  -7.782  -1.855  1.00 36.72 ? 56  LEU A CG  1 
ATOM   103  C CD1 . LEU A 1 13  ? -3.413  -7.121  -0.811  1.00 38.72 ? 56  LEU A CD1 1 
ATOM   104  C CD2 . LEU A 1 13  ? -1.629  -6.749  -2.497  1.00 33.01 ? 56  LEU A CD2 1 
ATOM   105  N N   . GLN A 1 14  ? -0.211  -11.670 -0.802  1.00 38.91 ? 57  GLN A N   1 
ATOM   106  C CA  . GLN A 1 14  ? 0.794   -12.477 -0.116  1.00 39.56 ? 57  GLN A CA  1 
ATOM   107  C C   . GLN A 1 14  ? 1.690   -13.198 -1.120  1.00 38.75 ? 57  GLN A C   1 
ATOM   108  O O   . GLN A 1 14  ? 2.913   -13.224 -0.980  1.00 39.09 ? 57  GLN A O   1 
ATOM   109  C CB  . GLN A 1 14  ? 0.119   -13.487 0.802   1.00 41.28 ? 57  GLN A CB  1 
ATOM   110  C CG  . GLN A 1 14  ? 1.078   -14.508 1.393   1.00 50.00 ? 57  GLN A CG  1 
ATOM   111  C CD  . GLN A 1 14  ? 0.374   -15.510 2.282   1.00 56.06 ? 57  GLN A CD  1 
ATOM   112  O OE1 . GLN A 1 14  ? -0.550  -15.159 3.016   1.00 60.30 ? 57  GLN A OE1 1 
ATOM   113  N NE2 . GLN A 1 14  ? 0.794   -16.768 2.208   1.00 59.92 ? 57  GLN A NE2 1 
ATOM   114  N N   . ALA A 1 15  ? 1.066   -13.778 -2.140  1.00 40.41 ? 58  ALA A N   1 
ATOM   115  C CA  . ALA A 1 15  ? 1.804   -14.470 -3.183  1.00 42.61 ? 58  ALA A CA  1 
ATOM   116  C C   . ALA A 1 15  ? 2.812   -13.519 -3.827  1.00 38.69 ? 58  ALA A C   1 
ATOM   117  O O   . ALA A 1 15  ? 3.921   -13.915 -4.160  1.00 38.50 ? 58  ALA A O   1 
ATOM   118  C CB  . ALA A 1 15  ? 0.845   -15.040 -4.232  1.00 33.38 ? 58  ALA A CB  1 
ATOM   119  N N   . LEU A 1 16  ? 2.422   -12.253 -3.963  1.00 41.85 ? 59  LEU A N   1 
ATOM   120  C CA  . LEU A 1 16  ? 3.233   -11.259 -4.664  1.00 38.88 ? 59  LEU A CA  1 
ATOM   121  C C   . LEU A 1 16  ? 4.574   -11.022 -3.985  1.00 42.74 ? 59  LEU A C   1 
ATOM   122  O O   . LEU A 1 16  ? 5.603   -10.981 -4.659  1.00 41.16 ? 59  LEU A O   1 
ATOM   123  C CB  . LEU A 1 16  ? 2.469   -9.937  -4.804  1.00 39.27 ? 59  LEU A CB  1 
ATOM   124  C CG  . LEU A 1 16  ? 3.227   -8.733  -5.384  1.00 37.36 ? 59  LEU A CG  1 
ATOM   125  C CD1 . LEU A 1 16  ? 3.806   -9.026  -6.757  1.00 32.23 ? 59  LEU A CD1 1 
ATOM   126  C CD2 . LEU A 1 16  ? 2.321   -7.502  -5.422  1.00 38.74 ? 59  LEU A CD2 1 
ATOM   127  N N   . ILE A 1 17  ? 4.614   -10.908 -2.661  1.00 45.01 ? 60  ILE A N   1 
ATOM   128  C CA  . ILE A 1 17  ? 5.921   -10.636 -2.065  1.00 45.23 ? 60  ILE A CA  1 
ATOM   129  C C   . ILE A 1 17  ? 6.526   -11.807 -1.304  1.00 46.79 ? 60  ILE A C   1 
ATOM   130  O O   . ILE A 1 17  ? 7.657   -11.715 -0.829  1.00 47.05 ? 60  ILE A O   1 
ATOM   131  C CB  . ILE A 1 17  ? 5.882   -9.391  -1.142  1.00 50.48 ? 60  ILE A CB  1 
ATOM   132  C CG1 . ILE A 1 17  ? 4.967   -9.587  0.047   1.00 44.04 ? 60  ILE A CG1 1 
ATOM   133  C CG2 . ILE A 1 17  ? 5.416   -8.153  -1.907  1.00 45.16 ? 60  ILE A CG2 1 
ATOM   134  C CD1 . ILE A 1 17  ? 4.688   -8.260  0.716   1.00 42.71 ? 60  ILE A CD1 1 
ATOM   135  N N   . GLU A 1 18  ? 5.807   -12.919 -1.201  1.00 52.13 ? 61  GLU A N   1 
ATOM   136  C CA  . GLU A 1 18  ? 6.455   -14.131 -0.707  1.00 52.39 ? 61  GLU A CA  1 
ATOM   137  C C   . GLU A 1 18  ? 7.181   -14.835 -1.851  1.00 52.21 ? 61  GLU A C   1 
ATOM   138  O O   . GLU A 1 18  ? 8.252   -15.410 -1.654  1.00 54.49 ? 61  GLU A O   1 
ATOM   139  C CB  . GLU A 1 18  ? 5.452   -15.073 -0.025  1.00 53.86 ? 61  GLU A CB  1 
ATOM   140  C CG  . GLU A 1 18  ? 4.929   -14.557 1.323   1.00 54.24 ? 61  GLU A CG  1 
ATOM   141  C CD  . GLU A 1 18  ? 6.032   -14.283 2.364   1.00 58.57 ? 61  GLU A CD  1 
ATOM   142  O OE1 . GLU A 1 18  ? 7.211   -14.654 2.152   1.00 66.90 ? 61  GLU A OE1 1 
ATOM   143  O OE2 . GLU A 1 18  ? 5.711   -13.693 3.417   1.00 58.64 ? 61  GLU A OE2 1 
ATOM   144  N N   . SER A 1 19  ? 6.626   -14.758 -3.056  1.00 46.51 ? 62  SER A N   1 
ATOM   145  C CA  . SER A 1 19  ? 7.294   -15.347 -4.215  1.00 52.50 ? 62  SER A CA  1 
ATOM   146  C C   . SER A 1 19  ? 8.308   -14.404 -4.864  1.00 56.59 ? 62  SER A C   1 
ATOM   147  O O   . SER A 1 19  ? 9.029   -14.799 -5.785  1.00 61.93 ? 62  SER A O   1 
ATOM   148  C CB  . SER A 1 19  ? 6.268   -15.770 -5.264  1.00 52.70 ? 62  SER A CB  1 
ATOM   149  O OG  . SER A 1 19  ? 5.767   -14.638 -5.955  1.00 51.90 ? 62  SER A OG  1 
ATOM   150  N N   . ALA A 1 20  ? 8.355   -13.156 -4.406  1.00 56.93 ? 63  ALA A N   1 
ATOM   151  C CA  . ALA A 1 20  ? 9.246   -12.160 -5.009  1.00 51.72 ? 63  ALA A CA  1 
ATOM   152  C C   . ALA A 1 20  ? 10.720  -12.526 -4.816  1.00 57.02 ? 63  ALA A C   1 
ATOM   153  O O   . ALA A 1 20  ? 11.107  -13.084 -3.780  1.00 57.78 ? 63  ALA A O   1 
ATOM   154  C CB  . ALA A 1 20  ? 8.968   -10.770 -4.429  1.00 42.83 ? 63  ALA A CB  1 
ATOM   155  N N   . GLY A 1 21  ? 11.539  -12.212 -5.813  1.00 52.41 ? 64  GLY A N   1 
ATOM   156  C CA  . GLY A 1 21  ? 12.974  -12.423 -5.701  1.00 54.01 ? 64  GLY A CA  1 
ATOM   157  C C   . GLY A 1 21  ? 13.632  -11.315 -4.895  1.00 53.95 ? 64  GLY A C   1 
ATOM   158  O O   . GLY A 1 21  ? 14.727  -11.471 -4.347  1.00 56.09 ? 64  GLY A O   1 
ATOM   159  N N   . GLU A 1 22  ? 12.951  -10.182 -4.816  1.00 50.30 ? 65  GLU A N   1 
ATOM   160  C CA  . GLU A 1 22  ? 13.504  -9.020  -4.151  1.00 45.84 ? 65  GLU A CA  1 
ATOM   161  C C   . GLU A 1 22  ? 12.913  -8.906  -2.751  1.00 45.50 ? 65  GLU A C   1 
ATOM   162  O O   . GLU A 1 22  ? 11.902  -9.543  -2.457  1.00 46.15 ? 65  GLU A O   1 
ATOM   163  C CB  . GLU A 1 22  ? 13.229  -7.769  -4.982  1.00 43.93 ? 65  GLU A CB  1 
ATOM   164  C CG  . GLU A 1 22  ? 13.693  -7.885  -6.424  1.00 45.52 ? 65  GLU A CG  1 
ATOM   165  C CD  . GLU A 1 22  ? 12.563  -8.129  -7.421  1.00 47.94 ? 65  GLU A CD  1 
ATOM   166  O OE1 . GLU A 1 22  ? 11.373  -8.096  -7.043  1.00 45.62 ? 65  GLU A OE1 1 
ATOM   167  O OE2 . GLU A 1 22  ? 12.878  -8.372  -8.604  1.00 51.53 ? 65  GLU A OE2 1 
ATOM   168  N N   . ASN A 1 23  ? 13.546  -8.113  -1.889  1.00 41.87 ? 66  ASN A N   1 
ATOM   169  C CA  . ASN A 1 23  ? 13.093  -7.975  -0.506  1.00 40.90 ? 66  ASN A CA  1 
ATOM   170  C C   . ASN A 1 23  ? 12.071  -6.849  -0.297  1.00 39.96 ? 66  ASN A C   1 
ATOM   171  O O   . ASN A 1 23  ? 12.411  -5.744  0.147   1.00 39.14 ? 66  ASN A O   1 
ATOM   172  C CB  . ASN A 1 23  ? 14.292  -7.756  0.420   1.00 43.30 ? 66  ASN A CB  1 
ATOM   173  C CG  . ASN A 1 23  ? 13.881  -7.635  1.875   1.00 50.31 ? 66  ASN A CG  1 
ATOM   174  O OD1 . ASN A 1 23  ? 12.798  -8.094  2.269   1.00 50.88 ? 66  ASN A OD1 1 
ATOM   175  N ND2 . ASN A 1 23  ? 14.731  -7.004  2.685   1.00 50.16 ? 66  ASN A ND2 1 
ATOM   176  N N   . TRP A 1 24  ? 10.815  -7.131  -0.611  1.00 39.49 ? 67  TRP A N   1 
ATOM   177  C CA  . TRP A 1 24  ? 9.769   -6.136  -0.445  1.00 37.73 ? 67  TRP A CA  1 
ATOM   178  C C   . TRP A 1 24  ? 9.208   -6.161  0.974   1.00 39.00 ? 67  TRP A C   1 
ATOM   179  O O   . TRP A 1 24  ? 9.010   -7.219  1.558   1.00 37.70 ? 67  TRP A O   1 
ATOM   180  C CB  . TRP A 1 24  ? 8.655   -6.363  -1.459  1.00 39.49 ? 67  TRP A CB  1 
ATOM   181  C CG  . TRP A 1 24  ? 9.102   -6.207  -2.876  1.00 35.90 ? 67  TRP A CG  1 
ATOM   182  C CD1 . TRP A 1 24  ? 9.383   -7.209  -3.767  1.00 33.25 ? 67  TRP A CD1 1 
ATOM   183  C CD2 . TRP A 1 24  ? 9.336   -4.973  -3.569  1.00 32.07 ? 67  TRP A CD2 1 
ATOM   184  N NE1 . TRP A 1 24  ? 9.765   -6.671  -4.970  1.00 34.68 ? 67  TRP A NE1 1 
ATOM   185  C CE2 . TRP A 1 24  ? 9.741   -5.302  -4.881  1.00 31.98 ? 67  TRP A CE2 1 
ATOM   186  C CE3 . TRP A 1 24  ? 9.230   -3.620  -3.214  1.00 32.75 ? 67  TRP A CE3 1 
ATOM   187  C CZ2 . TRP A 1 24  ? 10.037  -4.327  -5.841  1.00 30.89 ? 67  TRP A CZ2 1 
ATOM   188  C CZ3 . TRP A 1 24  ? 9.527   -2.648  -4.172  1.00 29.07 ? 67  TRP A CZ3 1 
ATOM   189  C CH2 . TRP A 1 24  ? 9.937   -3.007  -5.462  1.00 28.67 ? 67  TRP A CH2 1 
ATOM   190  N N   . THR A 1 25  ? 8.941   -4.989  1.527   1.00 38.23 ? 68  THR A N   1 
ATOM   191  C CA  . THR A 1 25  ? 8.489   -4.926  2.904   1.00 36.41 ? 68  THR A CA  1 
ATOM   192  C C   . THR A 1 25  ? 6.995   -5.158  2.998   1.00 36.06 ? 68  THR A C   1 
ATOM   193  O O   . THR A 1 25  ? 6.520   -5.783  3.938   1.00 36.79 ? 68  THR A O   1 
ATOM   194  C CB  . THR A 1 25  ? 8.862   -3.585  3.541   1.00 38.12 ? 68  THR A CB  1 
ATOM   195  O OG1 . THR A 1 25  ? 10.286  -3.483  3.602   1.00 36.95 ? 68  THR A OG1 1 
ATOM   196  C CG2 . THR A 1 25  ? 8.304   -3.480  4.950   1.00 41.42 ? 68  THR A CG2 1 
ATOM   197  N N   . TYR A 1 26  ? 6.241   -4.680  2.018   1.00 31.21 ? 69  TYR A N   1 
ATOM   198  C CA  . TYR A 1 26  ? 4.796   -4.862  2.063   1.00 35.54 ? 69  TYR A CA  1 
ATOM   199  C C   . TYR A 1 26  ? 4.226   -4.717  0.675   1.00 33.79 ? 69  TYR A C   1 
ATOM   200  O O   . TYR A 1 26  ? 4.883   -4.194  -0.212  1.00 33.37 ? 69  TYR A O   1 
ATOM   201  C CB  . TYR A 1 26  ? 4.124   -3.829  2.996   1.00 31.72 ? 69  TYR A CB  1 
ATOM   202  C CG  . TYR A 1 26  ? 4.260   -2.443  2.424   1.00 34.00 ? 69  TYR A CG  1 
ATOM   203  C CD1 . TYR A 1 26  ? 5.389   -1.680  2.663   1.00 31.87 ? 69  TYR A CD1 1 
ATOM   204  C CD2 . TYR A 1 26  ? 3.300   -1.937  1.563   1.00 31.17 ? 69  TYR A CD2 1 
ATOM   205  C CE1 . TYR A 1 26  ? 5.532   -0.439  2.090   1.00 32.92 ? 69  TYR A CE1 1 
ATOM   206  C CE2 . TYR A 1 26  ? 3.440   -0.722  0.999   1.00 31.45 ? 69  TYR A CE2 1 
ATOM   207  C CZ  . TYR A 1 26  ? 4.551   0.033   1.259   1.00 29.21 ? 69  TYR A CZ  1 
ATOM   208  O OH  . TYR A 1 26  ? 4.644   1.280   0.677   1.00 31.21 ? 69  TYR A OH  1 
ATOM   209  N N   . ALA A 1 27  ? 2.983   -5.140  0.511   1.00 33.19 ? 70  ALA A N   1 
ATOM   210  C CA  . ALA A 1 27  ? 2.194   -4.781  -0.651  1.00 32.03 ? 70  ALA A CA  1 
ATOM   211  C C   . ALA A 1 27  ? 0.865   -4.239  -0.165  1.00 32.09 ? 70  ALA A C   1 
ATOM   212  O O   . ALA A 1 27  ? 0.334   -4.698  0.841   1.00 32.24 ? 70  ALA A O   1 
ATOM   213  C CB  . ALA A 1 27  ? 1.984   -5.986  -1.561  1.00 31.77 ? 70  ALA A CB  1 
ATOM   214  N N   . ILE A 1 28  ? 0.328   -3.273  -0.890  1.00 28.41 ? 71  ILE A N   1 
ATOM   215  C CA  . ILE A 1 28  ? -0.983  -2.713  -0.615  1.00 29.44 ? 71  ILE A CA  1 
ATOM   216  C C   . ILE A 1 28  ? -1.806  -2.768  -1.884  1.00 28.98 ? 71  ILE A C   1 
ATOM   217  O O   . ILE A 1 28  ? -1.269  -2.565  -2.957  1.00 27.97 ? 71  ILE A O   1 
ATOM   218  C CB  . ILE A 1 28  ? -0.903  -1.236  -0.142  1.00 31.40 ? 71  ILE A CB  1 
ATOM   219  C CG1 . ILE A 1 28  ? -0.264  -1.131  1.241   1.00 30.10 ? 71  ILE A CG1 1 
ATOM   220  C CG2 . ILE A 1 28  ? -2.300  -0.587  -0.140  1.00 29.49 ? 71  ILE A CG2 1 
ATOM   221  C CD1 . ILE A 1 28  ? 0.078   0.314   1.660   1.00 30.40 ? 71  ILE A CD1 1 
ATOM   222  N N   . PHE A 1 29  ? -3.094  -3.077  -1.775  1.00 30.08 ? 72  PHE A N   1 
ATOM   223  C CA  . PHE A 1 29  ? -3.992  -2.839  -2.885  1.00 31.17 ? 72  PHE A CA  1 
ATOM   224  C C   . PHE A 1 29  ? -4.910  -1.691  -2.565  1.00 33.37 ? 72  PHE A C   1 
ATOM   225  O O   . PHE A 1 29  ? -5.611  -1.726  -1.550  1.00 32.73 ? 72  PHE A O   1 
ATOM   226  C CB  . PHE A 1 29  ? -4.833  -4.063  -3.242  1.00 32.12 ? 72  PHE A CB  1 
ATOM   227  C CG  . PHE A 1 29  ? -5.590  -3.880  -4.524  1.00 32.20 ? 72  PHE A CG  1 
ATOM   228  C CD1 . PHE A 1 29  ? -4.911  -3.878  -5.729  1.00 35.46 ? 72  PHE A CD1 1 
ATOM   229  C CD2 . PHE A 1 29  ? -6.951  -3.654  -4.526  1.00 32.55 ? 72  PHE A CD2 1 
ATOM   230  C CE1 . PHE A 1 29  ? -5.578  -3.673  -6.910  1.00 32.80 ? 72  PHE A CE1 1 
ATOM   231  C CE2 . PHE A 1 29  ? -7.628  -3.454  -5.714  1.00 37.47 ? 72  PHE A CE2 1 
ATOM   232  C CZ  . PHE A 1 29  ? -6.940  -3.472  -6.901  1.00 34.08 ? 72  PHE A CZ  1 
ATOM   233  N N   . TRP A 1 30  ? -4.905  -0.681  -3.437  1.00 32.00 ? 73  TRP A N   1 
ATOM   234  C CA  . TRP A 1 30  ? -5.797  0.462   -3.330  1.00 31.50 ? 73  TRP A CA  1 
ATOM   235  C C   . TRP A 1 30  ? -7.022  0.227   -4.205  1.00 35.55 ? 73  TRP A C   1 
ATOM   236  O O   . TRP A 1 30  ? -6.921  0.226   -5.426  1.00 33.69 ? 73  TRP A O   1 
ATOM   237  C CB  . TRP A 1 30  ? -5.076  1.759   -3.737  1.00 32.30 ? 73  TRP A CB  1 
ATOM   238  C CG  . TRP A 1 30  ? -3.881  2.103   -2.863  1.00 33.61 ? 73  TRP A CG  1 
ATOM   239  C CD1 . TRP A 1 30  ? -2.554  2.019   -3.209  1.00 35.59 ? 73  TRP A CD1 1 
ATOM   240  C CD2 . TRP A 1 30  ? -3.910  2.578   -1.516  1.00 29.81 ? 73  TRP A CD2 1 
ATOM   241  N NE1 . TRP A 1 30  ? -1.763  2.415   -2.160  1.00 29.81 ? 73  TRP A NE1 1 
ATOM   242  C CE2 . TRP A 1 30  ? -2.571  2.759   -1.105  1.00 32.58 ? 73  TRP A CE2 1 
ATOM   243  C CE3 . TRP A 1 30  ? -4.940  2.861   -0.606  1.00 33.61 ? 73  TRP A CE3 1 
ATOM   244  C CZ2 . TRP A 1 30  ? -2.233  3.216   0.181   1.00 29.02 ? 73  TRP A CZ2 1 
ATOM   245  C CZ3 . TRP A 1 30  ? -4.600  3.311   0.671   1.00 31.81 ? 73  TRP A CZ3 1 
ATOM   246  C CH2 . TRP A 1 30  ? -3.257  3.494   1.044   1.00 29.13 ? 73  TRP A CH2 1 
ATOM   247  N N   . GLN A 1 31  ? -8.175  0.007   -3.579  1.00 37.11 ? 74  GLN A N   1 
ATOM   248  C CA  . GLN A 1 31  ? -9.388  -0.290  -4.332  1.00 38.43 ? 74  GLN A CA  1 
ATOM   249  C C   . GLN A 1 31  ? -10.098 0.994   -4.741  1.00 41.77 ? 74  GLN A C   1 
ATOM   250  O O   . GLN A 1 31  ? -10.054 1.983   -4.013  1.00 36.62 ? 74  GLN A O   1 
ATOM   251  C CB  . GLN A 1 31  ? -10.337 -1.181  -3.523  1.00 41.20 ? 74  GLN A CB  1 
ATOM   252  C CG  . GLN A 1 31  ? -11.683 -1.339  -4.213  1.00 47.75 ? 74  GLN A CG  1 
ATOM   253  C CD  . GLN A 1 31  ? -11.764 -2.405  -5.323  1.00 54.63 ? 74  GLN A CD  1 
ATOM   254  O OE1 . GLN A 1 31  ? -10.797 -2.677  -6.029  1.00 55.76 ? 74  GLN A OE1 1 
ATOM   255  N NE2 . GLN A 1 31  ? -12.978 -2.939  -5.532  1.00 70.69 ? 74  GLN A NE2 1 
ATOM   256  N N   . ILE A 1 32  ? -10.729 0.993   -5.915  1.00 38.82 ? 75  ILE A N   1 
ATOM   257  C CA  . ILE A 1 32  ? -11.491 2.152   -6.321  1.00 47.02 ? 75  ILE A CA  1 
ATOM   258  C C   . ILE A 1 32  ? -12.841 2.107   -5.639  1.00 48.36 ? 75  ILE A C   1 
ATOM   259  O O   . ILE A 1 32  ? -13.376 1.043   -5.354  1.00 43.03 ? 75  ILE A O   1 
ATOM   260  C CB  . ILE A 1 32  ? -11.694 2.248   -7.855  1.00 45.29 ? 75  ILE A CB  1 
ATOM   261  C CG1 . ILE A 1 32  ? -12.783 1.306   -8.334  1.00 53.91 ? 75  ILE A CG1 1 
ATOM   262  C CG2 . ILE A 1 32  ? -10.408 1.944   -8.598  1.00 44.28 ? 75  ILE A CG2 1 
ATOM   263  C CD1 . ILE A 1 32  ? -12.829 1.204   -9.860  1.00 62.26 ? 75  ILE A CD1 1 
ATOM   264  N N   . SER A 1 33  ? -13.343 3.292   -5.329  1.00 49.00 ? 76  SER A N   1 
ATOM   265  C CA  . SER A 1 33  ? -14.710 3.485   -4.912  1.00 49.70 ? 76  SER A CA  1 
ATOM   266  C C   . SER A 1 33  ? -15.110 4.804   -5.524  1.00 46.55 ? 76  SER A C   1 
ATOM   267  O O   . SER A 1 33  ? -14.320 5.435   -6.244  1.00 37.73 ? 76  SER A O   1 
ATOM   268  C CB  . SER A 1 33  ? -14.865 3.485   -3.385  1.00 49.12 ? 76  SER A CB  1 
ATOM   269  O OG  . SER A 1 33  ? -14.146 4.549   -2.772  1.00 54.72 ? 76  SER A OG  1 
ATOM   270  N N   . HIS A 1 34  ? -16.341 5.219   -5.258  1.00 50.92 ? 77  HIS A N   1 
ATOM   271  C CA  . HIS A 1 34  ? -16.866 6.426   -5.868  1.00 48.61 ? 77  HIS A CA  1 
ATOM   272  C C   . HIS A 1 34  ? -17.490 7.326   -4.831  1.00 50.58 ? 77  HIS A C   1 
ATOM   273  O O   . HIS A 1 34  ? -18.195 6.877   -3.926  1.00 54.80 ? 77  HIS A O   1 
ATOM   274  C CB  . HIS A 1 34  ? -17.867 6.086   -6.958  1.00 45.61 ? 77  HIS A CB  1 
ATOM   275  C CG  . HIS A 1 34  ? -17.256 5.378   -8.126  1.00 48.45 ? 77  HIS A CG  1 
ATOM   276  N ND1 . HIS A 1 34  ? -17.075 4.015   -8.157  1.00 53.71 ? 77  HIS A ND1 1 
ATOM   277  C CD2 . HIS A 1 34  ? -16.774 5.850   -9.301  1.00 47.38 ? 77  HIS A CD2 1 
ATOM   278  C CE1 . HIS A 1 34  ? -16.511 3.673   -9.305  1.00 52.53 ? 77  HIS A CE1 1 
ATOM   279  N NE2 . HIS A 1 34  ? -16.316 4.767   -10.016 1.00 45.06 ? 77  HIS A NE2 1 
ATOM   280  N N   . ASP A 1 35  ? -17.200 8.608   -4.967  1.00 49.96 ? 78  ASP A N   1 
ATOM   281  C CA  . ASP A 1 35  ? -17.653 9.605   -4.023  1.00 54.10 ? 78  ASP A CA  1 
ATOM   282  C C   . ASP A 1 35  ? -18.489 10.612  -4.774  1.00 53.71 ? 78  ASP A C   1 
ATOM   283  O O   . ASP A 1 35  ? -17.950 11.450  -5.496  1.00 46.21 ? 78  ASP A O   1 
ATOM   284  C CB  . ASP A 1 35  ? -16.465 10.287  -3.346  1.00 56.06 ? 78  ASP A CB  1 
ATOM   285  C CG  . ASP A 1 35  ? -16.888 11.371  -2.379  1.00 62.13 ? 78  ASP A CG  1 
ATOM   286  O OD1 . ASP A 1 35  ? -17.118 12.518  -2.835  1.00 61.09 ? 78  ASP A OD1 1 
ATOM   287  O OD2 . ASP A 1 35  ? -16.987 11.070  -1.168  1.00 62.12 ? 78  ASP A OD2 1 
ATOM   288  N N   . PHE A 1 36  ? -19.807 10.524  -4.631  1.00 51.28 ? 79  PHE A N   1 
ATOM   289  C CA  . PHE A 1 36  ? -20.663 11.481  -5.309  1.00 50.52 ? 79  PHE A CA  1 
ATOM   290  C C   . PHE A 1 36  ? -20.626 12.827  -4.595  1.00 50.06 ? 79  PHE A C   1 
ATOM   291  O O   . PHE A 1 36  ? -20.701 12.894  -3.368  1.00 44.80 ? 79  PHE A O   1 
ATOM   292  C CB  . PHE A 1 36  ? -22.102 10.978  -5.401  1.00 50.19 ? 79  PHE A CB  1 
ATOM   293  C CG  . PHE A 1 36  ? -23.007 11.930  -6.113  1.00 48.66 ? 79  PHE A CG  1 
ATOM   294  C CD1 . PHE A 1 36  ? -23.009 11.993  -7.493  1.00 49.55 ? 79  PHE A CD1 1 
ATOM   295  C CD2 . PHE A 1 36  ? -23.828 12.791  -5.401  1.00 50.98 ? 79  PHE A CD2 1 
ATOM   296  C CE1 . PHE A 1 36  ? -23.831 12.883  -8.157  1.00 48.62 ? 79  PHE A CE1 1 
ATOM   297  C CE2 . PHE A 1 36  ? -24.651 13.687  -6.060  1.00 48.71 ? 79  PHE A CE2 1 
ATOM   298  C CZ  . PHE A 1 36  ? -24.651 13.731  -7.437  1.00 52.30 ? 79  PHE A CZ  1 
ATOM   299  N N   . ASP A 1 37  ? -20.502 13.900  -5.366  1.00 49.57 ? 80  ASP A N   1 
ATOM   300  C CA  . ASP A 1 37  ? -20.518 15.237  -4.786  1.00 60.12 ? 80  ASP A CA  1 
ATOM   301  C C   . ASP A 1 37  ? -21.753 16.044  -5.215  1.00 62.04 ? 80  ASP A C   1 
ATOM   302  O O   . ASP A 1 37  ? -21.891 16.419  -6.387  1.00 60.33 ? 80  ASP A O   1 
ATOM   303  C CB  . ASP A 1 37  ? -19.231 15.987  -5.154  1.00 63.01 ? 80  ASP A CB  1 
ATOM   304  C CG  . ASP A 1 37  ? -19.296 17.471  -4.814  1.00 70.61 ? 80  ASP A CG  1 
ATOM   305  O OD1 . ASP A 1 37  ? -19.323 17.820  -3.610  1.00 69.47 ? 80  ASP A OD1 1 
ATOM   306  O OD2 . ASP A 1 37  ? -19.318 18.286  -5.763  1.00 72.13 ? 80  ASP A OD2 1 
ATOM   307  N N   . SER A 1 38  ? -22.633 16.309  -4.248  1.00 61.51 ? 81  SER A N   1 
ATOM   308  C CA  . SER A 1 38  ? -23.850 17.092  -4.467  1.00 63.10 ? 81  SER A CA  1 
ATOM   309  C C   . SER A 1 38  ? -23.562 18.442  -5.120  1.00 70.50 ? 81  SER A C   1 
ATOM   310  O O   . SER A 1 38  ? -24.341 18.926  -5.942  1.00 69.37 ? 81  SER A O   1 
ATOM   311  C CB  . SER A 1 38  ? -24.582 17.320  -3.139  1.00 60.38 ? 81  SER A CB  1 
ATOM   312  O OG  . SER A 1 38  ? -24.822 16.100  -2.457  1.00 60.30 ? 81  SER A OG  1 
ATOM   313  N N   . SER A 1 39  ? -22.431 19.031  -4.747  1.00 68.96 ? 82  SER A N   1 
ATOM   314  C CA  . SER A 1 39  ? -22.092 20.399  -5.121  1.00 72.98 ? 82  SER A CA  1 
ATOM   315  C C   . SER A 1 39  ? -21.821 20.555  -6.614  1.00 75.36 ? 82  SER A C   1 
ATOM   316  O O   . SER A 1 39  ? -22.055 21.623  -7.185  1.00 80.04 ? 82  SER A O   1 
ATOM   317  C CB  . SER A 1 39  ? -20.868 20.872  -4.323  1.00 70.43 ? 82  SER A CB  1 
ATOM   318  O OG  . SER A 1 39  ? -20.978 20.514  -2.952  1.00 73.50 ? 82  SER A OG  1 
ATOM   319  N N   . THR A 1 40  ? -21.316 19.498  -7.246  1.00 70.04 ? 83  THR A N   1 
ATOM   320  C CA  . THR A 1 40  ? -20.961 19.569  -8.663  1.00 74.70 ? 83  THR A CA  1 
ATOM   321  C C   . THR A 1 40  ? -21.705 18.520  -9.487  1.00 73.11 ? 83  THR A C   1 
ATOM   322  O O   . THR A 1 40  ? -21.813 18.642  -10.711 1.00 70.22 ? 83  THR A O   1 
ATOM   323  C CB  . THR A 1 40  ? -19.433 19.388  -8.881  1.00 71.06 ? 83  THR A CB  1 
ATOM   324  O OG1 . THR A 1 40  ? -19.014 18.113  -8.375  1.00 68.67 ? 83  THR A OG1 1 
ATOM   325  C CG2 . THR A 1 40  ? -18.659 20.488  -8.177  1.00 73.09 ? 83  THR A CG2 1 
ATOM   326  N N   . GLY A 1 41  ? -22.208 17.491  -8.805  1.00 63.63 ? 84  GLY A N   1 
ATOM   327  C CA  . GLY A 1 41  ? -22.848 16.367  -9.464  1.00 60.94 ? 84  GLY A CA  1 
ATOM   328  C C   . GLY A 1 41  ? -21.888 15.287  -9.945  1.00 59.88 ? 84  GLY A C   1 
ATOM   329  O O   . GLY A 1 41  ? -22.316 14.299  -10.552 1.00 55.85 ? 84  GLY A O   1 
ATOM   330  N N   . ASP A 1 42  ? -20.595 15.451  -9.672  1.00 58.58 ? 85  ASP A N   1 
ATOM   331  C CA  . ASP A 1 42  ? -19.592 14.514  -10.193 1.00 60.74 ? 85  ASP A CA  1 
ATOM   332  C C   . ASP A 1 42  ? -19.439 13.256  -9.329  1.00 54.61 ? 85  ASP A C   1 
ATOM   333  O O   . ASP A 1 42  ? -19.517 13.317  -8.093  1.00 50.35 ? 85  ASP A O   1 
ATOM   334  C CB  . ASP A 1 42  ? -18.233 15.213  -10.342 1.00 66.69 ? 85  ASP A CB  1 
ATOM   335  C CG  . ASP A 1 42  ? -18.293 16.443  -11.254 1.00 75.70 ? 85  ASP A CG  1 
ATOM   336  O OD1 . ASP A 1 42  ? -19.123 16.466  -12.197 1.00 72.72 ? 85  ASP A OD1 1 
ATOM   337  O OD2 . ASP A 1 42  ? -17.504 17.390  -11.027 1.00 78.31 ? 85  ASP A OD2 1 
ATOM   338  N N   . ASN A 1 43  ? -19.230 12.116  -9.985  1.00 49.44 ? 86  ASN A N   1 
ATOM   339  C CA  . ASN A 1 43  ? -18.977 10.866  -9.274  1.00 48.11 ? 86  ASN A CA  1 
ATOM   340  C C   . ASN A 1 43  ? -17.496 10.503  -9.291  1.00 52.57 ? 86  ASN A C   1 
ATOM   341  O O   . ASN A 1 43  ? -17.063 9.621   -10.033 1.00 54.86 ? 86  ASN A O   1 
ATOM   342  C CB  . ASN A 1 43  ? -19.781 9.722   -9.879  1.00 43.48 ? 86  ASN A CB  1 
ATOM   343  C CG  . ASN A 1 43  ? -19.855 8.511   -8.959  1.00 47.67 ? 86  ASN A CG  1 
ATOM   344  O OD1 . ASN A 1 43  ? -19.842 8.645   -7.733  1.00 48.97 ? 86  ASN A OD1 1 
ATOM   345  N ND2 . ASN A 1 43  ? -19.939 7.322   -9.549  1.00 47.08 ? 86  ASN A ND2 1 
ATOM   346  N N   . THR A 1 44  ? -16.721 11.168  -8.451  1.00 50.77 ? 87  THR A N   1 
ATOM   347  C CA  . THR A 1 44  ? -15.279 11.095  -8.566  1.00 47.85 ? 87  THR A CA  1 
ATOM   348  C C   . THR A 1 44  ? -14.731 9.770   -8.064  1.00 45.84 ? 87  THR A C   1 
ATOM   349  O O   . THR A 1 44  ? -15.065 9.309   -6.966  1.00 44.26 ? 87  THR A O   1 
ATOM   350  C CB  . THR A 1 44  ? -14.622 12.248  -7.811  1.00 54.66 ? 87  THR A CB  1 
ATOM   351  O OG1 . THR A 1 44  ? -14.975 12.159  -6.429  1.00 61.45 ? 87  THR A OG1 1 
ATOM   352  C CG2 . THR A 1 44  ? -15.118 13.576  -8.357  1.00 56.62 ? 87  THR A CG2 1 
ATOM   353  N N   . VAL A 1 45  ? -13.895 9.150   -8.887  1.00 45.92 ? 88  VAL A N   1 
ATOM   354  C CA  . VAL A 1 45  ? -13.200 7.949   -8.473  1.00 39.82 ? 88  VAL A CA  1 
ATOM   355  C C   . VAL A 1 45  ? -12.291 8.253   -7.288  1.00 38.85 ? 88  VAL A C   1 
ATOM   356  O O   . VAL A 1 45  ? -11.542 9.234   -7.281  1.00 40.62 ? 88  VAL A O   1 
ATOM   357  C CB  . VAL A 1 45  ? -12.359 7.338   -9.616  1.00 48.00 ? 88  VAL A CB  1 
ATOM   358  C CG1 . VAL A 1 45  ? -11.329 6.355   -9.056  1.00 40.05 ? 88  VAL A CG1 1 
ATOM   359  C CG2 . VAL A 1 45  ? -13.257 6.646   -10.626 1.00 47.38 ? 88  VAL A CG2 1 
ATOM   360  N N   . ILE A 1 46  ? -12.372 7.399   -6.281  1.00 42.95 ? 89  ILE A N   1 
ATOM   361  C CA  . ILE A 1 46  ? -11.533 7.526   -5.113  1.00 42.40 ? 89  ILE A CA  1 
ATOM   362  C C   . ILE A 1 46  ? -10.849 6.195   -4.885  1.00 44.43 ? 89  ILE A C   1 
ATOM   363  O O   . ILE A 1 46  ? -11.477 5.138   -4.952  1.00 46.74 ? 89  ILE A O   1 
ATOM   364  C CB  . ILE A 1 46  ? -12.331 7.944   -3.870  1.00 44.35 ? 89  ILE A CB  1 
ATOM   365  C CG1 . ILE A 1 46  ? -12.681 9.432   -3.966  1.00 44.31 ? 89  ILE A CG1 1 
ATOM   366  C CG2 . ILE A 1 46  ? -11.525 7.683   -2.598  1.00 44.16 ? 89  ILE A CG2 1 
ATOM   367  C CD1 . ILE A 1 46  ? -12.903 10.118  -2.624  1.00 52.51 ? 89  ILE A CD1 1 
ATOM   368  N N   . LEU A 1 47  ? -9.543  6.259   -4.670  1.00 38.23 ? 90  LEU A N   1 
ATOM   369  C CA  . LEU A 1 47  ? -8.762  5.096   -4.304  1.00 37.91 ? 90  LEU A CA  1 
ATOM   370  C C   . LEU A 1 47  ? -8.672  5.036   -2.795  1.00 35.60 ? 90  LEU A C   1 
ATOM   371  O O   . LEU A 1 47  ? -8.224  5.984   -2.168  1.00 40.47 ? 90  LEU A O   1 
ATOM   372  C CB  . LEU A 1 47  ? -7.377  5.169   -4.926  1.00 34.21 ? 90  LEU A CB  1 
ATOM   373  C CG  . LEU A 1 47  ? -7.445  5.017   -6.435  1.00 35.09 ? 90  LEU A CG  1 
ATOM   374  C CD1 . LEU A 1 47  ? -6.157  5.476   -7.033  1.00 40.67 ? 90  LEU A CD1 1 
ATOM   375  C CD2 . LEU A 1 47  ? -7.689  3.556   -6.757  1.00 36.46 ? 90  LEU A CD2 1 
ATOM   376  N N   . GLY A 1 48  ? -9.113  3.930   -2.216  1.00 33.35 ? 91  GLY A N   1 
ATOM   377  C CA  . GLY A 1 48  ? -9.082  3.774   -0.776  1.00 33.69 ? 91  GLY A CA  1 
ATOM   378  C C   . GLY A 1 48  ? -8.452  2.456   -0.445  1.00 32.71 ? 91  GLY A C   1 
ATOM   379  O O   . GLY A 1 48  ? -8.169  1.659   -1.336  1.00 33.90 ? 91  GLY A O   1 
ATOM   380  N N   . TRP A 1 49  ? -8.222  2.218   0.835   1.00 33.40 ? 92  TRP A N   1 
ATOM   381  C CA  . TRP A 1 49  ? -7.596  0.977   1.254   1.00 32.76 ? 92  TRP A CA  1 
ATOM   382  C C   . TRP A 1 49  ? -8.432  -0.225  0.836   1.00 39.18 ? 92  TRP A C   1 
ATOM   383  O O   . TRP A 1 49  ? -9.633  -0.292  1.123   1.00 37.54 ? 92  TRP A O   1 
ATOM   384  C CB  . TRP A 1 49  ? -7.379  0.986   2.759   1.00 38.95 ? 92  TRP A CB  1 
ATOM   385  C CG  . TRP A 1 49  ? -6.799  -0.267  3.304   1.00 37.37 ? 92  TRP A CG  1 
ATOM   386  C CD1 . TRP A 1 49  ? -7.483  -1.377  3.693   1.00 43.08 ? 92  TRP A CD1 1 
ATOM   387  C CD2 . TRP A 1 49  ? -5.415  -0.540  3.552   1.00 39.95 ? 92  TRP A CD2 1 
ATOM   388  N NE1 . TRP A 1 49  ? -6.618  -2.326  4.162   1.00 38.06 ? 92  TRP A NE1 1 
ATOM   389  C CE2 . TRP A 1 49  ? -5.338  -1.844  4.074   1.00 36.47 ? 92  TRP A CE2 1 
ATOM   390  C CE3 . TRP A 1 49  ? -4.233  0.178   3.358   1.00 37.75 ? 92  TRP A CE3 1 
ATOM   391  C CZ2 . TRP A 1 49  ? -4.133  -2.434  4.421   1.00 37.37 ? 92  TRP A CZ2 1 
ATOM   392  C CZ3 . TRP A 1 49  ? -3.039  -0.409  3.701   1.00 35.40 ? 92  TRP A CZ3 1 
ATOM   393  C CH2 . TRP A 1 49  ? -2.997  -1.701  4.231   1.00 37.47 ? 92  TRP A CH2 1 
ATOM   394  N N   . GLY A 1 50  ? -7.797  -1.163  0.136   1.00 38.62 ? 93  GLY A N   1 
ATOM   395  C CA  . GLY A 1 50  ? -8.461  -2.377  -0.301  1.00 36.47 ? 93  GLY A CA  1 
ATOM   396  C C   . GLY A 1 50  ? -8.063  -3.505  0.625   1.00 36.09 ? 93  GLY A C   1 
ATOM   397  O O   . GLY A 1 50  ? -8.900  -4.118  1.288   1.00 41.83 ? 93  GLY A O   1 
ATOM   398  N N   . ASP A 1 51  ? -6.764  -3.768  0.655   1.00 37.20 ? 94  ASP A N   1 
ATOM   399  C CA  . ASP A 1 51  ? -6.169  -4.760  1.540   1.00 34.81 ? 94  ASP A CA  1 
ATOM   400  C C   . ASP A 1 51  ? -4.663  -4.542  1.474   1.00 35.39 ? 94  ASP A C   1 
ATOM   401  O O   . ASP A 1 51  ? -4.183  -3.734  0.677   1.00 36.06 ? 94  ASP A O   1 
ATOM   402  C CB  . ASP A 1 51  ? -6.566  -6.182  1.120   1.00 39.77 ? 94  ASP A CB  1 
ATOM   403  C CG  . ASP A 1 51  ? -6.220  -7.235  2.172   1.00 37.54 ? 94  ASP A CG  1 
ATOM   404  O OD1 . ASP A 1 51  ? -5.912  -6.884  3.329   1.00 36.69 ? 94  ASP A OD1 1 
ATOM   405  O OD2 . ASP A 1 51  ? -6.248  -8.433  1.832   1.00 41.18 ? 94  ASP A OD2 1 
ATOM   406  N N   . GLY A 1 52  ? -3.913  -5.248  2.302   1.00 32.94 ? 95  GLY A N   1 
ATOM   407  C CA  . GLY A 1 52  ? -2.485  -5.061  2.371   1.00 36.36 ? 95  GLY A CA  1 
ATOM   408  C C   . GLY A 1 52  ? -1.870  -6.313  2.950   1.00 39.01 ? 95  GLY A C   1 
ATOM   409  O O   . GLY A 1 52  ? -2.553  -7.116  3.575   1.00 37.49 ? 95  GLY A O   1 
ATOM   410  N N   . TYR A 1 53  ? -0.584  -6.494  2.709   1.00 35.44 ? 96  TYR A N   1 
ATOM   411  C CA  . TYR A 1 53  ? 0.138   -7.596  3.293   1.00 37.80 ? 96  TYR A CA  1 
ATOM   412  C C   . TYR A 1 53  ? 1.468   -7.082  3.767   1.00 37.31 ? 96  TYR A C   1 
ATOM   413  O O   . TYR A 1 53  ? 2.295   -6.663  2.968   1.00 38.72 ? 96  TYR A O   1 
ATOM   414  C CB  . TYR A 1 53  ? 0.323   -8.747  2.292   1.00 41.22 ? 96  TYR A CB  1 
ATOM   415  C CG  . TYR A 1 53  ? 1.171   -9.877  2.847   1.00 45.10 ? 96  TYR A CG  1 
ATOM   416  C CD1 . TYR A 1 53  ? 0.602   -10.892 3.605   1.00 51.44 ? 96  TYR A CD1 1 
ATOM   417  C CD2 . TYR A 1 53  ? 2.544   -9.920  2.620   1.00 41.10 ? 96  TYR A CD2 1 
ATOM   418  C CE1 . TYR A 1 53  ? 1.386   -11.926 4.125   1.00 52.40 ? 96  TYR A CE1 1 
ATOM   419  C CE2 . TYR A 1 53  ? 3.329   -10.934 3.132   1.00 44.64 ? 96  TYR A CE2 1 
ATOM   420  C CZ  . TYR A 1 53  ? 2.744   -11.935 3.883   1.00 48.99 ? 96  TYR A CZ  1 
ATOM   421  O OH  . TYR A 1 53  ? 3.520   -12.946 4.388   1.00 58.35 ? 96  TYR A OH  1 
ATOM   422  N N   . TYR A 1 54  ? 1.682   -7.097  5.070   1.00 37.54 ? 97  TYR A N   1 
ATOM   423  C CA  . TYR A 1 54  ? 2.936   -6.621  5.611   1.00 38.72 ? 97  TYR A CA  1 
ATOM   424  C C   . TYR A 1 54  ? 3.885   -7.782  5.891   1.00 43.15 ? 97  TYR A C   1 
ATOM   425  O O   . TYR A 1 54  ? 3.581   -8.658  6.695   1.00 44.12 ? 97  TYR A O   1 
ATOM   426  C CB  . TYR A 1 54  ? 2.693   -5.814  6.893   1.00 37.41 ? 97  TYR A CB  1 
ATOM   427  C CG  . TYR A 1 54  ? 3.972   -5.264  7.454   1.00 40.78 ? 97  TYR A CG  1 
ATOM   428  C CD1 . TYR A 1 54  ? 4.492   -4.059  6.994   1.00 38.16 ? 97  TYR A CD1 1 
ATOM   429  C CD2 . TYR A 1 54  ? 4.682   -5.953  8.421   1.00 38.72 ? 97  TYR A CD2 1 
ATOM   430  C CE1 . TYR A 1 54  ? 5.676   -3.566  7.487   1.00 33.87 ? 97  TYR A CE1 1 
ATOM   431  C CE2 . TYR A 1 54  ? 5.861   -5.462  8.913   1.00 38.39 ? 97  TYR A CE2 1 
ATOM   432  C CZ  . TYR A 1 54  ? 6.354   -4.273  8.443   1.00 37.71 ? 97  TYR A CZ  1 
ATOM   433  O OH  . TYR A 1 54  ? 7.538   -3.776  8.934   1.00 43.84 ? 97  TYR A OH  1 
ATOM   434  N N   . LYS A 1 55  ? 5.040   -7.782  5.233   1.00 42.27 ? 98  LYS A N   1 
ATOM   435  C CA  . LYS A 1 55  ? 6.053   -8.808  5.464   1.00 43.94 ? 98  LYS A CA  1 
ATOM   436  C C   . LYS A 1 55  ? 7.054   -8.348  6.512   1.00 49.08 ? 98  LYS A C   1 
ATOM   437  O O   . LYS A 1 55  ? 7.314   -9.062  7.477   1.00 51.84 ? 98  LYS A O   1 
ATOM   438  C CB  . LYS A 1 55  ? 6.790   -9.160  4.169   1.00 46.77 ? 98  LYS A CB  1 
ATOM   439  C CG  . LYS A 1 55  ? 7.702   -10.370 4.293   1.00 46.61 ? 98  LYS A CG  1 
ATOM   440  C CD  . LYS A 1 55  ? 8.480   -10.639 3.019   1.00 46.30 ? 98  LYS A CD  1 
ATOM   441  C CE  . LYS A 1 55  ? 9.738   -9.801  2.963   1.00 49.64 ? 98  LYS A CE  1 
ATOM   442  N NZ  . LYS A 1 55  ? 10.380  -9.837  1.605   1.00 54.40 ? 98  LYS A NZ  1 
ATOM   443  N N   . GLY A 1 56  ? 7.609   -7.150  6.320   1.00 46.79 ? 99  GLY A N   1 
ATOM   444  C CA  . GLY A 1 56  ? 8.587   -6.595  7.247   1.00 47.44 ? 99  GLY A CA  1 
ATOM   445  C C   . GLY A 1 56  ? 9.989   -7.074  6.941   1.00 52.52 ? 99  GLY A C   1 
ATOM   446  O O   . GLY A 1 56  ? 10.298  -7.379  5.793   1.00 53.70 ? 99  GLY A O   1 
ATOM   447  N N   . GLU A 1 57  ? 10.836  -7.120  7.970   1.00 66.90 ? 100 GLU A N   1 
ATOM   448  C CA  . GLU A 1 57  ? 12.135  -7.793  7.895   1.00 73.49 ? 100 GLU A CA  1 
ATOM   449  C C   . GLU A 1 57  ? 12.463  -8.473  9.228   1.00 79.67 ? 100 GLU A C   1 
ATOM   450  O O   . GLU A 1 57  ? 13.060  -9.553  9.264   1.00 84.18 ? 100 GLU A O   1 
ATOM   451  C CB  . GLU A 1 57  ? 13.253  -6.816  7.521   1.00 76.85 ? 100 GLU A CB  1 
ATOM   452  C CG  . GLU A 1 57  ? 14.553  -7.067  8.288   1.00 83.64 ? 100 GLU A CG  1 
ATOM   453  C CD  . GLU A 1 57  ? 15.655  -6.088  7.939   1.00 93.69 ? 100 GLU A CD  1 
ATOM   454  O OE1 . GLU A 1 57  ? 15.336  -4.966  7.483   1.00 95.14 ? 100 GLU A OE1 1 
ATOM   455  O OE2 . GLU A 1 57  ? 16.840  -6.443  8.136   1.00 91.34 ? 100 GLU A OE2 1 
ATOM   456  N N   . ASN A 1 68  ? 12.532  7.331   19.281  1.00 63.01 ? 111 ASN A N   1 
ATOM   457  C CA  . ASN A 1 68  ? 12.618  7.766   20.674  1.00 68.51 ? 111 ASN A CA  1 
ATOM   458  C C   . ASN A 1 68  ? 11.508  7.133   21.511  1.00 63.55 ? 111 ASN A C   1 
ATOM   459  O O   . ASN A 1 68  ? 10.481  6.709   20.978  1.00 60.20 ? 111 ASN A O   1 
ATOM   460  C CB  . ASN A 1 68  ? 12.549  9.296   20.774  1.00 68.09 ? 111 ASN A CB  1 
ATOM   461  C CG  . ASN A 1 68  ? 11.166  9.843   20.435  1.00 67.37 ? 111 ASN A CG  1 
ATOM   462  O OD1 . ASN A 1 68  ? 10.263  9.831   21.270  1.00 67.01 ? 111 ASN A OD1 1 
ATOM   463  N ND2 . ASN A 1 68  ? 11.001  10.327  19.207  1.00 70.31 ? 111 ASN A ND2 1 
ATOM   464  N N   . THR A 1 69  ? 11.698  7.092   22.822  1.00 58.51 ? 112 THR A N   1 
ATOM   465  C CA  . THR A 1 69  ? 10.792  6.325   23.660  1.00 60.05 ? 112 THR A CA  1 
ATOM   466  C C   . THR A 1 69  ? 9.373   6.903   23.666  1.00 57.32 ? 112 THR A C   1 
ATOM   467  O O   . THR A 1 69  ? 8.402   6.150   23.732  1.00 57.95 ? 112 THR A O   1 
ATOM   468  C CB  . THR A 1 69  ? 11.334  6.206   25.108  1.00 64.42 ? 112 THR A CB  1 
ATOM   469  O OG1 . THR A 1 69  ? 10.362  5.554   25.935  1.00 70.55 ? 112 THR A OG1 1 
ATOM   470  C CG2 . THR A 1 69  ? 11.685  7.577   25.692  1.00 63.18 ? 112 THR A CG2 1 
ATOM   471  N N   . ALA A 1 70  ? 9.241   8.221   23.561  1.00 54.12 ? 113 ALA A N   1 
ATOM   472  C CA  . ALA A 1 70  ? 7.911   8.836   23.538  1.00 53.51 ? 113 ALA A CA  1 
ATOM   473  C C   . ALA A 1 70  ? 7.107   8.353   22.337  1.00 54.46 ? 113 ALA A C   1 
ATOM   474  O O   . ALA A 1 70  ? 5.911   8.040   22.444  1.00 53.35 ? 113 ALA A O   1 
ATOM   475  C CB  . ALA A 1 70  ? 8.022   10.354  23.518  1.00 49.50 ? 113 ALA A CB  1 
ATOM   476  N N   . GLU A 1 71  ? 7.768   8.324   21.184  1.00 52.82 ? 114 GLU A N   1 
ATOM   477  C CA  . GLU A 1 71  ? 7.150   7.870   19.948  1.00 47.35 ? 114 GLU A CA  1 
ATOM   478  C C   . GLU A 1 71  ? 6.738   6.412   20.097  1.00 47.57 ? 114 GLU A C   1 
ATOM   479  O O   . GLU A 1 71  ? 5.627   6.022   19.739  1.00 44.99 ? 114 GLU A O   1 
ATOM   480  C CB  . GLU A 1 71  ? 8.115   8.053   18.780  1.00 49.61 ? 114 GLU A CB  1 
ATOM   481  C CG  . GLU A 1 71  ? 7.643   7.452   17.471  1.00 51.96 ? 114 GLU A CG  1 
ATOM   482  C CD  . GLU A 1 71  ? 8.431   7.984   16.290  1.00 55.21 ? 114 GLU A CD  1 
ATOM   483  O OE1 . GLU A 1 71  ? 9.589   7.546   16.109  1.00 57.72 ? 114 GLU A OE1 1 
ATOM   484  O OE2 . GLU A 1 71  ? 7.895   8.844   15.555  1.00 51.71 ? 114 GLU A OE2 1 
ATOM   485  N N   . GLN A 1 72  ? 7.639   5.619   20.669  1.00 48.75 ? 115 GLN A N   1 
ATOM   486  C CA  . GLN A 1 72  ? 7.365   4.211   20.913  1.00 50.18 ? 115 GLN A CA  1 
ATOM   487  C C   . GLN A 1 72  ? 6.185   4.014   21.869  1.00 52.86 ? 115 GLN A C   1 
ATOM   488  O O   . GLN A 1 72  ? 5.377   3.106   21.670  1.00 53.79 ? 115 GLN A O   1 
ATOM   489  C CB  . GLN A 1 72  ? 8.613   3.515   21.456  1.00 48.31 ? 115 GLN A CB  1 
ATOM   490  C CG  . GLN A 1 72  ? 9.641   3.172   20.399  1.00 52.25 ? 115 GLN A CG  1 
ATOM   491  C CD  . GLN A 1 72  ? 9.050   2.409   19.210  1.00 49.10 ? 115 GLN A CD  1 
ATOM   492  O OE1 . GLN A 1 72  ? 8.202   1.527   19.372  1.00 49.46 ? 115 GLN A OE1 1 
ATOM   493  N NE2 . GLN A 1 72  ? 9.505   2.753   18.009  1.00 48.59 ? 115 GLN A NE2 1 
ATOM   494  N N   . GLU A 1 73  ? 6.076   4.854   22.898  1.00 53.13 ? 116 GLU A N   1 
ATOM   495  C CA  . GLU A 1 73  ? 4.952   4.742   23.822  1.00 54.98 ? 116 GLU A CA  1 
ATOM   496  C C   . GLU A 1 73  ? 3.667   4.964   23.055  1.00 48.90 ? 116 GLU A C   1 
ATOM   497  O O   . GLU A 1 73  ? 2.719   4.216   23.218  1.00 52.27 ? 116 GLU A O   1 
ATOM   498  C CB  . GLU A 1 73  ? 5.063   5.748   24.972  1.00 57.86 ? 116 GLU A CB  1 
ATOM   499  C CG  . GLU A 1 73  ? 6.325   5.612   25.802  1.00 65.23 ? 116 GLU A CG  1 
ATOM   500  C CD  . GLU A 1 73  ? 6.416   6.663   26.885  1.00 74.73 ? 116 GLU A CD  1 
ATOM   501  O OE1 . GLU A 1 73  ? 5.441   7.437   27.048  1.00 76.72 ? 116 GLU A OE1 1 
ATOM   502  O OE2 . GLU A 1 73  ? 7.481   6.749   27.539  1.00 74.04 ? 116 GLU A OE2 1 
ATOM   503  N N   . HIS A 1 74  ? 3.640   6.005   22.228  1.00 49.33 ? 117 HIS A N   1 
ATOM   504  C CA  . HIS A 1 74  ? 2.427   6.362   21.499  1.00 45.83 ? 117 HIS A CA  1 
ATOM   505  C C   . HIS A 1 74  ? 2.035   5.229   20.562  1.00 48.77 ? 117 HIS A C   1 
ATOM   506  O O   . HIS A 1 74  ? 0.869   4.831   20.512  1.00 48.98 ? 117 HIS A O   1 
ATOM   507  C CB  . HIS A 1 74  ? 2.622   7.658   20.715  1.00 43.11 ? 117 HIS A CB  1 
ATOM   508  C CG  . HIS A 1 74  ? 1.521   7.954   19.747  1.00 42.31 ? 117 HIS A CG  1 
ATOM   509  N ND1 . HIS A 1 74  ? 0.228   8.213   20.145  1.00 44.13 ? 117 HIS A ND1 1 
ATOM   510  C CD2 . HIS A 1 74  ? 1.526   8.047   18.397  1.00 41.44 ? 117 HIS A CD2 1 
ATOM   511  C CE1 . HIS A 1 74  ? -0.518  8.449   19.080  1.00 39.76 ? 117 HIS A CE1 1 
ATOM   512  N NE2 . HIS A 1 74  ? 0.247   8.356   18.006  1.00 43.42 ? 117 HIS A NE2 1 
ATOM   513  N N   . ARG A 1 75  ? 3.019   4.707   19.836  1.00 47.89 ? 118 ARG A N   1 
ATOM   514  C CA  . ARG A 1 75  ? 2.770   3.637   18.872  1.00 53.15 ? 118 ARG A CA  1 
ATOM   515  C C   . ARG A 1 75  ? 2.263   2.388   19.576  1.00 48.02 ? 118 ARG A C   1 
ATOM   516  O O   . ARG A 1 75  ? 1.270   1.796   19.163  1.00 43.19 ? 118 ARG A O   1 
ATOM   517  C CB  . ARG A 1 75  ? 4.032   3.313   18.066  1.00 46.09 ? 118 ARG A CB  1 
ATOM   518  C CG  . ARG A 1 75  ? 4.395   4.364   17.027  1.00 39.96 ? 118 ARG A CG  1 
ATOM   519  C CD  . ARG A 1 75  ? 5.572   3.922   16.193  1.00 41.32 ? 118 ARG A CD  1 
ATOM   520  N NE  . ARG A 1 75  ? 6.076   4.991   15.347  1.00 37.69 ? 118 ARG A NE  1 
ATOM   521  C CZ  . ARG A 1 75  ? 7.148   4.895   14.573  1.00 36.21 ? 118 ARG A CZ  1 
ATOM   522  N NH1 . ARG A 1 75  ? 7.843   3.768   14.513  1.00 36.42 ? 118 ARG A NH1 1 
ATOM   523  N NH2 . ARG A 1 75  ? 7.518   5.928   13.840  1.00 37.09 ? 118 ARG A NH2 1 
ATOM   524  N N   . LYS A 1 76  ? 2.940   2.002   20.650  1.00 49.23 ? 119 LYS A N   1 
ATOM   525  C CA  . LYS A 1 76  ? 2.507   0.845   21.422  1.00 55.91 ? 119 LYS A CA  1 
ATOM   526  C C   . LYS A 1 76  ? 1.079   1.061   21.910  1.00 56.06 ? 119 LYS A C   1 
ATOM   527  O O   . LYS A 1 76  ? 0.246   0.162   21.819  1.00 54.05 ? 119 LYS A O   1 
ATOM   528  C CB  . LYS A 1 76  ? 3.464   0.582   22.586  1.00 51.34 ? 119 LYS A CB  1 
ATOM   529  C CG  . LYS A 1 76  ? 4.760   -0.085  22.148  1.00 46.47 ? 119 LYS A CG  1 
ATOM   530  C CD  . LYS A 1 76  ? 5.810   -0.062  23.242  1.00 54.02 ? 119 LYS A CD  1 
ATOM   531  C CE  . LYS A 1 76  ? 7.131   -0.605  22.735  1.00 54.80 ? 119 LYS A CE  1 
ATOM   532  N NZ  . LYS A 1 76  ? 8.273   -0.220  23.618  1.00 58.76 ? 119 LYS A NZ  1 
ATOM   533  N N   . ARG A 1 77  ? 0.793   2.277   22.378  1.00 55.86 ? 120 ARG A N   1 
ATOM   534  C CA  . ARG A 1 77  ? -0.534  2.623   22.870  1.00 57.30 ? 120 ARG A CA  1 
ATOM   535  C C   . ARG A 1 77  ? -1.584  2.463   21.773  1.00 55.39 ? 120 ARG A C   1 
ATOM   536  O O   . ARG A 1 77  ? -2.684  1.958   22.013  1.00 53.65 ? 120 ARG A O   1 
ATOM   537  C CB  . ARG A 1 77  ? -0.545  4.054   23.412  1.00 58.45 ? 120 ARG A CB  1 
ATOM   538  C CG  . ARG A 1 77  ? -1.879  4.492   24.010  1.00 63.54 ? 120 ARG A CG  1 
ATOM   539  C CD  . ARG A 1 77  ? -1.688  5.607   25.032  1.00 73.62 ? 120 ARG A CD  1 
ATOM   540  N NE  . ARG A 1 77  ? -0.332  5.625   25.592  1.00 84.16 ? 120 ARG A NE  1 
ATOM   541  C CZ  . ARG A 1 77  ? 0.572   6.579   25.359  1.00 80.94 ? 120 ARG A CZ  1 
ATOM   542  N NH1 . ARG A 1 77  ? 0.271   7.608   24.575  1.00 85.64 ? 120 ARG A NH1 1 
ATOM   543  N NH2 . ARG A 1 77  ? 1.781   6.502   25.907  1.00 73.39 ? 120 ARG A NH2 1 
ATOM   544  N N   . VAL A 1 78  ? -1.231  2.888   20.564  1.00 51.34 ? 121 VAL A N   1 
ATOM   545  C CA  . VAL A 1 78  ? -2.143  2.807   19.429  1.00 53.87 ? 121 VAL A CA  1 
ATOM   546  C C   . VAL A 1 78  ? -2.435  1.350   19.037  1.00 52.80 ? 121 VAL A C   1 
ATOM   547  O O   . VAL A 1 78  ? -3.578  0.983   18.737  1.00 47.09 ? 121 VAL A O   1 
ATOM   548  C CB  . VAL A 1 78  ? -1.569  3.583   18.228  1.00 54.35 ? 121 VAL A CB  1 
ATOM   549  C CG1 . VAL A 1 78  ? -2.228  3.157   16.915  1.00 50.21 ? 121 VAL A CG1 1 
ATOM   550  C CG2 . VAL A 1 78  ? -1.728  5.077   18.463  1.00 52.43 ? 121 VAL A CG2 1 
ATOM   551  N N   . ILE A 1 79  ? -1.391  0.530   19.053  1.00 50.85 ? 122 ILE A N   1 
ATOM   552  C CA  . ILE A 1 79  ? -1.517  -0.894  18.762  1.00 58.35 ? 122 ILE A CA  1 
ATOM   553  C C   . ILE A 1 79  ? -2.544  -1.536  19.684  1.00 56.99 ? 122 ILE A C   1 
ATOM   554  O O   . ILE A 1 79  ? -3.501  -2.157  19.217  1.00 60.26 ? 122 ILE A O   1 
ATOM   555  C CB  . ILE A 1 79  ? -0.167  -1.635  18.918  1.00 58.62 ? 122 ILE A CB  1 
ATOM   556  C CG1 . ILE A 1 79  ? 0.831   -1.182  17.848  1.00 57.84 ? 122 ILE A CG1 1 
ATOM   557  C CG2 . ILE A 1 79  ? -0.375  -3.132  18.835  1.00 58.49 ? 122 ILE A CG2 1 
ATOM   558  C CD1 . ILE A 1 79  ? 0.383   -1.459  16.430  1.00 53.14 ? 122 ILE A CD1 1 
ATOM   559  N N   . ARG A 1 80  ? -2.347  -1.363  20.992  1.00 60.54 ? 123 ARG A N   1 
ATOM   560  C CA  . ARG A 1 80  ? -3.223  -1.956  22.002  1.00 58.11 ? 123 ARG A CA  1 
ATOM   561  C C   . ARG A 1 80  ? -4.662  -1.499  21.826  1.00 60.00 ? 123 ARG A C   1 
ATOM   562  O O   . ARG A 1 80  ? -5.582  -2.315  21.861  1.00 59.78 ? 123 ARG A O   1 
ATOM   563  C CB  . ARG A 1 80  ? -2.740  -1.627  23.416  1.00 61.50 ? 123 ARG A CB  1 
ATOM   564  C CG  . ARG A 1 80  ? -1.267  -1.923  23.674  1.00 62.80 ? 123 ARG A CG  1 
ATOM   565  C CD  . ARG A 1 80  ? -0.870  -1.508  25.081  1.00 60.77 ? 123 ARG A CD  1 
ATOM   566  N NE  . ARG A 1 80  ? 0.574   -1.342  25.228  1.00 66.51 ? 123 ARG A NE  1 
ATOM   567  C CZ  . ARG A 1 80  ? 1.133   -0.249  25.743  1.00 68.31 ? 123 ARG A CZ  1 
ATOM   568  N NH1 . ARG A 1 80  ? 0.359   0.756   26.133  1.00 68.80 ? 123 ARG A NH1 1 
ATOM   569  N NH2 . ARG A 1 80  ? 2.456   -0.147  25.855  1.00 65.59 ? 123 ARG A NH2 1 
ATOM   570  N N   . GLU A 1 81  ? -4.859  -0.202  21.603  1.00 57.85 ? 124 GLU A N   1 
ATOM   571  C CA  . GLU A 1 81  ? -6.202  0.303   21.361  1.00 61.28 ? 124 GLU A CA  1 
ATOM   572  C C   . GLU A 1 81  ? -6.829  -0.390  20.146  1.00 63.28 ? 124 GLU A C   1 
ATOM   573  O O   . GLU A 1 81  ? -8.008  -0.743  20.169  1.00 65.36 ? 124 GLU A O   1 
ATOM   574  C CB  . GLU A 1 81  ? -6.188  1.821   21.170  1.00 65.21 ? 124 GLU A CB  1 
ATOM   575  C CG  . GLU A 1 81  ? -7.377  2.347   20.384  1.00 70.22 ? 124 GLU A CG  1 
ATOM   576  C CD  . GLU A 1 81  ? -7.672  3.813   20.652  1.00 90.21 ? 124 GLU A CD  1 
ATOM   577  O OE1 . GLU A 1 81  ? -6.992  4.417   21.514  1.00 89.05 ? 124 GLU A OE1 1 
ATOM   578  O OE2 . GLU A 1 81  ? -8.589  4.357   19.997  1.00 91.63 ? 124 GLU A OE2 1 
ATOM   579  N N   . LEU A 1 82  ? -6.030  -0.611  19.101  1.00 63.05 ? 125 LEU A N   1 
ATOM   580  C CA  . LEU A 1 82  ? -6.528  -1.244  17.877  1.00 63.36 ? 125 LEU A CA  1 
ATOM   581  C C   . LEU A 1 82  ? -6.882  -2.715  18.110  1.00 60.14 ? 125 LEU A C   1 
ATOM   582  O O   . LEU A 1 82  ? -7.892  -3.196  17.603  1.00 63.49 ? 125 LEU A O   1 
ATOM   583  C CB  . LEU A 1 82  ? -5.503  -1.113  16.746  1.00 60.61 ? 125 LEU A CB  1 
ATOM   584  C CG  . LEU A 1 82  ? -5.294  0.309   16.212  1.00 58.78 ? 125 LEU A CG  1 
ATOM   585  C CD1 . LEU A 1 82  ? -4.203  0.331   15.160  1.00 52.84 ? 125 LEU A CD1 1 
ATOM   586  C CD2 . LEU A 1 82  ? -6.585  0.912   15.672  1.00 54.35 ? 125 LEU A CD2 1 
ATOM   587  N N   . ASN A 1 83  ? -6.049  -3.420  18.871  1.00 61.18 ? 126 ASN A N   1 
ATOM   588  C CA  . ASN A 1 83  ? -6.361  -4.782  19.299  1.00 62.82 ? 126 ASN A CA  1 
ATOM   589  C C   . ASN A 1 83  ? -7.747  -4.864  19.922  1.00 65.44 ? 126 ASN A C   1 
ATOM   590  O O   . ASN A 1 83  ? -8.547  -5.738  19.575  1.00 68.85 ? 126 ASN A O   1 
ATOM   591  C CB  . ASN A 1 83  ? -5.317  -5.289  20.296  1.00 64.68 ? 126 ASN A CB  1 
ATOM   592  C CG  . ASN A 1 83  ? -4.067  -5.825  19.616  1.00 64.62 ? 126 ASN A CG  1 
ATOM   593  O OD1 . ASN A 1 83  ? -4.146  -6.518  18.599  1.00 67.58 ? 126 ASN A OD1 1 
ATOM   594  N ND2 . ASN A 1 83  ? -2.905  -5.512  20.182  1.00 62.12 ? 126 ASN A ND2 1 
ATOM   595  N N   . SER A 1 84  ? -8.022  -3.931  20.829  1.00 66.63 ? 127 SER A N   1 
ATOM   596  C CA  . SER A 1 84  ? -9.313  -3.848  21.505  1.00 66.04 ? 127 SER A CA  1 
ATOM   597  C C   . SER A 1 84  ? -10.459 -3.767  20.516  1.00 70.42 ? 127 SER A C   1 
ATOM   598  O O   . SER A 1 84  ? -11.366 -4.603  20.542  1.00 76.75 ? 127 SER A O   1 
ATOM   599  C CB  . SER A 1 84  ? -9.363  -2.634  22.439  1.00 67.86 ? 127 SER A CB  1 
ATOM   600  O OG  . SER A 1 84  ? -8.494  -2.801  23.544  1.00 71.34 ? 127 SER A OG  1 
ATOM   601  N N   . LEU A 1 85  ? -10.416 -2.764  19.642  1.00 65.55 ? 128 LEU A N   1 
ATOM   602  C CA  . LEU A 1 85  ? -11.505 -2.535  18.705  1.00 67.75 ? 128 LEU A CA  1 
ATOM   603  C C   . LEU A 1 85  ? -11.515 -3.568  17.573  1.00 66.38 ? 128 LEU A C   1 
ATOM   604  O O   . LEU A 1 85  ? -11.056 -4.702  17.737  1.00 64.47 ? 128 LEU A O   1 
ATOM   605  C CB  . LEU A 1 85  ? -11.416 -1.118  18.136  1.00 69.35 ? 128 LEU A CB  1 
ATOM   606  C CG  . LEU A 1 85  ? -12.741 -0.345  18.102  1.00 78.50 ? 128 LEU A CG  1 
ATOM   607  C CD1 . LEU A 1 85  ? -13.219 0.011   19.514  1.00 75.05 ? 128 LEU A CD1 1 
ATOM   608  C CD2 . LEU A 1 85  ? -12.629 0.916   17.240  1.00 73.71 ? 128 LEU A CD2 1 
ATOM   609  N N   . GLU A 1 99  ? 8.559   -5.918  21.208  1.00 65.94 ? 142 GLU A N   1 
ATOM   610  C CA  . GLU A 1 99  ? 7.377   -5.092  21.437  1.00 63.59 ? 142 GLU A CA  1 
ATOM   611  C C   . GLU A 1 99  ? 7.428   -3.802  20.611  1.00 64.17 ? 142 GLU A C   1 
ATOM   612  O O   . GLU A 1 99  ? 6.399   -3.149  20.418  1.00 56.32 ? 142 GLU A O   1 
ATOM   613  C CB  . GLU A 1 99  ? 7.234   -4.760  22.928  1.00 61.93 ? 142 GLU A CB  1 
ATOM   614  C CG  . GLU A 1 99  ? 5.964   -4.013  23.270  1.00 58.14 ? 142 GLU A CG  1 
ATOM   615  C CD  . GLU A 1 99  ? 5.184   -4.660  24.394  1.00 68.01 ? 142 GLU A CD  1 
ATOM   616  O OE1 . GLU A 1 99  ? 5.749   -4.811  25.502  1.00 65.48 ? 142 GLU A OE1 1 
ATOM   617  O OE2 . GLU A 1 99  ? 4.009   -5.032  24.161  1.00 65.75 ? 142 GLU A OE2 1 
ATOM   618  N N   . GLU A 1 100 ? 8.615   -3.432  20.124  1.00 60.80 ? 143 GLU A N   1 
ATOM   619  C CA  . GLU A 1 100 ? 8.759   -2.182  19.367  1.00 58.86 ? 143 GLU A CA  1 
ATOM   620  C C   . GLU A 1 100 ? 7.883   -2.165  18.103  1.00 57.07 ? 143 GLU A C   1 
ATOM   621  O O   . GLU A 1 100 ? 7.695   -3.184  17.423  1.00 55.68 ? 143 GLU A O   1 
ATOM   622  C CB  . GLU A 1 100 ? 10.231  -1.918  19.001  1.00 52.67 ? 143 GLU A CB  1 
ATOM   623  C CG  . GLU A 1 100 ? 10.731  -2.588  17.715  1.00 62.46 ? 143 GLU A CG  1 
ATOM   624  C CD  . GLU A 1 100 ? 11.931  -1.867  17.068  1.00 66.88 ? 143 GLU A CD  1 
ATOM   625  O OE1 . GLU A 1 100 ? 12.020  -0.625  17.194  1.00 62.83 ? 143 GLU A OE1 1 
ATOM   626  O OE2 . GLU A 1 100 ? 12.786  -2.545  16.439  1.00 70.02 ? 143 GLU A OE2 1 
ATOM   627  N N   . VAL A 1 101 ? 7.333   -0.988  17.819  1.00 52.87 ? 144 VAL A N   1 
ATOM   628  C CA  . VAL A 1 101 ? 6.536   -0.759  16.623  1.00 49.15 ? 144 VAL A CA  1 
ATOM   629  C C   . VAL A 1 101 ? 7.421   -0.006  15.635  1.00 48.24 ? 144 VAL A C   1 
ATOM   630  O O   . VAL A 1 101 ? 7.694   1.189   15.819  1.00 46.99 ? 144 VAL A O   1 
ATOM   631  C CB  . VAL A 1 101 ? 5.257   0.038   16.933  1.00 45.84 ? 144 VAL A CB  1 
ATOM   632  C CG1 . VAL A 1 101 ? 4.370   0.131   15.711  1.00 44.17 ? 144 VAL A CG1 1 
ATOM   633  C CG2 . VAL A 1 101 ? 4.506   -0.616  18.072  1.00 47.80 ? 144 VAL A CG2 1 
ATOM   634  N N   . THR A 1 102 ? 7.903   -0.713  14.615  1.00 42.49 ? 145 THR A N   1 
ATOM   635  C CA  . THR A 1 102 ? 8.913   -0.150  13.722  1.00 41.56 ? 145 THR A CA  1 
ATOM   636  C C   . THR A 1 102 ? 8.311   0.897   12.796  1.00 38.31 ? 145 THR A C   1 
ATOM   637  O O   . THR A 1 102 ? 7.093   0.959   12.615  1.00 38.42 ? 145 THR A O   1 
ATOM   638  C CB  . THR A 1 102 ? 9.605   -1.245  12.871  1.00 40.72 ? 145 THR A CB  1 
ATOM   639  O OG1 . THR A 1 102 ? 8.660   -1.817  11.965  1.00 40.65 ? 145 THR A OG1 1 
ATOM   640  C CG2 . THR A 1 102 ? 10.184  -2.350  13.764  1.00 47.54 ? 145 THR A CG2 1 
ATOM   641  N N   . ASP A 1 103 ? 9.181   1.711   12.211  1.00 36.18 ? 146 ASP A N   1 
ATOM   642  C CA  . ASP A 1 103 ? 8.785   2.719   11.235  1.00 37.04 ? 146 ASP A CA  1 
ATOM   643  C C   . ASP A 1 103 ? 7.955   2.166   10.076  1.00 36.58 ? 146 ASP A C   1 
ATOM   644  O O   . ASP A 1 103 ? 6.922   2.738   9.718   1.00 35.16 ? 146 ASP A O   1 
ATOM   645  C CB  . ASP A 1 103 ? 10.032  3.420   10.681  1.00 36.51 ? 146 ASP A CB  1 
ATOM   646  C CG  . ASP A 1 103 ? 10.608  4.434   11.646  1.00 39.69 ? 146 ASP A CG  1 
ATOM   647  O OD1 . ASP A 1 103 ? 9.943   4.736   12.657  1.00 45.22 ? 146 ASP A OD1 1 
ATOM   648  O OD2 . ASP A 1 103 ? 11.721  4.941   11.393  1.00 44.01 ? 146 ASP A OD2 1 
ATOM   649  N N   . THR A 1 104 ? 8.401   1.058   9.482   1.00 38.33 ? 147 THR A N   1 
ATOM   650  C CA  . THR A 1 104 ? 7.671   0.472   8.362   1.00 35.45 ? 147 THR A CA  1 
ATOM   651  C C   . THR A 1 104 ? 6.365   -0.190  8.794   1.00 34.64 ? 147 THR A C   1 
ATOM   652  O O   . THR A 1 104 ? 5.387   -0.130  8.060   1.00 31.33 ? 147 THR A O   1 
ATOM   653  C CB  . THR A 1 104 ? 8.529   -0.555  7.572   1.00 37.30 ? 147 THR A CB  1 
ATOM   654  O OG1 . THR A 1 104 ? 8.914   -1.639  8.426   1.00 44.01 ? 147 THR A OG1 1 
ATOM   655  C CG2 . THR A 1 104 ? 9.773   0.123   7.009   1.00 42.44 ? 147 THR A CG2 1 
ATOM   656  N N   . GLU A 1 105 ? 6.330   -0.823  9.970   1.00 34.34 ? 148 GLU A N   1 
ATOM   657  C CA  . GLU A 1 105 ? 5.042   -1.284  10.512  1.00 34.74 ? 148 GLU A CA  1 
ATOM   658  C C   . GLU A 1 105 ? 4.050   -0.126  10.652  1.00 35.31 ? 148 GLU A C   1 
ATOM   659  O O   . GLU A 1 105 ? 2.858   -0.225  10.298  1.00 32.84 ? 148 GLU A O   1 
ATOM   660  C CB  . GLU A 1 105 ? 5.212   -1.938  11.887  1.00 43.31 ? 148 GLU A CB  1 
ATOM   661  C CG  . GLU A 1 105 ? 5.819   -3.317  11.899  1.00 45.60 ? 148 GLU A CG  1 
ATOM   662  C CD  . GLU A 1 105 ? 5.779   -3.924  13.282  1.00 53.43 ? 148 GLU A CD  1 
ATOM   663  O OE1 . GLU A 1 105 ? 6.372   -3.328  14.203  1.00 47.88 ? 148 GLU A OE1 1 
ATOM   664  O OE2 . GLU A 1 105 ? 5.140   -4.990  13.451  1.00 64.23 ? 148 GLU A OE2 1 
ATOM   665  N N   . TRP A 1 106 ? 4.559   0.974   11.191  1.00 34.31 ? 149 TRP A N   1 
ATOM   666  C CA  . TRP A 1 106 ? 3.738   2.140   11.476  1.00 36.28 ? 149 TRP A CA  1 
ATOM   667  C C   . TRP A 1 106 ? 3.221   2.743   10.178  1.00 35.06 ? 149 TRP A C   1 
ATOM   668  O O   . TRP A 1 106 ? 2.043   3.074   10.062  1.00 33.77 ? 149 TRP A O   1 
ATOM   669  C CB  . TRP A 1 106 ? 4.550   3.161   12.285  1.00 36.02 ? 149 TRP A CB  1 
ATOM   670  C CG  . TRP A 1 106 ? 3.760   4.342   12.719  1.00 38.37 ? 149 TRP A CG  1 
ATOM   671  C CD1 . TRP A 1 106 ? 3.879   5.625   12.267  1.00 37.84 ? 149 TRP A CD1 1 
ATOM   672  C CD2 . TRP A 1 106 ? 2.706   4.347   13.679  1.00 38.10 ? 149 TRP A CD2 1 
ATOM   673  N NE1 . TRP A 1 106 ? 2.958   6.430   12.892  1.00 40.54 ? 149 TRP A NE1 1 
ATOM   674  C CE2 . TRP A 1 106 ? 2.228   5.671   13.767  1.00 37.77 ? 149 TRP A CE2 1 
ATOM   675  C CE3 . TRP A 1 106 ? 2.120   3.361   14.480  1.00 40.36 ? 149 TRP A CE3 1 
ATOM   676  C CZ2 . TRP A 1 106 ? 1.201   6.031   14.620  1.00 41.14 ? 149 TRP A CZ2 1 
ATOM   677  C CZ3 . TRP A 1 106 ? 1.095   3.721   15.327  1.00 40.27 ? 149 TRP A CZ3 1 
ATOM   678  C CH2 . TRP A 1 106 ? 0.646   5.041   15.392  1.00 43.52 ? 149 TRP A CH2 1 
ATOM   679  N N   . PHE A 1 107 ? 4.108   2.858   9.190   1.00 37.22 ? 150 PHE A N   1 
ATOM   680  C CA  . PHE A 1 107 ? 3.729   3.397   7.881   1.00 32.89 ? 150 PHE A CA  1 
ATOM   681  C C   . PHE A 1 107 ? 2.655   2.541   7.236   1.00 34.35 ? 150 PHE A C   1 
ATOM   682  O O   . PHE A 1 107 ? 1.680   3.059   6.695   1.00 30.29 ? 150 PHE A O   1 
ATOM   683  C CB  . PHE A 1 107 ? 4.948   3.496   6.950   1.00 30.85 ? 150 PHE A CB  1 
ATOM   684  C CG  . PHE A 1 107 ? 4.604   3.943   5.540   1.00 31.75 ? 150 PHE A CG  1 
ATOM   685  C CD1 . PHE A 1 107 ? 4.192   5.257   5.286   1.00 30.22 ? 150 PHE A CD1 1 
ATOM   686  C CD2 . PHE A 1 107 ? 4.691   3.057   4.478   1.00 27.18 ? 150 PHE A CD2 1 
ATOM   687  C CE1 . PHE A 1 107 ? 3.879   5.677   3.989   1.00 29.04 ? 150 PHE A CE1 1 
ATOM   688  C CE2 . PHE A 1 107 ? 4.380   3.484   3.168   1.00 31.41 ? 150 PHE A CE2 1 
ATOM   689  C CZ  . PHE A 1 107 ? 3.970   4.795   2.936   1.00 24.51 ? 150 PHE A CZ  1 
ATOM   690  N N   . PHE A 1 108 ? 2.848   1.226   7.286   1.00 33.46 ? 151 PHE A N   1 
ATOM   691  C CA  . PHE A 1 108 ? 1.837   0.302   6.783   1.00 37.45 ? 151 PHE A CA  1 
ATOM   692  C C   . PHE A 1 108 ? 0.494   0.557   7.479   1.00 35.69 ? 151 PHE A C   1 
ATOM   693  O O   . PHE A 1 108 ? -0.562  0.678   6.855   1.00 29.47 ? 151 PHE A O   1 
ATOM   694  C CB  . PHE A 1 108 ? 2.299   -1.139  7.005   1.00 31.99 ? 151 PHE A CB  1 
ATOM   695  C CG  . PHE A 1 108 ? 1.344   -2.162  6.491   1.00 38.90 ? 151 PHE A CG  1 
ATOM   696  C CD1 . PHE A 1 108 ? 1.371   -2.543  5.162   1.00 34.28 ? 151 PHE A CD1 1 
ATOM   697  C CD2 . PHE A 1 108 ? 0.426   -2.760  7.343   1.00 38.56 ? 151 PHE A CD2 1 
ATOM   698  C CE1 . PHE A 1 108 ? 0.500   -3.493  4.690   1.00 35.59 ? 151 PHE A CE1 1 
ATOM   699  C CE2 . PHE A 1 108 ? -0.453  -3.712  6.876   1.00 36.62 ? 151 PHE A CE2 1 
ATOM   700  C CZ  . PHE A 1 108 ? -0.415  -4.085  5.558   1.00 36.83 ? 151 PHE A CZ  1 
ATOM   701  N N   . LEU A 1 109 ? 0.567   0.660   8.795   1.00 32.72 ? 152 LEU A N   1 
ATOM   702  C CA  . LEU A 1 109 ? -0.608  0.859   9.629   1.00 38.40 ? 152 LEU A CA  1 
ATOM   703  C C   . LEU A 1 109 ? -1.335  2.171   9.313   1.00 36.41 ? 152 LEU A C   1 
ATOM   704  O O   . LEU A 1 109 ? -2.530  2.197   9.033   1.00 35.66 ? 152 LEU A O   1 
ATOM   705  C CB  . LEU A 1 109 ? -0.173  0.838   11.090  1.00 39.43 ? 152 LEU A CB  1 
ATOM   706  C CG  . LEU A 1 109 ? -1.114  0.213   12.105  1.00 50.90 ? 152 LEU A CG  1 
ATOM   707  C CD1 . LEU A 1 109 ? -0.370  0.165   13.406  1.00 50.85 ? 152 LEU A CD1 1 
ATOM   708  C CD2 . LEU A 1 109 ? -2.382  1.054   12.237  1.00 51.10 ? 152 LEU A CD2 1 
ATOM   709  N N   . VAL A 1 110 ? -0.580  3.258   9.363   1.00 33.76 ? 153 VAL A N   1 
ATOM   710  C CA  . VAL A 1 110 ? -1.079  4.592   9.089   1.00 36.52 ? 153 VAL A CA  1 
ATOM   711  C C   . VAL A 1 110 ? -1.672  4.703   7.674   1.00 36.65 ? 153 VAL A C   1 
ATOM   712  O O   . VAL A 1 110 ? -2.607  5.474   7.434   1.00 33.01 ? 153 VAL A O   1 
ATOM   713  C CB  . VAL A 1 110 ? 0.070   5.605   9.293   1.00 38.59 ? 153 VAL A CB  1 
ATOM   714  C CG1 . VAL A 1 110 ? -0.060  6.769   8.384   1.00 41.28 ? 153 VAL A CG1 1 
ATOM   715  C CG2 . VAL A 1 110 ? 0.140   6.037   10.757  1.00 38.05 ? 153 VAL A CG2 1 
ATOM   716  N N   . SER A 1 111 ? -1.131  3.907   6.750   1.00 34.50 ? 154 SER A N   1 
ATOM   717  C CA  . SER A 1 111 ? -1.608  3.882   5.369   1.00 33.12 ? 154 SER A CA  1 
ATOM   718  C C   . SER A 1 111 ? -3.062  3.465   5.246   1.00 32.05 ? 154 SER A C   1 
ATOM   719  O O   . SER A 1 111 ? -3.734  3.840   4.282   1.00 33.32 ? 154 SER A O   1 
ATOM   720  C CB  . SER A 1 111 ? -0.729  2.944   4.529   1.00 31.44 ? 154 SER A CB  1 
ATOM   721  O OG  . SER A 1 111 ? 0.597   3.435   4.469   1.00 28.50 ? 154 SER A OG  1 
ATOM   722  N N   . MET A 1 112 ? -3.551  2.690   6.212   1.00 37.39 ? 155 MET A N   1 
ATOM   723  C CA  . MET A 1 112 ? -4.913  2.140   6.131   1.00 40.04 ? 155 MET A CA  1 
ATOM   724  C C   . MET A 1 112 ? -6.017  3.204   6.103   1.00 36.71 ? 155 MET A C   1 
ATOM   725  O O   . MET A 1 112 ? -7.115  2.930   5.633   1.00 36.94 ? 155 MET A O   1 
ATOM   726  C CB  . MET A 1 112 ? -5.182  1.172   7.286   1.00 38.03 ? 155 MET A CB  1 
ATOM   727  C CG  . MET A 1 112 ? -4.229  -0.013  7.337   1.00 38.38 ? 155 MET A CG  1 
ATOM   728  S SD  . MET A 1 112 ? -4.740  -1.331  8.467   1.00 50.55 ? 155 MET A SD  1 
ATOM   729  C CE  . MET A 1 112 ? -3.214  -2.263  8.577   1.00 44.59 ? 155 MET A CE  1 
ATOM   730  N N   . THR A 1 113 ? -5.725  4.415   6.571   1.00 34.26 ? 156 THR A N   1 
ATOM   731  C CA  . THR A 1 113 ? -6.745  5.464   6.617   1.00 38.60 ? 156 THR A CA  1 
ATOM   732  C C   . THR A 1 113 ? -6.578  6.505   5.522   1.00 40.21 ? 156 THR A C   1 
ATOM   733  O O   . THR A 1 113 ? -7.332  7.481   5.472   1.00 36.66 ? 156 THR A O   1 
ATOM   734  C CB  . THR A 1 113 ? -6.758  6.202   7.972   1.00 42.71 ? 156 THR A CB  1 
ATOM   735  O OG1 . THR A 1 113 ? -5.470  6.774   8.223   1.00 50.72 ? 156 THR A OG1 1 
ATOM   736  C CG2 . THR A 1 113 ? -7.124  5.245   9.102   1.00 47.72 ? 156 THR A CG2 1 
ATOM   737  N N   . GLN A 1 114 ? -5.608  6.289   4.635   1.00 37.43 ? 157 GLN A N   1 
ATOM   738  C CA  . GLN A 1 114 ? -5.376  7.230   3.545   1.00 37.90 ? 157 GLN A CA  1 
ATOM   739  C C   . GLN A 1 114 ? -6.285  6.904   2.361   1.00 32.55 ? 157 GLN A C   1 
ATOM   740  O O   . GLN A 1 114 ? -6.755  5.782   2.209   1.00 33.05 ? 157 GLN A O   1 
ATOM   741  C CB  . GLN A 1 114 ? -3.898  7.222   3.126   1.00 33.05 ? 157 GLN A CB  1 
ATOM   742  C CG  . GLN A 1 114 ? -2.999  7.819   4.186   1.00 37.32 ? 157 GLN A CG  1 
ATOM   743  C CD  . GLN A 1 114 ? -1.525  7.766   3.839   1.00 36.02 ? 157 GLN A CD  1 
ATOM   744  O OE1 . GLN A 1 114 ? -1.146  7.813   2.673   1.00 34.74 ? 157 GLN A OE1 1 
ATOM   745  N NE2 . GLN A 1 114 ? -0.680  7.651   4.865   1.00 33.72 ? 157 GLN A NE2 1 
ATOM   746  N N   . SER A 1 115 ? -6.541  7.900   1.532   1.00 34.19 ? 158 SER A N   1 
ATOM   747  C CA  . SER A 1 115 ? -7.318  7.693   0.323   1.00 31.58 ? 158 SER A CA  1 
ATOM   748  C C   . SER A 1 115 ? -6.911  8.743   -0.677  1.00 33.73 ? 158 SER A C   1 
ATOM   749  O O   . SER A 1 115 ? -6.229  9.716   -0.322  1.00 33.59 ? 158 SER A O   1 
ATOM   750  C CB  . SER A 1 115 ? -8.815  7.760   0.610   1.00 34.50 ? 158 SER A CB  1 
ATOM   751  O OG  . SER A 1 115 ? -9.119  8.960   1.292   1.00 39.59 ? 158 SER A OG  1 
ATOM   752  N N   . PHE A 1 116 ? -7.312  8.557   -1.930  1.00 33.42 ? 159 PHE A N   1 
ATOM   753  C CA  . PHE A 1 116 ? -6.761  9.367   -3.001  1.00 31.98 ? 159 PHE A CA  1 
ATOM   754  C C   . PHE A 1 116 ? -7.789  9.650   -4.077  1.00 34.89 ? 159 PHE A C   1 
ATOM   755  O O   . PHE A 1 116 ? -8.374  8.745   -4.657  1.00 38.62 ? 159 PHE A O   1 
ATOM   756  C CB  . PHE A 1 116 ? -5.524  8.665   -3.606  1.00 32.98 ? 159 PHE A CB  1 
ATOM   757  C CG  . PHE A 1 116 ? -4.513  8.258   -2.575  1.00 31.20 ? 159 PHE A CG  1 
ATOM   758  C CD1 . PHE A 1 116 ? -4.570  7.007   -1.986  1.00 31.18 ? 159 PHE A CD1 1 
ATOM   759  C CD2 . PHE A 1 116 ? -3.545  9.151   -2.151  1.00 34.31 ? 159 PHE A CD2 1 
ATOM   760  C CE1 . PHE A 1 116 ? -3.672  6.651   -0.999  1.00 31.09 ? 159 PHE A CE1 1 
ATOM   761  C CE2 . PHE A 1 116 ? -2.641  8.808   -1.175  1.00 35.51 ? 159 PHE A CE2 1 
ATOM   762  C CZ  . PHE A 1 116 ? -2.695  7.550   -0.600  1.00 34.35 ? 159 PHE A CZ  1 
ATOM   763  N N   . VAL A 1 117 ? -8.021  10.924  -4.322  1.00 34.19 ? 160 VAL A N   1 
ATOM   764  C CA  . VAL A 1 117 ? -8.825  11.355  -5.447  1.00 34.47 ? 160 VAL A CA  1 
ATOM   765  C C   . VAL A 1 117 ? -8.113  10.938  -6.736  1.00 35.88 ? 160 VAL A C   1 
ATOM   766  O O   . VAL A 1 117 ? -6.890  11.080  -6.842  1.00 36.54 ? 160 VAL A O   1 
ATOM   767  C CB  . VAL A 1 117 ? -9.047  12.890  -5.372  1.00 35.93 ? 160 VAL A CB  1 
ATOM   768  C CG1 . VAL A 1 117 ? -9.368  13.475  -6.725  1.00 41.56 ? 160 VAL A CG1 1 
ATOM   769  C CG2 . VAL A 1 117 ? -10.135 13.217  -4.339  1.00 34.65 ? 160 VAL A CG2 1 
ATOM   770  N N   . ASN A 1 118 ? -8.853  10.399  -7.700  1.00 38.53 ? 161 ASN A N   1 
ATOM   771  C CA  . ASN A 1 118 ? -8.265  10.022  -8.981  1.00 38.14 ? 161 ASN A CA  1 
ATOM   772  C C   . ASN A 1 118 ? -7.336  11.115  -9.477  1.00 39.09 ? 161 ASN A C   1 
ATOM   773  O O   . ASN A 1 118 ? -7.677  12.301  -9.424  1.00 35.78 ? 161 ASN A O   1 
ATOM   774  C CB  . ASN A 1 118 ? -9.342  9.736   -10.029 1.00 39.20 ? 161 ASN A CB  1 
ATOM   775  C CG  . ASN A 1 118 ? -8.829  8.866   -11.172 1.00 40.78 ? 161 ASN A CG  1 
ATOM   776  O OD1 . ASN A 1 118 ? -7.670  8.435   -11.169 1.00 39.89 ? 161 ASN A OD1 1 
ATOM   777  N ND2 . ASN A 1 118 ? -9.698  8.566   -12.129 1.00 41.63 ? 161 ASN A ND2 1 
ATOM   778  N N   . GLY A 1 119 ? -6.133  10.720  -9.882  1.00 34.35 ? 162 GLY A N   1 
ATOM   779  C CA  . GLY A 1 119 ? -5.169  11.674  -10.408 1.00 36.83 ? 162 GLY A CA  1 
ATOM   780  C C   . GLY A 1 119 ? -4.262  12.325  -9.385  1.00 37.32 ? 162 GLY A C   1 
ATOM   781  O O   . GLY A 1 119 ? -3.286  12.960  -9.760  1.00 40.28 ? 162 GLY A O   1 
ATOM   782  N N   . VAL A 1 120 ? -4.569  12.176  -8.099  1.00 36.34 ? 163 VAL A N   1 
ATOM   783  C CA  . VAL A 1 120 ? -3.823  12.886  -7.062  1.00 37.76 ? 163 VAL A CA  1 
ATOM   784  C C   . VAL A 1 120 ? -3.075  11.943  -6.125  1.00 38.05 ? 163 VAL A C   1 
ATOM   785  O O   . VAL A 1 120 ? -3.628  10.948  -5.647  1.00 34.97 ? 163 VAL A O   1 
ATOM   786  C CB  . VAL A 1 120 ? -4.750  13.796  -6.217  1.00 40.61 ? 163 VAL A CB  1 
ATOM   787  C CG1 . VAL A 1 120 ? -3.933  14.633  -5.262  1.00 38.07 ? 163 VAL A CG1 1 
ATOM   788  C CG2 . VAL A 1 120 ? -5.618  14.700  -7.129  1.00 33.61 ? 163 VAL A CG2 1 
ATOM   789  N N   . GLY A 1 121 ? -1.810  12.262  -5.869  1.00 37.74 ? 164 GLY A N   1 
ATOM   790  C CA  . GLY A 1 121 ? -0.973  11.435  -5.023  1.00 36.12 ? 164 GLY A CA  1 
ATOM   791  C C   . GLY A 1 121 ? -0.477  10.237  -5.805  1.00 35.24 ? 164 GLY A C   1 
ATOM   792  O O   . GLY A 1 121 ? -0.879  10.036  -6.936  1.00 35.89 ? 164 GLY A O   1 
ATOM   793  N N   . LEU A 1 122 ? 0.381   9.426   -5.195  1.00 35.99 ? 165 LEU A N   1 
ATOM   794  C CA  . LEU A 1 122 ? 1.021   8.349   -5.934  1.00 37.94 ? 165 LEU A CA  1 
ATOM   795  C C   . LEU A 1 122 ? -0.006  7.344   -6.499  1.00 34.13 ? 165 LEU A C   1 
ATOM   796  O O   . LEU A 1 122 ? 0.028   7.050   -7.687  1.00 35.34 ? 165 LEU A O   1 
ATOM   797  C CB  . LEU A 1 122 ? 2.062   7.655   -5.055  1.00 38.48 ? 165 LEU A CB  1 
ATOM   798  C CG  . LEU A 1 122 ? 3.104   6.815   -5.798  1.00 42.13 ? 165 LEU A CG  1 
ATOM   799  C CD1 . LEU A 1 122 ? 3.754   7.638   -6.887  1.00 34.75 ? 165 LEU A CD1 1 
ATOM   800  C CD2 . LEU A 1 122 ? 4.142   6.357   -4.804  1.00 43.11 ? 165 LEU A CD2 1 
ATOM   801  N N   . PRO A 1 123 ? -0.942  6.841   -5.669  1.00 32.57 ? 166 PRO A N   1 
ATOM   802  C CA  . PRO A 1 123 ? -1.952  5.942   -6.250  1.00 31.38 ? 166 PRO A CA  1 
ATOM   803  C C   . PRO A 1 123 ? -2.878  6.578   -7.284  1.00 33.23 ? 166 PRO A C   1 
ATOM   804  O O   . PRO A 1 123 ? -3.153  5.962   -8.314  1.00 34.59 ? 166 PRO A O   1 
ATOM   805  C CB  . PRO A 1 123 ? -2.763  5.502   -5.023  1.00 35.16 ? 166 PRO A CB  1 
ATOM   806  C CG  . PRO A 1 123 ? -1.816  5.582   -3.902  1.00 31.50 ? 166 PRO A CG  1 
ATOM   807  C CD  . PRO A 1 123 ? -1.008  6.834   -4.196  1.00 35.38 ? 166 PRO A CD  1 
ATOM   808  N N   . GLY A 1 124 ? -3.374  7.776   -7.005  1.00 35.68 ? 167 GLY A N   1 
ATOM   809  C CA  . GLY A 1 124 ? -4.274  8.464   -7.915  1.00 32.67 ? 167 GLY A CA  1 
ATOM   810  C C   . GLY A 1 124 ? -3.667  8.820   -9.259  1.00 32.86 ? 167 GLY A C   1 
ATOM   811  O O   . GLY A 1 124 ? -4.341  8.709   -10.282 1.00 34.12 ? 167 GLY A O   1 
ATOM   812  N N   . GLU A 1 125 ? -2.409  9.267   -9.266  1.00 30.39 ? 168 GLU A N   1 
ATOM   813  C CA  . GLU A 1 125 ? -1.682  9.475   -10.519 1.00 34.92 ? 168 GLU A CA  1 
ATOM   814  C C   . GLU A 1 125 ? -1.490  8.166   -11.253 1.00 31.49 ? 168 GLU A C   1 
ATOM   815  O O   . GLU A 1 125 ? -1.599  8.112   -12.467 1.00 32.87 ? 168 GLU A O   1 
ATOM   816  C CB  . GLU A 1 125 ? -0.310  10.115  -10.272 1.00 37.62 ? 168 GLU A CB  1 
ATOM   817  C CG  . GLU A 1 125 ? -0.262  11.603  -10.608 1.00 58.13 ? 168 GLU A CG  1 
ATOM   818  C CD  . GLU A 1 125 ? 0.990   12.299  -10.095 1.00 61.39 ? 168 GLU A CD  1 
ATOM   819  O OE1 . GLU A 1 125 ? 1.950   11.599  -9.676  1.00 56.19 ? 168 GLU A OE1 1 
ATOM   820  O OE2 . GLU A 1 125 ? 0.996   13.552  -10.105 1.00 60.04 ? 168 GLU A OE2 1 
ATOM   821  N N   . SER A 1 126 ? -1.178  7.112   -10.512 1.00 30.18 ? 169 SER A N   1 
ATOM   822  C CA  . SER A 1 126 ? -1.014  5.808   -11.130 1.00 31.59 ? 169 SER A CA  1 
ATOM   823  C C   . SER A 1 126 ? -2.316  5.363   -11.800 1.00 32.05 ? 169 SER A C   1 
ATOM   824  O O   . SER A 1 126 ? -2.335  4.942   -12.953 1.00 32.12 ? 169 SER A O   1 
ATOM   825  C CB  . SER A 1 126 ? -0.559  4.774   -10.100 1.00 29.18 ? 169 SER A CB  1 
ATOM   826  O OG  . SER A 1 126 ? -0.608  3.460   -10.646 1.00 29.87 ? 169 SER A OG  1 
ATOM   827  N N   . PHE A 1 127 ? -3.420  5.485   -11.086 1.00 31.43 ? 170 PHE A N   1 
ATOM   828  C CA  . PHE A 1 127 ? -4.658  4.993   -11.642 1.00 33.67 ? 170 PHE A CA  1 
ATOM   829  C C   . PHE A 1 127 ? -5.141  5.817   -12.833 1.00 34.70 ? 170 PHE A C   1 
ATOM   830  O O   . PHE A 1 127 ? -5.513  5.254   -13.855 1.00 37.10 ? 170 PHE A O   1 
ATOM   831  C CB  . PHE A 1 127 ? -5.755  4.944   -10.588 1.00 36.37 ? 170 PHE A CB  1 
ATOM   832  C CG  . PHE A 1 127 ? -6.984  4.259   -11.078 1.00 38.74 ? 170 PHE A CG  1 
ATOM   833  C CD1 . PHE A 1 127 ? -7.015  2.882   -11.184 1.00 36.81 ? 170 PHE A CD1 1 
ATOM   834  C CD2 . PHE A 1 127 ? -8.082  4.990   -11.490 1.00 40.10 ? 170 PHE A CD2 1 
ATOM   835  C CE1 . PHE A 1 127 ? -8.133  2.247   -11.659 1.00 44.37 ? 170 PHE A CE1 1 
ATOM   836  C CE2 . PHE A 1 127 ? -9.199  4.359   -11.963 1.00 43.81 ? 170 PHE A CE2 1 
ATOM   837  C CZ  . PHE A 1 127 ? -9.229  2.983   -12.047 1.00 39.16 ? 170 PHE A CZ  1 
ATOM   838  N N   . LEU A 1 128 ? -5.124  7.141   -12.702 1.00 35.18 ? 171 LEU A N   1 
ATOM   839  C CA  . LEU A 1 128 ? -5.658  8.032   -13.744 1.00 34.98 ? 171 LEU A CA  1 
ATOM   840  C C   . LEU A 1 128 ? -5.032  7.791   -15.116 1.00 38.17 ? 171 LEU A C   1 
ATOM   841  O O   . LEU A 1 128 ? -5.722  7.747   -16.142 1.00 42.40 ? 171 LEU A O   1 
ATOM   842  C CB  . LEU A 1 128 ? -5.451  9.495   -13.345 1.00 36.11 ? 171 LEU A CB  1 
ATOM   843  C CG  . LEU A 1 128 ? -6.132  10.544  -14.224 1.00 40.50 ? 171 LEU A CG  1 
ATOM   844  C CD1 . LEU A 1 128 ? -7.626  10.567  -13.966 1.00 44.55 ? 171 LEU A CD1 1 
ATOM   845  C CD2 . LEU A 1 128 ? -5.542  11.927  -14.022 1.00 45.82 ? 171 LEU A CD2 1 
ATOM   846  N N   . ASN A 1 129 ? -3.714  7.648   -15.142 1.00 38.55 ? 172 ASN A N   1 
ATOM   847  C CA  . ASN A 1 129 ? -3.013  7.474   -16.400 1.00 34.29 ? 172 ASN A CA  1 
ATOM   848  C C   . ASN A 1 129 ? -2.595  6.024   -16.663 1.00 34.94 ? 172 ASN A C   1 
ATOM   849  O O   . ASN A 1 129 ? -1.786  5.773   -17.546 1.00 38.53 ? 172 ASN A O   1 
ATOM   850  C CB  . ASN A 1 129 ? -1.799  8.399   -16.431 1.00 39.26 ? 172 ASN A CB  1 
ATOM   851  C CG  . ASN A 1 129 ? -2.187  9.864   -16.264 1.00 46.16 ? 172 ASN A CG  1 
ATOM   852  O OD1 . ASN A 1 129 ? -2.788  10.461  -17.164 1.00 42.64 ? 172 ASN A OD1 1 
ATOM   853  N ND2 . ASN A 1 129 ? -1.853  10.449  -15.106 1.00 43.93 ? 172 ASN A ND2 1 
ATOM   854  N N   . SER A 1 130 ? -3.162  5.081   -15.905 1.00 39.02 ? 173 SER A N   1 
ATOM   855  C CA  . SER A 1 130 ? -2.866  3.652   -16.058 1.00 37.49 ? 173 SER A CA  1 
ATOM   856  C C   . SER A 1 130 ? -1.387  3.376   -16.079 1.00 35.23 ? 173 SER A C   1 
ATOM   857  O O   . SER A 1 130 ? -0.894  2.732   -17.001 1.00 35.62 ? 173 SER A O   1 
ATOM   858  C CB  . SER A 1 130 ? -3.487  3.105   -17.344 1.00 38.77 ? 173 SER A CB  1 
ATOM   859  O OG  . SER A 1 130 ? -4.854  3.431   -17.381 1.00 38.06 ? 173 SER A OG  1 
ATOM   860  N N   . ARG A 1 131 ? -0.692  3.871   -15.063 1.00 30.35 ? 174 ARG A N   1 
ATOM   861  C CA  . ARG A 1 131 ? 0.751   3.973   -15.088 1.00 31.42 ? 174 ARG A CA  1 
ATOM   862  C C   . ARG A 1 131 ? 1.411   3.012   -14.155 1.00 30.55 ? 174 ARG A C   1 
ATOM   863  O O   . ARG A 1 131 ? 0.829   2.623   -13.146 1.00 29.60 ? 174 ARG A O   1 
ATOM   864  C CB  . ARG A 1 131 ? 1.201   5.380   -14.700 1.00 31.67 ? 174 ARG A CB  1 
ATOM   865  C CG  . ARG A 1 131 ? 1.276   6.325   -15.840 1.00 42.16 ? 174 ARG A CG  1 
ATOM   866  C CD  . ARG A 1 131 ? 2.588   7.024   -15.821 1.00 37.94 ? 174 ARG A CD  1 
ATOM   867  N NE  . ARG A 1 131 ? 2.492   8.232   -15.035 1.00 43.17 ? 174 ARG A NE  1 
ATOM   868  C CZ  . ARG A 1 131 ? 2.006   9.383   -15.496 1.00 59.87 ? 174 ARG A CZ  1 
ATOM   869  N NH1 . ARG A 1 131 ? 1.580   9.483   -16.757 1.00 49.42 ? 174 ARG A NH1 1 
ATOM   870  N NH2 . ARG A 1 131 ? 1.950   10.440  -14.688 1.00 58.83 ? 174 ARG A NH2 1 
ATOM   871  N N   . VAL A 1 132 ? 2.643   2.664   -14.504 1.00 28.31 ? 175 VAL A N   1 
ATOM   872  C CA  . VAL A 1 132 ? 3.604   2.106   -13.572 1.00 29.42 ? 175 VAL A CA  1 
ATOM   873  C C   . VAL A 1 132 ? 4.503   3.243   -13.100 1.00 31.29 ? 175 VAL A C   1 
ATOM   874  O O   . VAL A 1 132 ? 5.224   3.825   -13.890 1.00 30.74 ? 175 VAL A O   1 
ATOM   875  C CB  . VAL A 1 132 ? 4.457   1.005   -14.217 1.00 29.08 ? 175 VAL A CB  1 
ATOM   876  C CG1 . VAL A 1 132 ? 5.558   0.517   -13.240 1.00 24.80 ? 175 VAL A CG1 1 
ATOM   877  C CG2 . VAL A 1 132 ? 3.558   -0.134  -14.677 1.00 28.07 ? 175 VAL A CG2 1 
ATOM   878  N N   . ILE A 1 133 ? 4.458   3.560   -11.814 1.00 30.53 ? 176 ILE A N   1 
ATOM   879  C CA  . ILE A 1 133 ? 5.340   4.570   -11.253 1.00 30.90 ? 176 ILE A CA  1 
ATOM   880  C C   . ILE A 1 133 ? 6.341   3.844   -10.366 1.00 28.73 ? 176 ILE A C   1 
ATOM   881  O O   . ILE A 1 133 ? 5.974   3.309   -9.326  1.00 27.97 ? 176 ILE A O   1 
ATOM   882  C CB  . ILE A 1 133 ? 4.548   5.649   -10.453 1.00 28.47 ? 176 ILE A CB  1 
ATOM   883  C CG1 . ILE A 1 133 ? 3.345   6.130   -11.270 1.00 31.45 ? 176 ILE A CG1 1 
ATOM   884  C CG2 . ILE A 1 133 ? 5.461   6.807   -10.063 1.00 29.18 ? 176 ILE A CG2 1 
ATOM   885  C CD1 . ILE A 1 133 ? 2.558   7.325   -10.655 1.00 31.16 ? 176 ILE A CD1 1 
ATOM   886  N N   . TRP A 1 134 ? 7.599   3.790   -10.793 1.00 28.48 ? 177 TRP A N   1 
ATOM   887  C CA  . TRP A 1 134 ? 8.609   3.010   -10.067 1.00 28.38 ? 177 TRP A CA  1 
ATOM   888  C C   . TRP A 1 134 ? 9.642   3.937   -9.456  1.00 27.74 ? 177 TRP A C   1 
ATOM   889  O O   . TRP A 1 134 ? 10.474  4.474   -10.168 1.00 27.92 ? 177 TRP A O   1 
ATOM   890  C CB  . TRP A 1 134 ? 9.318   1.998   -10.992 1.00 27.91 ? 177 TRP A CB  1 
ATOM   891  C CG  . TRP A 1 134 ? 10.094  0.947   -10.215 1.00 28.38 ? 177 TRP A CG  1 
ATOM   892  C CD1 . TRP A 1 134 ? 11.293  1.104   -9.565  1.00 29.09 ? 177 TRP A CD1 1 
ATOM   893  C CD2 . TRP A 1 134 ? 9.690   -0.396  -9.981  1.00 26.07 ? 177 TRP A CD2 1 
ATOM   894  N NE1 . TRP A 1 134 ? 11.658  -0.070  -8.948  1.00 27.45 ? 177 TRP A NE1 1 
ATOM   895  C CE2 . TRP A 1 134 ? 10.688  -1.006  -9.194  1.00 30.02 ? 177 TRP A CE2 1 
ATOM   896  C CE3 . TRP A 1 134 ? 8.582   -1.150  -10.365 1.00 28.75 ? 177 TRP A CE3 1 
ATOM   897  C CZ2 . TRP A 1 134 ? 10.604  -2.316  -8.789  1.00 28.17 ? 177 TRP A CZ2 1 
ATOM   898  C CZ3 . TRP A 1 134 ? 8.511   -2.453  -9.968  1.00 32.41 ? 177 TRP A CZ3 1 
ATOM   899  C CH2 . TRP A 1 134 ? 9.516   -3.025  -9.188  1.00 30.09 ? 177 TRP A CH2 1 
ATOM   900  N N   . LEU A 1 135 ? 9.598   4.117   -8.139  1.00 28.62 ? 178 LEU A N   1 
ATOM   901  C CA  . LEU A 1 135 ? 10.475  5.083   -7.482  1.00 28.10 ? 178 LEU A CA  1 
ATOM   902  C C   . LEU A 1 135 ? 11.527  4.333   -6.701  1.00 28.75 ? 178 LEU A C   1 
ATOM   903  O O   . LEU A 1 135 ? 11.247  3.725   -5.676  1.00 27.82 ? 178 LEU A O   1 
ATOM   904  C CB  . LEU A 1 135 ? 9.669   6.048   -6.579  1.00 25.62 ? 178 LEU A CB  1 
ATOM   905  C CG  . LEU A 1 135 ? 8.650   6.899   -7.372  1.00 26.21 ? 178 LEU A CG  1 
ATOM   906  C CD1 . LEU A 1 135 ? 7.802   7.825   -6.506  1.00 28.60 ? 178 LEU A CD1 1 
ATOM   907  C CD2 . LEU A 1 135 ? 9.367   7.711   -8.436  1.00 27.18 ? 178 LEU A CD2 1 
ATOM   908  N N   . SER A 1 136 ? 12.750  4.382   -7.203  1.00 27.97 ? 179 SER A N   1 
ATOM   909  C CA  . SER A 1 136 ? 13.841  3.599   -6.644  1.00 35.20 ? 179 SER A CA  1 
ATOM   910  C C   . SER A 1 136 ? 14.932  4.499   -6.070  1.00 35.50 ? 179 SER A C   1 
ATOM   911  O O   . SER A 1 136 ? 15.559  5.245   -6.814  1.00 33.11 ? 179 SER A O   1 
ATOM   912  C CB  . SER A 1 136 ? 14.432  2.691   -7.724  1.00 34.02 ? 179 SER A CB  1 
ATOM   913  O OG  . SER A 1 136 ? 14.994  1.537   -7.144  1.00 38.26 ? 179 SER A OG  1 
ATOM   914  N N   . GLY A 1 137 ? 15.162  4.420   -4.760  1.00 33.13 ? 180 GLY A N   1 
ATOM   915  C CA  . GLY A 1 137 ? 16.173  5.242   -4.121  1.00 31.48 ? 180 GLY A CA  1 
ATOM   916  C C   . GLY A 1 137 ? 15.546  6.423   -3.403  1.00 34.56 ? 180 GLY A C   1 
ATOM   917  O O   . GLY A 1 137 ? 14.504  6.933   -3.816  1.00 33.32 ? 180 GLY A O   1 
ATOM   918  N N   . SER A 1 138 ? 16.183  6.854   -2.320  1.00 37.23 ? 181 SER A N   1 
ATOM   919  C CA  . SER A 1 138 ? 15.640  7.896   -1.454  1.00 35.82 ? 181 SER A CA  1 
ATOM   920  C C   . SER A 1 138 ? 15.343  9.197   -2.203  1.00 33.33 ? 181 SER A C   1 
ATOM   921  O O   . SER A 1 138 ? 14.277  9.791   -2.020  1.00 32.82 ? 181 SER A O   1 
ATOM   922  C CB  . SER A 1 138 ? 16.614  8.167   -0.297  1.00 43.16 ? 181 SER A CB  1 
ATOM   923  O OG  . SER A 1 138 ? 16.644  7.064   0.604   1.00 43.99 ? 181 SER A OG  1 
ATOM   924  N N   . GLY A 1 139 ? 16.293  9.631   -3.029  1.00 33.64 ? 182 GLY A N   1 
ATOM   925  C CA  . GLY A 1 139 ? 16.167  10.859  -3.804  1.00 32.13 ? 182 GLY A CA  1 
ATOM   926  C C   . GLY A 1 139 ? 15.035  10.823  -4.818  1.00 32.47 ? 182 GLY A C   1 
ATOM   927  O O   . GLY A 1 139 ? 14.408  11.843  -5.095  1.00 35.62 ? 182 GLY A O   1 
ATOM   928  N N   . ALA A 1 140 ? 14.783  9.650   -5.387  1.00 34.64 ? 183 ALA A N   1 
ATOM   929  C CA  . ALA A 1 140 ? 13.646  9.445   -6.293  1.00 34.42 ? 183 ALA A CA  1 
ATOM   930  C C   . ALA A 1 140 ? 12.326  9.683   -5.545  1.00 34.34 ? 183 ALA A C   1 
ATOM   931  O O   . ALA A 1 140 ? 11.391  10.287  -6.082  1.00 30.10 ? 183 ALA A O   1 
ATOM   932  C CB  . ALA A 1 140 ? 13.682  8.039   -6.885  1.00 29.83 ? 183 ALA A CB  1 
ATOM   933  N N   . LEU A 1 141 ? 12.267  9.217   -4.299  1.00 28.95 ? 184 LEU A N   1 
ATOM   934  C CA  . LEU A 1 141 ? 11.086  9.427   -3.455  1.00 33.03 ? 184 LEU A CA  1 
ATOM   935  C C   . LEU A 1 141 ? 10.954  10.894  -3.027  1.00 36.15 ? 184 LEU A C   1 
ATOM   936  O O   . LEU A 1 141 ? 9.880   11.478  -3.131  1.00 36.70 ? 184 LEU A O   1 
ATOM   937  C CB  . LEU A 1 141 ? 11.128  8.537   -2.204  1.00 31.32 ? 184 LEU A CB  1 
ATOM   938  C CG  . LEU A 1 141 ? 11.104  7.016   -2.359  1.00 33.71 ? 184 LEU A CG  1 
ATOM   939  C CD1 . LEU A 1 141 ? 11.213  6.369   -0.983  1.00 30.64 ? 184 LEU A CD1 1 
ATOM   940  C CD2 . LEU A 1 141 ? 9.813   6.591   -3.055  1.00 27.48 ? 184 LEU A CD2 1 
ATOM   941  N N   . THR A 1 142 ? 12.037  11.497  -2.553  1.00 34.94 ? 185 THR A N   1 
ATOM   942  C CA  . THR A 1 142 ? 11.950  12.893  -2.129  1.00 37.99 ? 185 THR A CA  1 
ATOM   943  C C   . THR A 1 142 ? 11.917  13.872  -3.314  1.00 42.46 ? 185 THR A C   1 
ATOM   944  O O   . THR A 1 142 ? 11.488  15.011  -3.161  1.00 43.14 ? 185 THR A O   1 
ATOM   945  C CB  . THR A 1 142 ? 13.101  13.259  -1.169  1.00 37.78 ? 185 THR A CB  1 
ATOM   946  O OG1 . THR A 1 142 ? 14.372  13.100  -1.818  1.00 40.32 ? 185 THR A OG1 1 
ATOM   947  C CG2 . THR A 1 142 ? 13.060  12.354  0.041   1.00 33.32 ? 185 THR A CG2 1 
ATOM   948  N N   . GLY A 1 143 ? 12.348  13.437  -4.495  1.00 36.54 ? 186 GLY A N   1 
ATOM   949  C CA  . GLY A 1 143 ? 12.343  14.331  -5.650  1.00 39.68 ? 186 GLY A CA  1 
ATOM   950  C C   . GLY A 1 143 ? 11.074  14.250  -6.487  1.00 41.68 ? 186 GLY A C   1 
ATOM   951  O O   . GLY A 1 143 ? 10.892  14.990  -7.453  1.00 44.28 ? 186 GLY A O   1 
ATOM   952  N N   . SER A 1 144 ? 10.186  13.341  -6.107  1.00 41.15 ? 187 SER A N   1 
ATOM   953  C CA  . SER A 1 144 ? 8.987   13.054  -6.875  1.00 40.28 ? 187 SER A CA  1 
ATOM   954  C C   . SER A 1 144 ? 7.922   14.119  -6.683  1.00 39.09 ? 187 SER A C   1 
ATOM   955  O O   . SER A 1 144 ? 6.960   14.173  -7.435  1.00 42.23 ? 187 SER A O   1 
ATOM   956  C CB  . SER A 1 144 ? 8.409   11.699  -6.464  1.00 36.79 ? 187 SER A CB  1 
ATOM   957  O OG  . SER A 1 144 ? 7.936   11.803  -5.125  1.00 40.19 ? 187 SER A OG  1 
ATOM   958  N N   . GLY A 1 145 ? 8.075   14.947  -5.656  1.00 37.60 ? 188 GLY A N   1 
ATOM   959  C CA  . GLY A 1 145 ? 7.035   15.896  -5.308  1.00 37.78 ? 188 GLY A CA  1 
ATOM   960  C C   . GLY A 1 145 ? 5.747   15.205  -4.891  1.00 37.40 ? 188 GLY A C   1 
ATOM   961  O O   . GLY A 1 145 ? 4.690   15.837  -4.796  1.00 34.43 ? 188 GLY A O   1 
ATOM   962  N N   . CYS A 1 146 ? 5.838   13.900  -4.634  1.00 40.45 ? 189 CYS A N   1 
ATOM   963  C CA  . CYS A 1 146 ? 4.682   13.134  -4.199  1.00 35.55 ? 189 CYS A CA  1 
ATOM   964  C C   . CYS A 1 146 ? 4.642   12.899  -2.682  1.00 34.01 ? 189 CYS A C   1 
ATOM   965  O O   . CYS A 1 146 ? 5.558   12.308  -2.101  1.00 35.12 ? 189 CYS A O   1 
ATOM   966  C CB  . CYS A 1 146 ? 4.641   11.796  -4.928  1.00 35.62 ? 189 CYS A CB  1 
ATOM   967  S SG  . CYS A 1 146 ? 3.087   10.951  -4.572  1.00 46.15 ? 189 CYS A SG  1 
ATOM   968  N N   . GLU A 1 147 ? 3.553   13.334  -2.058  1.00 34.87 ? 190 GLU A N   1 
ATOM   969  C CA  . GLU A 1 147 ? 3.397   13.309  -0.602  1.00 35.81 ? 190 GLU A CA  1 
ATOM   970  C C   . GLU A 1 147 ? 3.567   11.928  0.055   1.00 35.21 ? 190 GLU A C   1 
ATOM   971  O O   . GLU A 1 147 ? 4.216   11.799  1.100   1.00 32.63 ? 190 GLU A O   1 
ATOM   972  C CB  . GLU A 1 147 ? 2.019   13.888  -0.237  1.00 40.25 ? 190 GLU A CB  1 
ATOM   973  C CG  . GLU A 1 147 ? 1.755   13.965  1.248   1.00 37.44 ? 190 GLU A CG  1 
ATOM   974  C CD  . GLU A 1 147 ? 0.404   14.594  1.595   1.00 41.39 ? 190 GLU A CD  1 
ATOM   975  O OE1 . GLU A 1 147 ? -0.583  13.859  1.796   1.00 59.42 ? 190 GLU A OE1 1 
ATOM   976  O OE2 . GLU A 1 147 ? 0.328   15.821  1.705   1.00 39.92 ? 190 GLU A OE2 1 
ATOM   977  N N   . ARG A 1 148 ? 2.979   10.900  -0.543  1.00 34.85 ? 191 ARG A N   1 
ATOM   978  C CA  . ARG A 1 148 ? 3.066   9.552   0.012   1.00 32.34 ? 191 ARG A CA  1 
ATOM   979  C C   . ARG A 1 148 ? 4.487   8.983   -0.181  1.00 31.46 ? 191 ARG A C   1 
ATOM   980  O O   . ARG A 1 148 ? 5.001   8.258   0.681   1.00 29.00 ? 191 ARG A O   1 
ATOM   981  C CB  . ARG A 1 148 ? 1.986   8.641   -0.623  1.00 31.28 ? 191 ARG A CB  1 
ATOM   982  C CG  . ARG A 1 148 ? 2.113   7.174   -0.252  1.00 29.92 ? 191 ARG A CG  1 
ATOM   983  C CD  . ARG A 1 148 ? 0.788   6.416   -0.301  1.00 30.71 ? 191 ARG A CD  1 
ATOM   984  N NE  . ARG A 1 148 ? 0.984   5.031   0.112   1.00 30.06 ? 191 ARG A NE  1 
ATOM   985  C CZ  . ARG A 1 148 ? 0.883   4.584   1.365   1.00 32.00 ? 191 ARG A CZ  1 
ATOM   986  N NH1 . ARG A 1 148 ? 0.543   5.407   2.358   1.00 28.92 ? 191 ARG A NH1 1 
ATOM   987  N NH2 . ARG A 1 148 ? 1.119   3.305   1.623   1.00 27.09 ? 191 ARG A NH2 1 
ATOM   988  N N   . ALA A 1 149 ? 5.136   9.342   -1.288  1.00 30.61 ? 192 ALA A N   1 
ATOM   989  C CA  . ALA A 1 149 ? 6.534   8.968   -1.502  1.00 30.30 ? 192 ALA A CA  1 
ATOM   990  C C   . ALA A 1 149 ? 7.419   9.600   -0.427  1.00 29.92 ? 192 ALA A C   1 
ATOM   991  O O   . ALA A 1 149 ? 8.306   8.945   0.142   1.00 29.96 ? 192 ALA A O   1 
ATOM   992  C CB  . ALA A 1 149 ? 7.004   9.380   -2.905  1.00 32.82 ? 192 ALA A CB  1 
ATOM   993  N N   . GLY A 1 150 ? 7.142   10.860  -0.117  1.00 28.01 ? 193 GLY A N   1 
ATOM   994  C CA  . GLY A 1 150 ? 7.855   11.562  0.937   1.00 26.94 ? 193 GLY A CA  1 
ATOM   995  C C   . GLY A 1 150 ? 7.651   10.935  2.310   1.00 32.19 ? 193 GLY A C   1 
ATOM   996  O O   . GLY A 1 150 ? 8.608   10.801  3.072   1.00 30.05 ? 193 GLY A O   1 
ATOM   997  N N   . GLN A 1 151 ? 6.407   10.573  2.627   1.00 30.78 ? 194 GLN A N   1 
ATOM   998  C CA  . GLN A 1 151 ? 6.093   9.903   3.886   1.00 29.46 ? 194 GLN A CA  1 
ATOM   999  C C   . GLN A 1 151 ? 6.789   8.544   3.964   1.00 29.09 ? 194 GLN A C   1 
ATOM   1000 O O   . GLN A 1 151 ? 7.423   8.222   4.964   1.00 32.30 ? 194 GLN A O   1 
ATOM   1001 C CB  . GLN A 1 151 ? 4.577   9.736   4.048   1.00 30.43 ? 194 GLN A CB  1 
ATOM   1002 C CG  . GLN A 1 151 ? 4.135   9.296   5.451   1.00 34.47 ? 194 GLN A CG  1 
ATOM   1003 C CD  . GLN A 1 151 ? 2.626   9.032   5.550   1.00 37.81 ? 194 GLN A CD  1 
ATOM   1004 O OE1 . GLN A 1 151 ? 1.985   8.666   4.570   1.00 37.78 ? 194 GLN A OE1 1 
ATOM   1005 N NE2 . GLN A 1 151 ? 2.063   9.224   6.735   1.00 34.23 ? 194 GLN A NE2 1 
ATOM   1006 N N   . GLY A 1 152 ? 6.674   7.745   2.909   1.00 31.07 ? 195 GLY A N   1 
ATOM   1007 C CA  . GLY A 1 152 ? 7.386   6.480   2.842   1.00 30.43 ? 195 GLY A CA  1 
ATOM   1008 C C   . GLY A 1 152 ? 8.871   6.589   3.140   1.00 30.62 ? 195 GLY A C   1 
ATOM   1009 O O   . GLY A 1 152 ? 9.426   5.808   3.922   1.00 30.52 ? 195 GLY A O   1 
ATOM   1010 N N   . GLN A 1 153 ? 9.510   7.573   2.527   1.00 28.81 ? 196 GLN A N   1 
ATOM   1011 C CA  . GLN A 1 153 ? 10.936  7.801   2.706   1.00 30.63 ? 196 GLN A CA  1 
ATOM   1012 C C   . GLN A 1 153 ? 11.259  8.217   4.144   1.00 34.45 ? 196 GLN A C   1 
ATOM   1013 O O   . GLN A 1 153 ? 12.282  7.812   4.700   1.00 30.95 ? 196 GLN A O   1 
ATOM   1014 C CB  . GLN A 1 153 ? 11.421  8.862   1.710   1.00 31.23 ? 196 GLN A CB  1 
ATOM   1015 C CG  . GLN A 1 153 ? 12.934  8.976   1.555   1.00 32.71 ? 196 GLN A CG  1 
ATOM   1016 C CD  . GLN A 1 153 ? 13.599  9.801   2.654   1.00 36.68 ? 196 GLN A CD  1 
ATOM   1017 O OE1 . GLN A 1 153 ? 13.000  10.731  3.214   1.00 34.53 ? 196 GLN A OE1 1 
ATOM   1018 N NE2 . GLN A 1 153 ? 14.838  9.447   2.979   1.00 35.98 ? 196 GLN A NE2 1 
ATOM   1019 N N   . ILE A 1 154 ? 10.391  9.025   4.753   1.00 33.82 ? 197 ILE A N   1 
ATOM   1020 C CA  . ILE A 1 154 ? 10.571  9.390   6.165   1.00 34.24 ? 197 ILE A CA  1 
ATOM   1021 C C   . ILE A 1 154 ? 10.551  8.157   7.057   1.00 32.05 ? 197 ILE A C   1 
ATOM   1022 O O   . ILE A 1 154 ? 11.316  8.061   8.023   1.00 42.90 ? 197 ILE A O   1 
ATOM   1023 C CB  . ILE A 1 154 ? 9.480   10.383  6.639   1.00 34.50 ? 197 ILE A CB  1 
ATOM   1024 C CG1 . ILE A 1 154 ? 9.843   11.811  6.228   1.00 34.63 ? 197 ILE A CG1 1 
ATOM   1025 C CG2 . ILE A 1 154 ? 9.282   10.304  8.135   1.00 33.02 ? 197 ILE A CG2 1 
ATOM   1026 C CD1 . ILE A 1 154 ? 11.234  12.261  6.679   1.00 37.64 ? 197 ILE A CD1 1 
ATOM   1027 N N   . TYR A 1 155 ? 9.707   7.187   6.728   1.00 31.86 ? 198 TYR A N   1 
ATOM   1028 C CA  . TYR A 1 155 ? 9.666   5.974   7.534   1.00 32.30 ? 198 TYR A CA  1 
ATOM   1029 C C   . TYR A 1 155 ? 10.650  4.907   7.039   1.00 38.14 ? 198 TYR A C   1 
ATOM   1030 O O   . TYR A 1 155 ? 10.514  3.723   7.353   1.00 37.58 ? 198 TYR A O   1 
ATOM   1031 C CB  . TYR A 1 155 ? 8.241   5.441   7.594   1.00 34.31 ? 198 TYR A CB  1 
ATOM   1032 C CG  . TYR A 1 155 ? 7.347   6.337   8.434   1.00 35.63 ? 198 TYR A CG  1 
ATOM   1033 C CD1 . TYR A 1 155 ? 7.476   6.371   9.811   1.00 37.22 ? 198 TYR A CD1 1 
ATOM   1034 C CD2 . TYR A 1 155 ? 6.390   7.162   7.848   1.00 33.72 ? 198 TYR A CD2 1 
ATOM   1035 C CE1 . TYR A 1 155 ? 6.677   7.195   10.595  1.00 37.35 ? 198 TYR A CE1 1 
ATOM   1036 C CE2 . TYR A 1 155 ? 5.584   7.987   8.622   1.00 33.84 ? 198 TYR A CE2 1 
ATOM   1037 C CZ  . TYR A 1 155 ? 5.736   8.002   9.999   1.00 39.73 ? 198 TYR A CZ  1 
ATOM   1038 O OH  . TYR A 1 155 ? 4.942   8.809   10.787  1.00 35.23 ? 198 TYR A OH  1 
ATOM   1039 N N   . GLY A 1 156 ? 11.662  5.340   6.289   1.00 37.17 ? 199 GLY A N   1 
ATOM   1040 C CA  . GLY A 1 156 ? 12.748  4.463   5.894   1.00 37.65 ? 199 GLY A CA  1 
ATOM   1041 C C   . GLY A 1 156 ? 12.587  3.670   4.604   1.00 35.46 ? 199 GLY A C   1 
ATOM   1042 O O   . GLY A 1 156 ? 13.422  2.822   4.306   1.00 38.52 ? 199 GLY A O   1 
ATOM   1043 N N   . LEU A 1 157 ? 11.530  3.911   3.840   1.00 31.64 ? 200 LEU A N   1 
ATOM   1044 C CA  . LEU A 1 157 ? 11.409  3.204   2.572   1.00 34.56 ? 200 LEU A CA  1 
ATOM   1045 C C   . LEU A 1 157 ? 12.441  3.776   1.620   1.00 35.34 ? 200 LEU A C   1 
ATOM   1046 O O   . LEU A 1 157 ? 12.774  4.950   1.719   1.00 32.79 ? 200 LEU A O   1 
ATOM   1047 C CB  . LEU A 1 157 ? 10.009  3.334   1.982   1.00 31.10 ? 200 LEU A CB  1 
ATOM   1048 C CG  . LEU A 1 157 ? 8.896   2.702   2.815   1.00 34.16 ? 200 LEU A CG  1 
ATOM   1049 C CD1 . LEU A 1 157 ? 7.592   2.760   2.043   1.00 28.19 ? 200 LEU A CD1 1 
ATOM   1050 C CD2 . LEU A 1 157 ? 9.263   1.275   3.200   1.00 31.30 ? 200 LEU A CD2 1 
ATOM   1051 N N   . LYS A 1 158 ? 12.962  2.952   0.714   1.00 34.51 ? 201 LYS A N   1 
ATOM   1052 C CA  . LYS A 1 158 ? 13.868  3.472   -0.314  1.00 36.11 ? 201 LYS A CA  1 
ATOM   1053 C C   . LYS A 1 158 ? 13.341  3.205   -1.716  1.00 32.42 ? 201 LYS A C   1 
ATOM   1054 O O   . LYS A 1 158 ? 13.822  3.800   -2.677  1.00 31.18 ? 201 LYS A O   1 
ATOM   1055 C CB  . LYS A 1 158 ? 15.276  2.883   -0.165  1.00 36.94 ? 201 LYS A CB  1 
ATOM   1056 C CG  . LYS A 1 158 ? 16.037  3.345   1.091   1.00 35.53 ? 201 LYS A CG  1 
ATOM   1057 C CD  . LYS A 1 158 ? 17.478  2.870   1.048   1.00 36.34 ? 201 LYS A CD  1 
ATOM   1058 C CE  . LYS A 1 158 ? 18.261  3.327   2.275   1.00 43.12 ? 201 LYS A CE  1 
ATOM   1059 N NZ  . LYS A 1 158 ? 19.705  2.989   2.145   1.00 55.80 ? 201 LYS A NZ  1 
ATOM   1060 N N   . THR A 1 159 ? 12.364  2.307   -1.837  1.00 30.90 ? 202 THR A N   1 
ATOM   1061 C CA  . THR A 1 159 ? 11.689  2.065   -3.114  1.00 26.75 ? 202 THR A CA  1 
ATOM   1062 C C   . THR A 1 159 ? 10.180  2.053   -2.915  1.00 27.60 ? 202 THR A C   1 
ATOM   1063 O O   . THR A 1 159 ? 9.687   1.368   -2.029  1.00 32.45 ? 202 THR A O   1 
ATOM   1064 C CB  . THR A 1 159 ? 12.105  0.705   -3.747  1.00 29.52 ? 202 THR A CB  1 
ATOM   1065 O OG1 . THR A 1 159 ? 13.522  0.626   -3.841  1.00 31.07 ? 202 THR A OG1 1 
ATOM   1066 C CG2 . THR A 1 159 ? 11.506  0.516   -5.140  1.00 28.27 ? 202 THR A CG2 1 
ATOM   1067 N N   . MET A 1 160 ? 9.436   2.781   -3.740  1.00 30.21 ? 203 MET A N   1 
ATOM   1068 C CA  . MET A 1 160 ? 7.974   2.683   -3.718  1.00 29.18 ? 203 MET A CA  1 
ATOM   1069 C C   . MET A 1 160 ? 7.468   2.495   -5.119  1.00 28.13 ? 203 MET A C   1 
ATOM   1070 O O   . MET A 1 160 ? 7.957   3.128   -6.069  1.00 27.94 ? 203 MET A O   1 
ATOM   1071 C CB  . MET A 1 160 ? 7.324   3.923   -3.081  1.00 26.98 ? 203 MET A CB  1 
ATOM   1072 C CG  . MET A 1 160 ? 7.618   4.048   -1.583  1.00 30.33 ? 203 MET A CG  1 
ATOM   1073 S SD  . MET A 1 160 ? 6.743   5.390   -0.734  1.00 37.13 ? 203 MET A SD  1 
ATOM   1074 C CE  . MET A 1 160 ? 5.065   5.090   -1.264  1.00 29.52 ? 203 MET A CE  1 
ATOM   1075 N N   . VAL A 1 161 ? 6.474   1.633   -5.262  1.00 26.26 ? 204 VAL A N   1 
ATOM   1076 C CA  . VAL A 1 161 ? 5.988   1.306   -6.588  1.00 31.20 ? 204 VAL A CA  1 
ATOM   1077 C C   . VAL A 1 161 ? 4.481   1.397   -6.590  1.00 30.65 ? 204 VAL A C   1 
ATOM   1078 O O   . VAL A 1 161 ? 3.849   0.923   -5.657  1.00 28.47 ? 204 VAL A O   1 
ATOM   1079 C CB  . VAL A 1 161 ? 6.435   -0.132  -7.016  1.00 30.54 ? 204 VAL A CB  1 
ATOM   1080 C CG1 . VAL A 1 161 ? 5.872   -0.485  -8.370  1.00 26.76 ? 204 VAL A CG1 1 
ATOM   1081 C CG2 . VAL A 1 161 ? 7.948   -0.248  -6.994  1.00 28.00 ? 204 VAL A CG2 1 
ATOM   1082 N N   . CYS A 1 162 ? 3.907   2.021   -7.612  1.00 25.55 ? 205 CYS A N   1 
ATOM   1083 C CA  . CYS A 1 162 ? 2.470   1.915   -7.862  1.00 27.14 ? 205 CYS A CA  1 
ATOM   1084 C C   . CYS A 1 162 ? 2.210   1.417   -9.272  1.00 29.42 ? 205 CYS A C   1 
ATOM   1085 O O   . CYS A 1 162 ? 2.795   1.919   -10.212 1.00 29.12 ? 205 CYS A O   1 
ATOM   1086 C CB  . CYS A 1 162 ? 1.770   3.250   -7.663  1.00 31.03 ? 205 CYS A CB  1 
ATOM   1087 S SG  . CYS A 1 162 ? 1.340   3.602   -5.954  1.00 34.06 ? 205 CYS A SG  1 
ATOM   1088 N N   . ILE A 1 163 ? 1.307   0.451   -9.403  1.00 28.63 ? 206 ILE A N   1 
ATOM   1089 C CA  . ILE A 1 163 ? 0.967   -0.160  -10.681 1.00 29.92 ? 206 ILE A CA  1 
ATOM   1090 C C   . ILE A 1 163 ? -0.547  -0.188  -10.809 1.00 30.46 ? 206 ILE A C   1 
ATOM   1091 O O   . ILE A 1 163 ? -1.221  -0.806  -9.994  1.00 29.15 ? 206 ILE A O   1 
ATOM   1092 C CB  . ILE A 1 163 ? 1.540   -1.586  -10.783 1.00 29.99 ? 206 ILE A CB  1 
ATOM   1093 C CG1 . ILE A 1 163 ? 3.073   -1.533  -10.708 1.00 31.27 ? 206 ILE A CG1 1 
ATOM   1094 C CG2 . ILE A 1 163 ? 1.016   -2.299  -12.037 1.00 30.93 ? 206 ILE A CG2 1 
ATOM   1095 C CD1 . ILE A 1 163 ? 3.736   -2.863  -10.552 1.00 25.98 ? 206 ILE A CD1 1 
ATOM   1096 N N   . ALA A 1 164 ? -1.075  0.511   -11.809 1.00 27.00 ? 207 ALA A N   1 
ATOM   1097 C CA  . ALA A 1 164 ? -2.506  0.576   -12.027 1.00 29.93 ? 207 ALA A CA  1 
ATOM   1098 C C   . ALA A 1 164 ? -3.029  -0.755  -12.521 1.00 30.69 ? 207 ALA A C   1 
ATOM   1099 O O   . ALA A 1 164 ? -2.435  -1.392  -13.363 1.00 31.49 ? 207 ALA A O   1 
ATOM   1100 C CB  . ALA A 1 164 ? -2.862  1.678   -13.027 1.00 26.85 ? 207 ALA A CB  1 
ATOM   1101 N N   . THR A 1 165 ? -4.149  -1.187  -11.976 1.00 31.92 ? 208 THR A N   1 
ATOM   1102 C CA  . THR A 1 165 ? -4.803  -2.353  -12.522 1.00 35.08 ? 208 THR A CA  1 
ATOM   1103 C C   . THR A 1 165 ? -6.211  -1.949  -12.907 1.00 38.23 ? 208 THR A C   1 
ATOM   1104 O O   . THR A 1 165 ? -6.609  -0.794  -12.743 1.00 36.99 ? 208 THR A O   1 
ATOM   1105 C CB  . THR A 1 165 ? -4.843  -3.528  -11.531 1.00 33.46 ? 208 THR A CB  1 
ATOM   1106 O OG1 . THR A 1 165 ? -5.955  -3.364  -10.648 1.00 38.23 ? 208 THR A OG1 1 
ATOM   1107 C CG2 . THR A 1 165 ? -3.568  -3.596  -10.723 1.00 30.20 ? 208 THR A CG2 1 
ATOM   1108 N N   . GLN A 1 166 ? -6.947  -2.905  -13.449 1.00 37.99 ? 209 GLN A N   1 
ATOM   1109 C CA  . GLN A 1 166 ? -8.341  -2.729  -13.799 1.00 39.07 ? 209 GLN A CA  1 
ATOM   1110 C C   . GLN A 1 166 ? -9.207  -2.253  -12.609 1.00 42.88 ? 209 GLN A C   1 
ATOM   1111 O O   . GLN A 1 166 ? -10.149 -1.466  -12.784 1.00 41.25 ? 209 GLN A O   1 
ATOM   1112 C CB  . GLN A 1 166 ? -8.838  -4.054  -14.359 1.00 42.07 ? 209 GLN A CB  1 
ATOM   1113 C CG  . GLN A 1 166 ? -10.302 -4.220  -14.566 1.00 45.60 ? 209 GLN A CG  1 
ATOM   1114 C CD  . GLN A 1 166 ? -10.589 -5.610  -15.116 1.00 54.40 ? 209 GLN A CD  1 
ATOM   1115 O OE1 . GLN A 1 166 ? -11.062 -6.497  -14.397 1.00 63.01 ? 209 GLN A OE1 1 
ATOM   1116 N NE2 . GLN A 1 166 ? -10.256 -5.819  -16.389 1.00 50.56 ? 209 GLN A NE2 1 
ATOM   1117 N N   . ASN A 1 167 ? -8.856  -2.697  -11.399 1.00 35.52 ? 210 ASN A N   1 
ATOM   1118 C CA  . ASN A 1 167 ? -9.682  -2.472  -10.219 1.00 38.18 ? 210 ASN A CA  1 
ATOM   1119 C C   . ASN A 1 167 ? -9.092  -1.513  -9.186  1.00 42.74 ? 210 ASN A C   1 
ATOM   1120 O O   . ASN A 1 167 ? -9.577  -1.424  -8.060  1.00 36.78 ? 210 ASN A O   1 
ATOM   1121 C CB  . ASN A 1 167 ? -9.947  -3.813  -9.522  1.00 45.23 ? 210 ASN A CB  1 
ATOM   1122 C CG  . ASN A 1 167 ? -10.593 -4.828  -10.442 1.00 43.66 ? 210 ASN A CG  1 
ATOM   1123 O OD1 . ASN A 1 167 ? -10.023 -5.881  -10.715 1.00 50.87 ? 210 ASN A OD1 1 
ATOM   1124 N ND2 . ASN A 1 167 ? -11.785 -4.514  -10.925 1.00 43.97 ? 210 ASN A ND2 1 
ATOM   1125 N N   . GLY A 1 168 ? -8.036  -0.808  -9.549  1.00 39.30 ? 211 GLY A N   1 
ATOM   1126 C CA  . GLY A 1 168 ? -7.311  -0.043  -8.556  1.00 35.40 ? 211 GLY A CA  1 
ATOM   1127 C C   . GLY A 1 168 ? -5.820  0.010   -8.825  1.00 34.88 ? 211 GLY A C   1 
ATOM   1128 O O   . GLY A 1 168 ? -5.376  0.037   -9.982  1.00 31.98 ? 211 GLY A O   1 
ATOM   1129 N N   . VAL A 1 169 ? -5.047  0.045   -7.746  1.00 30.50 ? 212 VAL A N   1 
ATOM   1130 C CA  . VAL A 1 169 ? -3.617  0.293   -7.844  1.00 30.75 ? 212 VAL A CA  1 
ATOM   1131 C C   . VAL A 1 169 ? -2.903  -0.587  -6.858  1.00 30.81 ? 212 VAL A C   1 
ATOM   1132 O O   . VAL A 1 169 ? -3.202  -0.538  -5.679  1.00 31.14 ? 212 VAL A O   1 
ATOM   1133 C CB  . VAL A 1 169 ? -3.260  1.785   -7.567  1.00 27.07 ? 212 VAL A CB  1 
ATOM   1134 C CG1 . VAL A 1 169 ? -1.761  1.974   -7.516  1.00 26.31 ? 212 VAL A CG1 1 
ATOM   1135 C CG2 . VAL A 1 169 ? -3.820  2.664   -8.653  1.00 29.50 ? 212 VAL A CG2 1 
ATOM   1136 N N   . VAL A 1 170 ? -1.980  -1.411  -7.353  1.00 30.17 ? 213 VAL A N   1 
ATOM   1137 C CA  . VAL A 1 170 ? -1.097  -2.195  -6.493  1.00 32.80 ? 213 VAL A CA  1 
ATOM   1138 C C   . VAL A 1 170 ? 0.105   -1.336  -6.130  1.00 33.23 ? 213 VAL A C   1 
ATOM   1139 O O   . VAL A 1 170 ? 0.678   -0.690  -7.016  1.00 27.90 ? 213 VAL A O   1 
ATOM   1140 C CB  . VAL A 1 170 ? -0.598  -3.492  -7.182  1.00 34.45 ? 213 VAL A CB  1 
ATOM   1141 C CG1 . VAL A 1 170 ? 0.313   -4.273  -6.234  1.00 33.76 ? 213 VAL A CG1 1 
ATOM   1142 C CG2 . VAL A 1 170 ? -1.768  -4.337  -7.612  1.00 36.94 ? 213 VAL A CG2 1 
ATOM   1143 N N   . GLU A 1 171 ? 0.460   -1.324  -4.841  1.00 27.90 ? 214 GLU A N   1 
ATOM   1144 C CA  . GLU A 1 171 ? 1.621   -0.587  -4.336  1.00 28.91 ? 214 GLU A CA  1 
ATOM   1145 C C   . GLU A 1 171 ? 2.591   -1.534  -3.641  1.00 29.73 ? 214 GLU A C   1 
ATOM   1146 O O   . GLU A 1 171 ? 2.167   -2.433  -2.913  1.00 29.63 ? 214 GLU A O   1 
ATOM   1147 C CB  . GLU A 1 171 ? 1.209   0.538   -3.354  1.00 28.09 ? 214 GLU A CB  1 
ATOM   1148 C CG  . GLU A 1 171 ? 2.396   1.051   -2.482  1.00 27.61 ? 214 GLU A CG  1 
ATOM   1149 C CD  . GLU A 1 171 ? 2.042   2.204   -1.528  1.00 32.29 ? 214 GLU A CD  1 
ATOM   1150 O OE1 . GLU A 1 171 ? 1.143   3.004   -1.869  1.00 29.20 ? 214 GLU A OE1 1 
ATOM   1151 O OE2 . GLU A 1 171 ? 2.687   2.318   -0.442  1.00 28.61 ? 214 GLU A OE2 1 
ATOM   1152 N N   . LEU A 1 172 ? 3.882   -1.340  -3.886  1.00 26.57 ? 215 LEU A N   1 
ATOM   1153 C CA  . LEU A 1 172 ? 4.932   -2.071  -3.208  1.00 27.98 ? 215 LEU A CA  1 
ATOM   1154 C C   . LEU A 1 172 ? 5.900   -1.083  -2.583  1.00 31.58 ? 215 LEU A C   1 
ATOM   1155 O O   . LEU A 1 172 ? 6.174   -0.029  -3.152  1.00 28.45 ? 215 LEU A O   1 
ATOM   1156 C CB  . LEU A 1 172 ? 5.689   -2.988  -4.169  1.00 29.66 ? 215 LEU A CB  1 
ATOM   1157 C CG  . LEU A 1 172 ? 4.892   -4.161  -4.747  1.00 36.57 ? 215 LEU A CG  1 
ATOM   1158 C CD1 . LEU A 1 172 ? 5.464   -4.636  -6.064  1.00 35.04 ? 215 LEU A CD1 1 
ATOM   1159 C CD2 . LEU A 1 172 ? 4.911   -5.287  -3.753  1.00 36.51 ? 215 LEU A CD2 1 
ATOM   1160 N N   . GLY A 1 173 ? 6.433   -1.435  -1.423  1.00 29.64 ? 216 GLY A N   1 
ATOM   1161 C CA  . GLY A 1 173 ? 7.439   -0.615  -0.787  1.00 30.97 ? 216 GLY A CA  1 
ATOM   1162 C C   . GLY A 1 173 ? 8.543   -1.485  -0.227  1.00 32.39 ? 216 GLY A C   1 
ATOM   1163 O O   . GLY A 1 173 ? 8.335   -2.655  0.062   1.00 30.01 ? 216 GLY A O   1 
ATOM   1164 N N   . SER A 1 174 ? 9.720   -0.900  -0.085  1.00 31.57 ? 217 SER A N   1 
ATOM   1165 C CA  . SER A 1 174 ? 10.851  -1.612  0.475   1.00 34.69 ? 217 SER A CA  1 
ATOM   1166 C C   . SER A 1 174 ? 11.821  -0.646  1.118   1.00 32.28 ? 217 SER A C   1 
ATOM   1167 O O   . SER A 1 174 ? 11.944  0.494   0.688   1.00 29.43 ? 217 SER A O   1 
ATOM   1168 C CB  . SER A 1 174 ? 11.574  -2.417  -0.597  1.00 32.08 ? 217 SER A CB  1 
ATOM   1169 O OG  . SER A 1 174 ? 12.604  -3.192  -0.025  1.00 31.62 ? 217 SER A OG  1 
ATOM   1170 N N   . SER A 1 175 ? 12.498  -1.111  2.162   1.00 30.55 ? 218 SER A N   1 
ATOM   1171 C CA  . SER A 1 175 ? 13.560  -0.336  2.780   1.00 33.17 ? 218 SER A CA  1 
ATOM   1172 C C   . SER A 1 175 ? 14.855  -0.440  1.974   1.00 32.35 ? 218 SER A C   1 
ATOM   1173 O O   . SER A 1 175 ? 15.811  0.257   2.270   1.00 34.67 ? 218 SER A O   1 
ATOM   1174 C CB  . SER A 1 175 ? 13.777  -0.801  4.225   1.00 36.29 ? 218 SER A CB  1 
ATOM   1175 O OG  . SER A 1 175 ? 13.760  -2.212  4.262   1.00 40.58 ? 218 SER A OG  1 
ATOM   1176 N N   . GLU A 1 176 ? 14.876  -1.294  0.946   1.00 33.11 ? 219 GLU A N   1 
ATOM   1177 C CA  . GLU A 1 176 ? 16.002  -1.360  -0.002  1.00 34.09 ? 219 GLU A CA  1 
ATOM   1178 C C   . GLU A 1 176 ? 15.758  -0.664  -1.355  1.00 35.46 ? 219 GLU A C   1 
ATOM   1179 O O   . GLU A 1 176 ? 14.619  -0.454  -1.796  1.00 28.63 ? 219 GLU A O   1 
ATOM   1180 C CB  . GLU A 1 176 ? 16.375  -2.814  -0.296  1.00 37.88 ? 219 GLU A CB  1 
ATOM   1181 C CG  . GLU A 1 176 ? 16.707  -3.666  0.918   1.00 42.89 ? 219 GLU A CG  1 
ATOM   1182 C CD  . GLU A 1 176 ? 17.075  -5.095  0.525   1.00 55.35 ? 219 GLU A CD  1 
ATOM   1183 O OE1 . GLU A 1 176 ? 17.078  -5.406  -0.691  1.00 57.47 ? 219 GLU A OE1 1 
ATOM   1184 O OE2 . GLU A 1 176 ? 17.360  -5.911  1.429   1.00 56.55 ? 219 GLU A OE2 1 
ATOM   1185 N N   . VAL A 1 177 ? 16.853  -0.343  -2.024  1.00 33.78 ? 220 VAL A N   1 
ATOM   1186 C CA  . VAL A 1 177 ? 16.793  0.172   -3.387  1.00 31.85 ? 220 VAL A CA  1 
ATOM   1187 C C   . VAL A 1 177 ? 16.589  -1.007  -4.338  1.00 35.20 ? 220 VAL A C   1 
ATOM   1188 O O   . VAL A 1 177 ? 17.449  -1.866  -4.467  1.00 34.83 ? 220 VAL A O   1 
ATOM   1189 C CB  . VAL A 1 177 ? 18.071  0.957   -3.752  1.00 34.50 ? 220 VAL A CB  1 
ATOM   1190 C CG1 . VAL A 1 177 ? 18.030  1.404   -5.214  1.00 39.23 ? 220 VAL A CG1 1 
ATOM   1191 C CG2 . VAL A 1 177 ? 18.248  2.170   -2.810  1.00 32.94 ? 220 VAL A CG2 1 
ATOM   1192 N N   . ILE A 1 178 ? 15.429  -1.069  -4.980  1.00 31.69 ? 221 ILE A N   1 
ATOM   1193 C CA  . ILE A 1 178 ? 15.131  -2.195  -5.845  1.00 28.69 ? 221 ILE A CA  1 
ATOM   1194 C C   . ILE A 1 178 ? 14.841  -1.673  -7.246  1.00 30.30 ? 221 ILE A C   1 
ATOM   1195 O O   . ILE A 1 178 ? 13.991  -0.815  -7.436  1.00 30.66 ? 221 ILE A O   1 
ATOM   1196 C CB  . ILE A 1 178 ? 13.944  -3.024  -5.316  1.00 28.28 ? 221 ILE A CB  1 
ATOM   1197 C CG1 . ILE A 1 178 ? 14.196  -3.470  -3.863  1.00 33.55 ? 221 ILE A CG1 1 
ATOM   1198 C CG2 . ILE A 1 178 ? 13.674  -4.242  -6.202  1.00 26.80 ? 221 ILE A CG2 1 
ATOM   1199 C CD1 . ILE A 1 178 ? 13.070  -4.308  -3.292  1.00 35.18 ? 221 ILE A CD1 1 
ATOM   1200 N N   . SER A 1 179 ? 15.582  -2.187  -8.213  1.00 33.03 ? 222 SER A N   1 
ATOM   1201 C CA  . SER A 1 179 ? 15.350  -1.911  -9.621  1.00 33.12 ? 222 SER A CA  1 
ATOM   1202 C C   . SER A 1 179 ? 14.173  -2.696  -10.149 1.00 29.93 ? 222 SER A C   1 
ATOM   1203 O O   . SER A 1 179 ? 13.904  -3.809  -9.700  1.00 27.48 ? 222 SER A O   1 
ATOM   1204 C CB  . SER A 1 179 ? 16.592  -2.242  -10.431 1.00 33.46 ? 222 SER A CB  1 
ATOM   1205 O OG  . SER A 1 179 ? 17.598  -1.305  -10.159 1.00 38.37 ? 222 SER A OG  1 
ATOM   1206 N N   . GLN A 1 180 ? 13.463  -2.113  -11.106 1.00 30.21 ? 223 GLN A N   1 
ATOM   1207 C CA  . GLN A 1 180 ? 12.322  -2.795  -11.693 1.00 29.44 ? 223 GLN A CA  1 
ATOM   1208 C C   . GLN A 1 180 ? 12.758  -4.057  -12.438 1.00 33.51 ? 223 GLN A C   1 
ATOM   1209 O O   . GLN A 1 180 ? 13.541  -4.001  -13.387 1.00 29.37 ? 223 GLN A O   1 
ATOM   1210 C CB  . GLN A 1 180 ? 11.547  -1.872  -12.644 1.00 28.38 ? 223 GLN A CB  1 
ATOM   1211 C CG  . GLN A 1 180 ? 10.308  -2.587  -13.188 1.00 28.12 ? 223 GLN A CG  1 
ATOM   1212 C CD  . GLN A 1 180 ? 9.475   -1.727  -14.101 1.00 31.77 ? 223 GLN A CD  1 
ATOM   1213 O OE1 . GLN A 1 180 ? 8.494   -2.195  -14.671 1.00 31.24 ? 223 GLN A OE1 1 
ATOM   1214 N NE2 . GLN A 1 180 ? 9.863   -0.463  -14.255 1.00 30.06 ? 223 GLN A NE2 1 
ATOM   1215 N N   . SER A 1 181 ? 12.261  -5.204  -11.995 1.00 32.76 ? 224 SER A N   1 
ATOM   1216 C CA  . SER A 1 181 ? 12.652  -6.456  -12.609 1.00 34.50 ? 224 SER A CA  1 
ATOM   1217 C C   . SER A 1 181 ? 11.501  -7.004  -13.415 1.00 34.97 ? 224 SER A C   1 
ATOM   1218 O O   . SER A 1 181 ? 10.329  -6.796  -13.080 1.00 33.98 ? 224 SER A O   1 
ATOM   1219 C CB  . SER A 1 181 ? 13.100  -7.480  -11.561 1.00 36.01 ? 224 SER A CB  1 
ATOM   1220 O OG  . SER A 1 181 ? 11.998  -8.198  -11.035 1.00 37.04 ? 224 SER A OG  1 
ATOM   1221 N N   . SER A 1 182 ? 11.820  -7.705  -14.490 1.00 36.35 ? 225 SER A N   1 
ATOM   1222 C CA  . SER A 1 182 ? 10.749  -8.221  -15.317 1.00 36.63 ? 225 SER A CA  1 
ATOM   1223 C C   . SER A 1 182 ? 10.055  -9.379  -14.595 1.00 33.58 ? 225 SER A C   1 
ATOM   1224 O O   . SER A 1 182 ? 8.876   -9.642  -14.832 1.00 33.34 ? 225 SER A O   1 
ATOM   1225 C CB  . SER A 1 182 ? 11.270  -8.636  -16.694 1.00 32.91 ? 225 SER A CB  1 
ATOM   1226 O OG  . SER A 1 182 ? 12.325  -9.535  -16.577 1.00 37.68 ? 225 SER A OG  1 
ATOM   1227 N N   . ASP A 1 183 ? 10.769  -10.042 -13.686 1.00 35.23 ? 226 ASP A N   1 
ATOM   1228 C CA  . ASP A 1 183 ? 10.169  -11.123 -12.904 1.00 35.80 ? 226 ASP A CA  1 
ATOM   1229 C C   . ASP A 1 183 ? 9.034   -10.569 -12.078 1.00 35.06 ? 226 ASP A C   1 
ATOM   1230 O O   . ASP A 1 183 ? 7.961   -11.149 -12.032 1.00 31.28 ? 226 ASP A O   1 
ATOM   1231 C CB  . ASP A 1 183 ? 11.172  -11.804 -11.960 1.00 40.55 ? 226 ASP A CB  1 
ATOM   1232 C CG  . ASP A 1 183 ? 12.384  -12.365 -12.679 1.00 51.93 ? 226 ASP A CG  1 
ATOM   1233 O OD1 . ASP A 1 183 ? 12.198  -13.158 -13.640 1.00 48.99 ? 226 ASP A OD1 1 
ATOM   1234 O OD2 . ASP A 1 183 ? 13.526  -12.020 -12.259 1.00 52.51 ? 226 ASP A OD2 1 
ATOM   1235 N N   . LEU A 1 184 ? 9.287   -9.445  -11.413 1.00 35.57 ? 227 LEU A N   1 
ATOM   1236 C CA  . LEU A 1 184 ? 8.274   -8.850  -10.557 1.00 34.47 ? 227 LEU A CA  1 
ATOM   1237 C C   . LEU A 1 184 ? 7.078   -8.396  -11.374 1.00 30.70 ? 227 LEU A C   1 
ATOM   1238 O O   . LEU A 1 184 ? 5.940   -8.690  -11.016 1.00 31.24 ? 227 LEU A O   1 
ATOM   1239 C CB  . LEU A 1 184 ? 8.829   -7.669  -9.754  1.00 34.78 ? 227 LEU A CB  1 
ATOM   1240 C CG  . LEU A 1 184 ? 7.654   -7.196  -8.893  1.00 37.38 ? 227 LEU A CG  1 
ATOM   1241 C CD1 . LEU A 1 184 ? 7.653   -7.805  -7.480  1.00 30.69 ? 227 LEU A CD1 1 
ATOM   1242 C CD2 . LEU A 1 184 ? 7.563   -5.721  -8.879  1.00 33.99 ? 227 LEU A CD2 1 
ATOM   1243 N N   . MET A 1 185 ? 7.319   -7.682  -12.469 1.00 32.09 ? 228 MET A N   1 
ATOM   1244 C CA  . MET A 1 185 ? 6.212   -7.239  -13.313 1.00 33.84 ? 228 MET A CA  1 
ATOM   1245 C C   . MET A 1 185 ? 5.412   -8.436  -13.822 1.00 32.11 ? 228 MET A C   1 
ATOM   1246 O O   . MET A 1 185 ? 4.198   -8.371  -13.961 1.00 33.25 ? 228 MET A O   1 
ATOM   1247 C CB  . MET A 1 185 ? 6.717   -6.388  -14.481 1.00 30.26 ? 228 MET A CB  1 
ATOM   1248 C CG  . MET A 1 185 ? 7.339   -5.067  -14.024 1.00 30.63 ? 228 MET A CG  1 
ATOM   1249 S SD  . MET A 1 185 ? 6.188   -4.170  -12.954 1.00 31.30 ? 228 MET A SD  1 
ATOM   1250 C CE  . MET A 1 185 ? 5.031   -3.491  -14.150 1.00 30.71 ? 228 MET A CE  1 
ATOM   1251 N N   . HIS A 1 186 ? 6.102   -9.544  -14.053 1.00 36.05 ? 229 HIS A N   1 
ATOM   1252 C CA  . HIS A 1 186 ? 5.446   -10.766 -14.481 1.00 35.61 ? 229 HIS A CA  1 
ATOM   1253 C C   . HIS A 1 186 ? 4.498   -11.319 -13.430 1.00 35.66 ? 229 HIS A C   1 
ATOM   1254 O O   . HIS A 1 186 ? 3.360   -11.666 -13.733 1.00 36.90 ? 229 HIS A O   1 
ATOM   1255 C CB  . HIS A 1 186 ? 6.469   -11.832 -14.832 1.00 35.86 ? 229 HIS A CB  1 
ATOM   1256 C CG  . HIS A 1 186 ? 5.846   -13.107 -15.286 1.00 40.92 ? 229 HIS A CG  1 
ATOM   1257 N ND1 . HIS A 1 186 ? 5.061   -13.183 -16.419 1.00 33.02 ? 229 HIS A ND1 1 
ATOM   1258 C CD2 . HIS A 1 186 ? 5.837   -14.342 -14.733 1.00 35.21 ? 229 HIS A CD2 1 
ATOM   1259 C CE1 . HIS A 1 186 ? 4.635   -14.424 -16.567 1.00 38.91 ? 229 HIS A CE1 1 
ATOM   1260 N NE2 . HIS A 1 186 ? 5.096   -15.148 -15.562 1.00 43.42 ? 229 HIS A NE2 1 
ATOM   1261 N N   . LYS A 1 187 ? 4.975   -11.408 -12.196 1.00 34.32 ? 230 LYS A N   1 
ATOM   1262 C CA  . LYS A 1 187 ? 4.133   -11.869 -11.114 1.00 36.59 ? 230 LYS A CA  1 
ATOM   1263 C C   . LYS A 1 187 ? 2.952   -10.930 -10.912 1.00 35.38 ? 230 LYS A C   1 
ATOM   1264 O O   . LYS A 1 187 ? 1.822   -11.383 -10.747 1.00 33.65 ? 230 LYS A O   1 
ATOM   1265 C CB  . LYS A 1 187 ? 4.942   -12.001 -9.824  1.00 33.91 ? 230 LYS A CB  1 
ATOM   1266 C CG  . LYS A 1 187 ? 5.928   -13.169 -9.859  1.00 46.42 ? 230 LYS A CG  1 
ATOM   1267 C CD  . LYS A 1 187 ? 6.790   -13.218 -8.611  1.00 50.32 ? 230 LYS A CD  1 
ATOM   1268 C CE  . LYS A 1 187 ? 7.662   -14.481 -8.580  1.00 57.64 ? 230 LYS A CE  1 
ATOM   1269 N NZ  . LYS A 1 187 ? 8.551   -14.648 -9.762  1.00 53.82 ? 230 LYS A NZ  1 
ATOM   1270 N N   . VAL A 1 188 ? 3.206   -9.622  -10.920 1.00 34.45 ? 231 VAL A N   1 
ATOM   1271 C CA  . VAL A 1 188 ? 2.124   -8.659  -10.757 1.00 34.37 ? 231 VAL A CA  1 
ATOM   1272 C C   . VAL A 1 188 ? 1.038   -8.948  -11.784 1.00 37.82 ? 231 VAL A C   1 
ATOM   1273 O O   . VAL A 1 188 ? -0.177  -9.009  -11.481 1.00 30.38 ? 231 VAL A O   1 
ATOM   1274 C CB  . VAL A 1 188 ? 2.606   -7.214  -10.923 1.00 35.37 ? 231 VAL A CB  1 
ATOM   1275 C CG1 . VAL A 1 188 ? 1.424   -6.280  -11.296 1.00 34.23 ? 231 VAL A CG1 1 
ATOM   1276 C CG2 . VAL A 1 188 ? 3.303   -6.743  -9.667  1.00 30.50 ? 231 VAL A CG2 1 
ATOM   1277 N N   . ASN A 1 189 ? 1.496   -9.166  -13.006 1.00 33.65 ? 232 ASN A N   1 
ATOM   1278 C CA  . ASN A 1 189 ? 0.567   -9.357  -14.103 1.00 35.40 ? 232 ASN A CA  1 
ATOM   1279 C C   . ASN A 1 189 ? -0.259  -10.630 -13.963 1.00 37.72 ? 232 ASN A C   1 
ATOM   1280 O O   . ASN A 1 189 ? -1.376  -10.691 -14.466 1.00 37.90 ? 232 ASN A O   1 
ATOM   1281 C CB  . ASN A 1 189 ? 1.318   -9.365  -15.417 1.00 42.22 ? 232 ASN A CB  1 
ATOM   1282 C CG  . ASN A 1 189 ? 0.455   -8.939  -16.554 1.00 43.30 ? 232 ASN A CG  1 
ATOM   1283 O OD1 . ASN A 1 189 ? 0.010   -9.762  -17.350 1.00 46.34 ? 232 ASN A OD1 1 
ATOM   1284 N ND2 . ASN A 1 189 ? 0.172   -7.646  -16.623 1.00 48.06 ? 232 ASN A ND2 1 
ATOM   1285 N N   . ASN A 1 190 ? 0.270   -11.625 -13.248 1.00 34.48 ? 233 ASN A N   1 
ATOM   1286 C CA  . ASN A 1 190 ? -0.455  -12.877 -13.058 1.00 37.70 ? 233 ASN A CA  1 
ATOM   1287 C C   . ASN A 1 190 ? -1.338  -12.883 -11.810 1.00 42.35 ? 233 ASN A C   1 
ATOM   1288 O O   . ASN A 1 190 ? -2.055  -13.849 -11.566 1.00 37.64 ? 233 ASN A O   1 
ATOM   1289 C CB  . ASN A 1 190 ? 0.511   -14.060 -12.986 1.00 38.87 ? 233 ASN A CB  1 
ATOM   1290 C CG  . ASN A 1 190 ? 1.206   -14.345 -14.318 1.00 44.22 ? 233 ASN A CG  1 
ATOM   1291 O OD1 . ASN A 1 190 ? 0.766   -13.898 -15.386 1.00 45.50 ? 233 ASN A OD1 1 
ATOM   1292 N ND2 . ASN A 1 190 ? 2.296   -15.106 -14.256 1.00 46.87 ? 233 ASN A ND2 1 
ATOM   1293 N N   . LEU A 1 191 ? -1.303  -11.804 -11.032 1.00 36.62 ? 234 LEU A N   1 
ATOM   1294 C CA  . LEU A 1 191 ? -1.993  -11.786 -9.753  1.00 34.24 ? 234 LEU A CA  1 
ATOM   1295 C C   . LEU A 1 191 ? -3.023  -10.676 -9.590  1.00 39.41 ? 234 LEU A C   1 
ATOM   1296 O O   . LEU A 1 191 ? -3.570  -10.504 -8.500  1.00 38.71 ? 234 LEU A O   1 
ATOM   1297 C CB  . LEU A 1 191 ? -0.971  -11.682 -8.628  1.00 36.95 ? 234 LEU A CB  1 
ATOM   1298 C CG  . LEU A 1 191 ? -0.010  -12.868 -8.562  1.00 38.47 ? 234 LEU A CG  1 
ATOM   1299 C CD1 . LEU A 1 191 ? 1.167   -12.545 -7.657  1.00 32.49 ? 234 LEU A CD1 1 
ATOM   1300 C CD2 . LEU A 1 191 ? -0.769  -14.115 -8.098  1.00 40.77 ? 234 LEU A CD2 1 
ATOM   1301 N N   . PHE A 1 192 ? -3.278  -9.911  -10.646 1.00 33.76 ? 235 PHE A N   1 
ATOM   1302 C CA  . PHE A 1 192 ? -4.233  -8.806  -10.575 1.00 38.92 ? 235 PHE A CA  1 
ATOM   1303 C C   . PHE A 1 192 ? -4.924  -8.719  -11.907 1.00 34.90 ? 235 PHE A C   1 
ATOM   1304 O O   . PHE A 1 192 ? -4.525  -9.399  -12.825 1.00 36.03 ? 235 PHE A O   1 
ATOM   1305 C CB  . PHE A 1 192 ? -3.532  -7.482  -10.200 1.00 36.79 ? 235 PHE A CB  1 
ATOM   1306 C CG  . PHE A 1 192 ? -2.945  -7.520  -8.831  1.00 34.02 ? 235 PHE A CG  1 
ATOM   1307 C CD1 . PHE A 1 192 ? -1.644  -7.937  -8.637  1.00 31.18 ? 235 PHE A CD1 1 
ATOM   1308 C CD2 . PHE A 1 192 ? -3.728  -7.242  -7.731  1.00 35.81 ? 235 PHE A CD2 1 
ATOM   1309 C CE1 . PHE A 1 192 ? -1.122  -8.045  -7.360  1.00 38.38 ? 235 PHE A CE1 1 
ATOM   1310 C CE2 . PHE A 1 192 ? -3.212  -7.341  -6.452  1.00 34.90 ? 235 PHE A CE2 1 
ATOM   1311 C CZ  . PHE A 1 192 ? -1.907  -7.733  -6.266  1.00 39.41 ? 235 PHE A CZ  1 
ATOM   1312 N N   . ASN A 1 193 ? -5.964  -7.899  -12.010 1.00 42.11 ? 236 ASN A N   1 
ATOM   1313 C CA  . ASN A 1 193 ? -6.738  -7.783  -13.250 1.00 39.14 ? 236 ASN A CA  1 
ATOM   1314 C C   . ASN A 1 193 ? -6.246  -6.659  -14.153 1.00 40.29 ? 236 ASN A C   1 
ATOM   1315 O O   . ASN A 1 193 ? -5.951  -5.571  -13.653 1.00 39.16 ? 236 ASN A O   1 
ATOM   1316 C CB  . ASN A 1 193 ? -8.213  -7.533  -12.928 1.00 40.98 ? 236 ASN A CB  1 
ATOM   1317 C CG  . ASN A 1 193 ? -8.893  -8.735  -12.325 1.00 43.45 ? 236 ASN A CG  1 
ATOM   1318 O OD1 . ASN A 1 193 ? -8.684  -9.869  -12.755 1.00 44.16 ? 236 ASN A OD1 1 
ATOM   1319 N ND2 . ASN A 1 193 ? -9.718  -8.490  -11.316 1.00 44.85 ? 236 ASN A ND2 1 
ATOM   1320 N N   . PHE A 1 194 ? -6.205  -6.912  -15.467 1.00 35.80 ? 237 PHE A N   1 
ATOM   1321 C CA  . PHE A 1 194 ? -5.802  -5.909  -16.462 1.00 43.14 ? 237 PHE A CA  1 
ATOM   1322 C C   . PHE A 1 194 ? -6.713  -5.901  -17.711 1.00 49.95 ? 237 PHE A C   1 
ATOM   1323 O O   . PHE A 1 194 ? -7.170  -6.953  -18.163 1.00 47.77 ? 237 PHE A O   1 
ATOM   1324 C CB  . PHE A 1 194 ? -4.346  -6.142  -16.872 1.00 33.37 ? 237 PHE A CB  1 
ATOM   1325 C CG  . PHE A 1 194 ? -3.387  -5.947  -15.756 1.00 36.72 ? 237 PHE A CG  1 
ATOM   1326 C CD1 . PHE A 1 194 ? -3.039  -7.004  -14.934 1.00 35.33 ? 237 PHE A CD1 1 
ATOM   1327 C CD2 . PHE A 1 194 ? -2.856  -4.694  -15.501 1.00 36.32 ? 237 PHE A CD2 1 
ATOM   1328 C CE1 . PHE A 1 194 ? -2.175  -6.812  -13.884 1.00 37.27 ? 237 PHE A CE1 1 
ATOM   1329 C CE2 . PHE A 1 194 ? -1.978  -4.493  -14.462 1.00 34.62 ? 237 PHE A CE2 1 
ATOM   1330 C CZ  . PHE A 1 194 ? -1.641  -5.548  -13.645 1.00 34.41 ? 237 PHE A CZ  1 
ATOM   1331 N N   . ASN A 1 195 ? -6.982  -4.708  -18.250 1.00 51.73 ? 238 ASN A N   1 
ATOM   1332 C CA  . ASN A 1 195 ? -7.768  -4.556  -19.484 1.00 51.40 ? 238 ASN A CA  1 
ATOM   1333 C C   . ASN A 1 195 ? -6.971  -4.946  -20.730 1.00 52.84 ? 238 ASN A C   1 
ATOM   1334 O O   . ASN A 1 195 ? -6.942  -6.109  -21.130 1.00 55.11 ? 238 ASN A O   1 
ATOM   1335 C CB  . ASN A 1 195 ? -8.267  -3.116  -19.635 1.00 52.16 ? 238 ASN A CB  1 
ATOM   1336 C CG  . ASN A 1 195 ? -9.084  -2.647  -18.439 1.00 59.52 ? 238 ASN A CG  1 
ATOM   1337 O OD1 . ASN A 1 195 ? -9.930  -3.382  -17.926 1.00 63.21 ? 238 ASN A OD1 1 
ATOM   1338 N ND2 . ASN A 1 195 ? -8.823  -1.424  -17.980 1.00 61.67 ? 238 ASN A ND2 1 
ATOM   1339 N N   . PRO B 2 3   ? -15.089 0.367   9.190   1.00 69.92 ? 220 PRO B N   1 
ATOM   1340 C CA  . PRO B 2 3   ? -14.586 0.202   7.820   1.00 60.68 ? 220 PRO B CA  1 
ATOM   1341 C C   . PRO B 2 3   ? -14.099 -1.231  7.609   1.00 61.64 ? 220 PRO B C   1 
ATOM   1342 O O   . PRO B 2 3   ? -13.017 -1.597  8.084   1.00 59.79 ? 220 PRO B O   1 
ATOM   1343 C CB  . PRO B 2 3   ? -13.446 1.216   7.749   1.00 58.97 ? 220 PRO B CB  1 
ATOM   1344 C CG  . PRO B 2 3   ? -12.926 1.291   9.190   1.00 64.03 ? 220 PRO B CG  1 
ATOM   1345 C CD  . PRO B 2 3   ? -14.057 0.885   10.111  1.00 63.09 ? 220 PRO B CD  1 
ATOM   1346 N N   . ILE B 2 4   ? -14.904 -2.040  6.920   1.00 59.23 ? 221 ILE B N   1 
ATOM   1347 C CA  . ILE B 2 4   ? -14.693 -3.484  6.916   1.00 58.18 ? 221 ILE B CA  1 
ATOM   1348 C C   . ILE B 2 4   ? -13.355 -3.875  6.268   1.00 62.80 ? 221 ILE B C   1 
ATOM   1349 O O   . ILE B 2 4   ? -12.614 -4.685  6.836   1.00 59.29 ? 221 ILE B O   1 
ATOM   1350 C CB  . ILE B 2 4   ? -15.879 -4.231  6.225   1.00 60.19 ? 221 ILE B CB  1 
ATOM   1351 C CG1 . ILE B 2 4   ? -15.768 -5.745  6.432   1.00 61.53 ? 221 ILE B CG1 1 
ATOM   1352 C CG2 . ILE B 2 4   ? -16.008 -3.876  4.749   1.00 59.74 ? 221 ILE B CG2 1 
ATOM   1353 C CD1 . ILE B 2 4   ? -15.925 -6.181  7.880   1.00 67.45 ? 221 ILE B CD1 1 
ATOM   1354 N N   . ALA B 2 5   ? -13.027 -3.281  5.117   1.00 61.09 ? 222 ALA B N   1 
ATOM   1355 C CA  . ALA B 2 5   ? -11.776 -3.588  4.424   1.00 60.15 ? 222 ALA B CA  1 
ATOM   1356 C C   . ALA B 2 5   ? -10.590 -3.283  5.323   1.00 55.44 ? 222 ALA B C   1 
ATOM   1357 O O   . ALA B 2 5   ? -9.636  -4.057  5.394   1.00 54.79 ? 222 ALA B O   1 
ATOM   1358 C CB  . ALA B 2 5   ? -11.667 -2.808  3.126   1.00 52.51 ? 222 ALA B CB  1 
ATOM   1359 N N   . ARG B 2 6   ? -10.661 -2.160  6.027   1.00 55.69 ? 223 ARG B N   1 
ATOM   1360 C CA  . ARG B 2 6   ? -9.608  -1.826  6.970   1.00 56.41 ? 223 ARG B CA  1 
ATOM   1361 C C   . ARG B 2 6   ? -9.649  -2.765  8.177   1.00 54.96 ? 223 ARG B C   1 
ATOM   1362 O O   . ARG B 2 6   ? -8.610  -3.103  8.746   1.00 57.17 ? 223 ARG B O   1 
ATOM   1363 C CB  . ARG B 2 6   ? -9.720  -0.368  7.425   1.00 59.32 ? 223 ARG B CB  1 
ATOM   1364 C CG  . ARG B 2 6   ? -8.551  0.068   8.291   1.00 52.91 ? 223 ARG B CG  1 
ATOM   1365 C CD  . ARG B 2 6   ? -8.763  1.410   8.984   1.00 53.17 ? 223 ARG B CD  1 
ATOM   1366 N NE  . ARG B 2 6   ? -7.643  1.670   9.887   1.00 57.86 ? 223 ARG B NE  1 
ATOM   1367 C CZ  . ARG B 2 6   ? -7.687  2.466   10.949  1.00 61.94 ? 223 ARG B CZ  1 
ATOM   1368 N NH1 . ARG B 2 6   ? -8.810  3.104   11.263  1.00 64.29 ? 223 ARG B NH1 1 
ATOM   1369 N NH2 . ARG B 2 6   ? -6.598  2.620   11.697  1.00 60.75 ? 223 ARG B NH2 1 
ATOM   1370 N N   . ARG B 2 7   ? -10.849 -3.196  8.559   1.00 60.23 ? 224 ARG B N   1 
ATOM   1371 C CA  . ARG B 2 7   ? -11.007 -4.019  9.753   1.00 55.54 ? 224 ARG B CA  1 
ATOM   1372 C C   . ARG B 2 7   ? -10.317 -5.362  9.586   1.00 53.11 ? 224 ARG B C   1 
ATOM   1373 O O   . ARG B 2 7   ? -9.578  -5.814  10.474  1.00 48.61 ? 224 ARG B O   1 
ATOM   1374 C CB  . ARG B 2 7   ? -12.490 -4.222  10.078  1.00 60.80 ? 224 ARG B CB  1 
ATOM   1375 C CG  . ARG B 2 7   ? -12.743 -5.014  11.358  1.00 63.63 ? 224 ARG B CG  1 
ATOM   1376 C CD  . ARG B 2 7   ? -14.205 -4.911  11.800  1.00 70.70 ? 224 ARG B CD  1 
ATOM   1377 N NE  . ARG B 2 7   ? -14.704 -3.542  11.687  1.00 76.01 ? 224 ARG B NE  1 
ATOM   1378 C CZ  . ARG B 2 7   ? -15.793 -3.188  11.009  1.00 74.15 ? 224 ARG B CZ  1 
ATOM   1379 N NH1 . ARG B 2 7   ? -16.525 -4.109  10.388  1.00 70.92 ? 224 ARG B NH1 1 
ATOM   1380 N NH2 . ARG B 2 7   ? -16.154 -1.910  10.960  1.00 69.36 ? 224 ARG B NH2 1 
ATOM   1381 N N   . LYS B 2 8   ? -10.560 -5.992  8.438   1.00 55.41 ? 225 LYS B N   1 
ATOM   1382 C CA  . LYS B 2 8   ? -9.986  -7.298  8.133   1.00 50.36 ? 225 LYS B CA  1 
ATOM   1383 C C   . LYS B 2 8   ? -8.464  -7.242  8.062   1.00 53.35 ? 225 LYS B C   1 
ATOM   1384 O O   . LYS B 2 8   ? -7.780  -8.118  8.609   1.00 51.05 ? 225 LYS B O   1 
ATOM   1385 C CB  . LYS B 2 8   ? -10.550 -7.834  6.819   1.00 54.34 ? 225 LYS B CB  1 
ATOM   1386 C CG  . LYS B 2 8   ? -12.053 -7.703  6.682   1.00 57.62 ? 225 LYS B CG  1 
ATOM   1387 C CD  . LYS B 2 8   ? -12.631 -8.931  5.999   1.00 64.46 ? 225 LYS B CD  1 
ATOM   1388 C CE  . LYS B 2 8   ? -13.810 -8.580  5.113   1.00 64.94 ? 225 LYS B CE  1 
ATOM   1389 N NZ  . LYS B 2 8   ? -14.378 -9.804  4.479   1.00 67.84 ? 225 LYS B NZ  1 
ATOM   1390 N N   . SER B 2 9   ? -7.943  -6.205  7.398   1.00 47.78 ? 226 SER B N   1 
ATOM   1391 C CA  . SER B 2 9   ? -6.501  -6.038  7.228   1.00 43.52 ? 226 SER B CA  1 
ATOM   1392 C C   . SER B 2 9   ? -5.865  -5.811  8.580   1.00 49.54 ? 226 SER B C   1 
ATOM   1393 O O   . SER B 2 9   ? -4.821  -6.393  8.909   1.00 45.42 ? 226 SER B O   1 
ATOM   1394 C CB  . SER B 2 9   ? -6.184  -4.860  6.289   1.00 48.56 ? 226 SER B CB  1 
ATOM   1395 O OG  . SER B 2 9   ? -6.626  -5.102  4.959   1.00 40.80 ? 226 SER B OG  1 
ATOM   1396 N N   . LEU B 2 10  ? -6.515  -4.958  9.366   1.00 48.92 ? 227 LEU B N   1 
ATOM   1397 C CA  . LEU B 2 10  ? -6.050  -4.648  10.708  1.00 50.84 ? 227 LEU B CA  1 
ATOM   1398 C C   . LEU B 2 10  ? -5.987  -5.927  11.533  1.00 47.26 ? 227 LEU B C   1 
ATOM   1399 O O   . LEU B 2 10  ? -4.957  -6.242  12.148  1.00 46.22 ? 227 LEU B O   1 
ATOM   1400 C CB  . LEU B 2 10  ? -6.971  -3.619  11.358  1.00 51.64 ? 227 LEU B CB  1 
ATOM   1401 C CG  . LEU B 2 10  ? -6.390  -2.799  12.502  1.00 56.25 ? 227 LEU B CG  1 
ATOM   1402 C CD1 . LEU B 2 10  ? -5.113  -2.100  12.048  1.00 53.68 ? 227 LEU B CD1 1 
ATOM   1403 C CD2 . LEU B 2 10  ? -7.429  -1.787  12.960  1.00 55.29 ? 227 LEU B CD2 1 
ATOM   1404 N N   . GLN B 2 11  ? -7.090  -6.671  11.518  1.00 49.50 ? 228 GLN B N   1 
ATOM   1405 C CA  . GLN B 2 11  ? -7.154  -7.968  12.184  1.00 49.07 ? 228 GLN B CA  1 
ATOM   1406 C C   . GLN B 2 11  ? -5.994  -8.869  11.767  1.00 52.10 ? 228 GLN B C   1 
ATOM   1407 O O   . GLN B 2 11  ? -5.254  -9.343  12.629  1.00 51.85 ? 228 GLN B O   1 
ATOM   1408 C CB  . GLN B 2 11  ? -8.490  -8.656  11.895  1.00 52.92 ? 228 GLN B CB  1 
ATOM   1409 C CG  . GLN B 2 11  ? -8.574  -10.048 12.493  1.00 62.22 ? 228 GLN B CG  1 
ATOM   1410 C CD  . GLN B 2 11  ? -9.950  -10.687 12.365  1.00 70.81 ? 228 GLN B CD  1 
ATOM   1411 O OE1 . GLN B 2 11  ? -10.885 -10.098 11.800  1.00 65.61 ? 228 GLN B OE1 1 
ATOM   1412 N NE2 . GLN B 2 11  ? -10.077 -11.910 12.886  1.00 64.14 ? 228 GLN B NE2 1 
ATOM   1413 N N   . ARG B 2 12  ? -5.816  -9.075  10.456  1.00 48.72 ? 229 ARG B N   1 
ATOM   1414 C CA  . ARG B 2 12  ? -4.753  -9.952  9.940   1.00 47.99 ? 229 ARG B CA  1 
ATOM   1415 C C   . ARG B 2 12  ? -3.369  -9.453  10.330  1.00 52.49 ? 229 ARG B C   1 
ATOM   1416 O O   . ARG B 2 12  ? -2.479  -10.239 10.667  1.00 53.95 ? 229 ARG B O   1 
ATOM   1417 C CB  . ARG B 2 12  ? -4.837  -10.083 8.412   1.00 49.73 ? 229 ARG B CB  1 
ATOM   1418 C CG  . ARG B 2 12  ? -5.931  -11.018 7.889   1.00 55.19 ? 229 ARG B CG  1 
ATOM   1419 C CD  . ARG B 2 12  ? -5.912  -11.098 6.358   1.00 50.03 ? 229 ARG B CD  1 
ATOM   1420 N NE  . ARG B 2 12  ? -6.549  -9.933  5.744   1.00 50.14 ? 229 ARG B NE  1 
ATOM   1421 C CZ  . ARG B 2 12  ? -7.691  -9.976  5.065   1.00 49.63 ? 229 ARG B CZ  1 
ATOM   1422 N NH1 . ARG B 2 12  ? -8.313  -11.134 4.892   1.00 49.24 ? 229 ARG B NH1 1 
ATOM   1423 N NH2 . ARG B 2 12  ? -8.207  -8.863  4.548   1.00 50.01 ? 229 ARG B NH2 1 
ATOM   1424 N N   . PHE B 2 13  ? -3.195  -8.136  10.277  1.00 53.32 ? 230 PHE B N   1 
ATOM   1425 C CA  . PHE B 2 13  ? -1.928  -7.514  10.630  1.00 48.04 ? 230 PHE B CA  1 
ATOM   1426 C C   . PHE B 2 13  ? -1.548  -7.768  12.085  1.00 48.65 ? 230 PHE B C   1 
ATOM   1427 O O   . PHE B 2 13  ? -0.422  -8.159  12.376  1.00 54.37 ? 230 PHE B O   1 
ATOM   1428 C CB  . PHE B 2 13  ? -1.981  -5.999  10.368  1.00 50.45 ? 230 PHE B CB  1 
ATOM   1429 C CG  . PHE B 2 13  ? -0.765  -5.265  10.859  1.00 49.66 ? 230 PHE B CG  1 
ATOM   1430 C CD1 . PHE B 2 13  ? 0.390   -5.225  10.089  1.00 49.01 ? 230 PHE B CD1 1 
ATOM   1431 C CD2 . PHE B 2 13  ? -0.768  -4.632  12.095  1.00 49.87 ? 230 PHE B CD2 1 
ATOM   1432 C CE1 . PHE B 2 13  ? 1.526   -4.564  10.545  1.00 50.04 ? 230 PHE B CE1 1 
ATOM   1433 C CE2 . PHE B 2 13  ? 0.359   -3.968  12.550  1.00 53.06 ? 230 PHE B CE2 1 
ATOM   1434 C CZ  . PHE B 2 13  ? 1.508   -3.933  11.775  1.00 45.66 ? 230 PHE B CZ  1 
ATOM   1435 N N   . LEU B 2 14  ? -2.479  -7.517  13.000  1.00 52.29 ? 231 LEU B N   1 
ATOM   1436 C CA  . LEU B 2 14  ? -2.205  -7.660  14.430  1.00 55.31 ? 231 LEU B CA  1 
ATOM   1437 C C   . LEU B 2 14  ? -1.963  -9.115  14.811  1.00 58.54 ? 231 LEU B C   1 
ATOM   1438 O O   . LEU B 2 14  ? -1.033  -9.421  15.561  1.00 65.34 ? 231 LEU B O   1 
ATOM   1439 C CB  . LEU B 2 14  ? -3.353  -7.086  15.258  1.00 54.72 ? 231 LEU B CB  1 
ATOM   1440 C CG  . LEU B 2 14  ? -3.664  -5.604  15.038  1.00 52.76 ? 231 LEU B CG  1 
ATOM   1441 C CD1 . LEU B 2 14  ? -4.955  -5.195  15.734  1.00 52.99 ? 231 LEU B CD1 1 
ATOM   1442 C CD2 . LEU B 2 14  ? -2.502  -4.738  15.498  1.00 52.18 ? 231 LEU B CD2 1 
ATOM   1443 N N   . GLU B 2 15  ? -2.800  -10.008 14.285  1.00 59.01 ? 232 GLU B N   1 
ATOM   1444 C CA  . GLU B 2 15  ? -2.640  -11.441 14.520  1.00 63.84 ? 232 GLU B CA  1 
ATOM   1445 C C   . GLU B 2 15  ? -1.293  -11.976 14.046  1.00 65.84 ? 232 GLU B C   1 
ATOM   1446 O O   . GLU B 2 15  ? -0.669  -12.791 14.729  1.00 69.83 ? 232 GLU B O   1 
ATOM   1447 C CB  . GLU B 2 15  ? -3.764  -12.236 13.848  1.00 61.33 ? 232 GLU B CB  1 
ATOM   1448 C CG  . GLU B 2 15  ? -5.176  -11.841 14.272  1.00 66.00 ? 232 GLU B CG  1 
ATOM   1449 C CD  . GLU B 2 15  ? -6.257  -12.705 13.620  1.00 71.23 ? 232 GLU B CD  1 
ATOM   1450 O OE1 . GLU B 2 15  ? -5.911  -13.532 12.741  1.00 69.07 ? 232 GLU B OE1 1 
ATOM   1451 O OE2 . GLU B 2 15  ? -7.448  -12.566 13.993  1.00 73.57 ? 232 GLU B OE2 1 
ATOM   1452 N N   . LYS B 2 16  ? -0.829  -11.516 12.889  1.00 61.34 ? 233 LYS B N   1 
ATOM   1453 C CA  . LYS B 2 16  ? 0.444   -12.011 12.395  1.00 63.54 ? 233 LYS B CA  1 
ATOM   1454 C C   . LYS B 2 16  ? 1.567   -11.347 13.182  1.00 67.34 ? 233 LYS B C   1 
ATOM   1455 O O   . LYS B 2 16  ? 2.656   -11.912 13.345  1.00 71.30 ? 233 LYS B O   1 
ATOM   1456 C CB  . LYS B 2 16  ? 0.600   -11.754 10.895  1.00 62.24 ? 233 LYS B CB  1 
ATOM   1457 C CG  . LYS B 2 16  ? 1.984   -12.132 10.387  1.00 69.80 ? 233 LYS B CG  1 
ATOM   1458 C CD  . LYS B 2 16  ? 2.218   -11.805 8.918   1.00 70.65 ? 233 LYS B CD  1 
ATOM   1459 C CE  . LYS B 2 16  ? 3.581   -11.137 8.756   1.00 65.21 ? 233 LYS B CE  1 
ATOM   1460 N NZ  . LYS B 2 16  ? 4.399   -11.750 7.669   1.00 55.95 ? 233 LYS B NZ  1 
ATOM   1461 N N   . ARG B 2 17  ? 1.286   -10.149 13.689  1.00 63.65 ? 234 ARG B N   1 
ATOM   1462 C CA  . ARG B 2 17  ? 2.267   -9.407  14.469  1.00 67.74 ? 234 ARG B CA  1 
ATOM   1463 C C   . ARG B 2 17  ? 2.657   -10.203 15.707  1.00 70.61 ? 234 ARG B C   1 
ATOM   1464 O O   . ARG B 2 17  ? 3.830   -10.240 16.092  1.00 72.30 ? 234 ARG B O   1 
ATOM   1465 C CB  . ARG B 2 17  ? 1.738   -8.026  14.871  1.00 61.56 ? 234 ARG B CB  1 
ATOM   1466 C CG  . ARG B 2 17  ? 2.711   -7.252  15.753  1.00 59.83 ? 234 ARG B CG  1 
ATOM   1467 C CD  . ARG B 2 17  ? 2.395   -5.763  15.831  1.00 58.26 ? 234 ARG B CD  1 
ATOM   1468 N NE  . ARG B 2 17  ? 2.853   -5.195  17.095  1.00 54.85 ? 234 ARG B NE  1 
ATOM   1469 C CZ  . ARG B 2 17  ? 4.096   -4.800  17.340  1.00 55.48 ? 234 ARG B CZ  1 
ATOM   1470 N NH1 . ARG B 2 17  ? 5.019   -4.892  16.398  1.00 57.94 ? 234 ARG B NH1 1 
ATOM   1471 N NH2 . ARG B 2 17  ? 4.417   -4.310  18.531  1.00 57.93 ? 234 ARG B NH2 1 
ATOM   1472 N N   . LYS B 2 18  ? 1.669   -10.867 16.300  1.00 71.30 ? 235 LYS B N   1 
ATOM   1473 C CA  . LYS B 2 18  ? 1.892   -11.735 17.457  1.00 75.43 ? 235 LYS B CA  1 
ATOM   1474 C C   . LYS B 2 18  ? 2.991   -12.780 17.214  1.00 80.15 ? 235 LYS B C   1 
ATOM   1475 O O   . LYS B 2 18  ? 3.530   -13.346 18.159  1.00 82.93 ? 235 LYS B O   1 
ATOM   1476 C CB  . LYS B 2 18  ? 0.592   -12.446 17.846  1.00 72.55 ? 235 LYS B CB  1 
ATOM   1477 C CG  . LYS B 2 18  ? -0.474  -11.532 18.447  1.00 75.06 ? 235 LYS B CG  1 
ATOM   1478 C CD  . LYS B 2 18  ? -0.183  -11.192 19.907  1.00 80.57 ? 235 LYS B CD  1 
ATOM   1479 C CE  . LYS B 2 18  ? -1.046  -10.028 20.400  1.00 79.80 ? 235 LYS B CE  1 
ATOM   1480 N NZ  . LYS B 2 18  ? -2.404  -9.991  19.772  1.00 67.22 ? 235 LYS B NZ  1 
ATOM   1481 N N   . GLU B 2 19  ? 3.314   -13.034 15.950  1.00 80.18 ? 236 GLU B N   1 
ATOM   1482 C CA  . GLU B 2 19  ? 4.362   -13.982 15.599  1.00 79.67 ? 236 GLU B CA  1 
ATOM   1483 C C   . GLU B 2 19  ? 5.540   -13.286 14.920  1.00 79.14 ? 236 GLU B C   1 
ATOM   1484 O O   . GLU B 2 19  ? 6.431   -12.755 15.588  1.00 76.16 ? 236 GLU B O   1 
ATOM   1485 C CB  . GLU B 2 19  ? 3.793   -15.068 14.691  1.00 79.86 ? 236 GLU B CB  1 
ATOM   1486 C CG  . GLU B 2 19  ? 2.539   -15.706 15.247  1.00 79.38 ? 236 GLU B CG  1 
ATOM   1487 C CD  . GLU B 2 19  ? 1.503   -15.957 14.174  1.00 91.04 ? 236 GLU B CD  1 
ATOM   1488 O OE1 . GLU B 2 19  ? 0.440   -15.299 14.206  1.00 91.06 ? 236 GLU B OE1 1 
ATOM   1489 O OE2 . GLU B 2 19  ? 1.758   -16.804 13.291  1.00 92.65 ? 236 GLU B OE2 1 
HETATM 1490 O O   . HOH C 3 .   ? 0.715   -5.784  -16.299 1.00 61.49 ? 301 HOH A O   1 
HETATM 1491 O O   . HOH C 3 .   ? -9.774  -11.376 -0.431  1.00 43.90 ? 302 HOH A O   1 
HETATM 1492 O O   . HOH C 3 .   ? -9.665  -5.668  16.243  1.00 56.06 ? 303 HOH A O   1 
HETATM 1493 O O   . HOH C 3 .   ? -3.579  8.044   7.830   1.00 44.47 ? 304 HOH A O   1 
HETATM 1494 O O   . HOH C 3 .   ? 3.742   9.713   -13.271 1.00 50.44 ? 305 HOH A O   1 
HETATM 1495 O O   . HOH C 3 .   ? -22.472 12.098  -11.508 1.00 48.66 ? 306 HOH A O   1 
HETATM 1496 O O   . HOH C 3 .   ? -8.847  9.168   3.733   1.00 41.70 ? 307 HOH A O   1 
HETATM 1497 O O   . HOH C 3 .   ? 10.562  -10.928 -7.678  1.00 47.18 ? 308 HOH A O   1 
HETATM 1498 O O   . HOH C 3 .   ? 7.595   -8.590  -16.664 1.00 44.24 ? 309 HOH A O   1 
HETATM 1499 O O   . HOH C 3 .   ? 13.332  -13.449 -2.752  1.00 56.37 ? 310 HOH A O   1 
HETATM 1500 O O   . HOH C 3 .   ? 3.350   -15.686 -12.053 1.00 60.04 ? 311 HOH A O   1 
HETATM 1501 O O   . HOH C 3 .   ? 10.043  16.875  -4.082  1.00 48.88 ? 312 HOH A O   1 
HETATM 1502 O O   . HOH C 3 .   ? 9.466   -9.867  -0.795  1.00 42.86 ? 313 HOH A O   1 
HETATM 1503 O O   . HOH C 3 .   ? -10.537 -14.402 -7.412  1.00 47.63 ? 314 HOH A O   1 
HETATM 1504 O O   . HOH C 3 .   ? -25.046 15.931  0.145   1.00 47.16 ? 315 HOH A O   1 
HETATM 1505 O O   . HOH C 3 .   ? 14.374  6.206   3.369   1.00 51.07 ? 316 HOH A O   1 
HETATM 1506 O O   . HOH C 3 .   ? -18.840 11.720  -12.547 1.00 55.80 ? 317 HOH A O   1 
HETATM 1507 O O   . HOH C 3 .   ? -8.317  3.935   3.526   1.00 43.52 ? 318 HOH A O   1 
HETATM 1508 O O   . HOH C 3 .   ? 8.453   2.044   24.973  1.00 51.83 ? 319 HOH A O   1 
HETATM 1509 O O   . HOH C 3 .   ? -20.817 5.073   -8.438  1.00 50.63 ? 320 HOH A O   1 
HETATM 1510 O O   . HOH C 3 .   ? 13.349  4.544   9.326   1.00 45.75 ? 321 HOH A O   1 
HETATM 1511 O O   . HOH C 3 .   ? -10.711 -0.300  -15.110 1.00 51.60 ? 322 HOH A O   1 
HETATM 1512 O O   . HOH C 3 .   ? -7.827  -14.047 -0.199  1.00 46.17 ? 323 HOH A O   1 
HETATM 1513 O O   . HOH C 3 .   ? -4.605  -7.811  5.472   1.00 46.04 ? 324 HOH A O   1 
HETATM 1514 O O   . HOH C 3 .   ? 10.858  12.288  2.770   1.00 32.16 ? 325 HOH A O   1 
HETATM 1515 O O   . HOH C 3 .   ? -7.172  -11.145 -14.596 1.00 48.45 ? 326 HOH A O   1 
HETATM 1516 O O   . HOH C 3 .   ? 17.357  -4.227  -7.878  1.00 40.32 ? 327 HOH A O   1 
HETATM 1517 O O   . HOH C 3 .   ? -2.472  14.805  3.518   1.00 55.90 ? 328 HOH A O   1 
HETATM 1518 O O   . HOH C 3 .   ? -5.632  5.855   -18.358 1.00 45.55 ? 329 HOH A O   1 
HETATM 1519 O O   . HOH C 3 .   ? -7.508  0.840   -14.733 1.00 40.62 ? 330 HOH A O   1 
HETATM 1520 O O   . HOH C 3 .   ? 2.525   -6.623  -15.693 1.00 60.30 ? 331 HOH A O   1 
HETATM 1521 O O   . HOH C 3 .   ? 5.505   6.293   -15.037 1.00 38.94 ? 332 HOH A O   1 
HETATM 1522 O O   . HOH C 3 .   ? 15.183  -9.517  -9.576  1.00 50.28 ? 333 HOH A O   1 
HETATM 1523 O O   . HOH C 3 .   ? 5.037   13.538  3.073   1.00 30.62 ? 334 HOH A O   1 
HETATM 1524 O O   . HOH C 3 .   ? -0.615  9.555   7.326   1.00 40.80 ? 335 HOH A O   1 
HETATM 1525 O O   . HOH C 3 .   ? 12.345  1.906   8.412   1.00 45.97 ? 336 HOH A O   1 
HETATM 1526 O O   . HOH C 3 .   ? -10.996 -8.346  -17.311 1.00 56.51 ? 337 HOH A O   1 
HETATM 1527 O O   . HOH C 3 .   ? 11.768  -5.521  -9.149  1.00 34.78 ? 338 HOH A O   1 
HETATM 1528 O O   . HOH C 3 .   ? 15.514  -6.090  -9.625  1.00 40.15 ? 339 HOH A O   1 
HETATM 1529 O O   . HOH C 3 .   ? 15.993  -7.285  -2.953  1.00 48.91 ? 340 HOH A O   1 
HETATM 1530 O O   . HOH C 3 .   ? 11.210  11.214  -8.714  1.00 38.74 ? 341 HOH A O   1 
HETATM 1531 O O   . HOH C 3 .   ? 11.306  -15.369 -2.181  1.00 55.83 ? 342 HOH A O   1 
HETATM 1532 O O   . HOH C 3 .   ? 6.922   -13.703 5.942   1.00 65.69 ? 343 HOH A O   1 
HETATM 1533 O O   . HOH C 3 .   ? -6.859  -5.967  -10.108 1.00 32.28 ? 344 HOH A O   1 
HETATM 1534 O O   . HOH C 3 .   ? -9.125  -6.053  3.330   1.00 50.59 ? 345 HOH A O   1 
HETATM 1535 O O   . HOH C 3 .   ? -12.082 10.055  -12.448 1.00 45.40 ? 346 HOH A O   1 
HETATM 1536 O O   . HOH C 3 .   ? -12.295 2.787   -1.556  1.00 52.44 ? 347 HOH A O   1 
HETATM 1537 O O   . HOH C 3 .   ? -6.011  2.593   -14.744 1.00 45.47 ? 348 HOH A O   1 
HETATM 1538 O O   . HOH C 3 .   ? 4.301   18.670  -4.667  1.00 62.87 ? 349 HOH A O   1 
HETATM 1539 O O   . HOH C 3 .   ? -10.172 13.545  -10.078 1.00 51.27 ? 350 HOH A O   1 
HETATM 1540 O O   . HOH C 3 .   ? 12.008  -3.535  6.112   1.00 58.81 ? 351 HOH A O   1 
HETATM 1541 O O   . HOH C 3 .   ? -0.411  10.245  1.296   1.00 39.97 ? 352 HOH A O   1 
HETATM 1542 O O   . HOH C 3 .   ? 14.675  15.824  -2.743  1.00 48.35 ? 353 HOH A O   1 
HETATM 1543 O O   . HOH C 3 .   ? 1.170   11.335  -2.771  1.00 48.40 ? 354 HOH A O   1 
HETATM 1544 O O   . HOH C 3 .   ? -5.561  -2.714  -16.680 1.00 56.29 ? 355 HOH A O   1 
HETATM 1545 O O   . HOH C 3 .   ? 11.285  10.938  23.768  1.00 53.34 ? 356 HOH A O   1 
HETATM 1546 O O   . HOH C 3 .   ? 15.825  14.396  -5.418  1.00 47.23 ? 357 HOH A O   1 
HETATM 1547 O O   . HOH C 3 .   ? 11.163  0.085   9.852   1.00 41.28 ? 358 HOH A O   1 
HETATM 1548 O O   . HOH C 3 .   ? -4.635  12.184  -0.626  1.00 53.27 ? 359 HOH A O   1 
HETATM 1549 O O   . HOH C 3 .   ? -4.465  12.908  -17.506 1.00 52.41 ? 360 HOH A O   1 
HETATM 1550 O O   . HOH C 3 .   ? 17.596  1.732   -8.609  1.00 48.77 ? 361 HOH A O   1 
HETATM 1551 O O   . HOH C 3 .   ? 9.256   -5.130  15.727  1.00 59.23 ? 362 HOH A O   1 
HETATM 1552 O O   . HOH C 3 .   ? 1.025   14.240  -3.486  1.00 44.80 ? 363 HOH A O   1 
HETATM 1553 O O   . HOH C 3 .   ? -19.874 7.264   -12.600 1.00 58.85 ? 364 HOH A O   1 
HETATM 1554 O O   . HOH C 3 .   ? 8.222   5.584   -13.186 1.00 41.02 ? 365 HOH A O   1 
HETATM 1555 O O   . HOH C 3 .   ? 18.930  5.590   -1.865  1.00 39.33 ? 366 HOH A O   1 
HETATM 1556 O O   . HOH C 3 .   ? 13.247  5.951   -9.782  1.00 31.91 ? 367 HOH A O   1 
HETATM 1557 O O   . HOH C 3 .   ? -6.067  -9.861  -16.282 1.00 56.83 ? 368 HOH A O   1 
HETATM 1558 O O   . HOH C 3 .   ? 14.031  0.773   -11.983 1.00 33.12 ? 369 HOH A O   1 
HETATM 1559 O O   . HOH C 3 .   ? 12.146  1.524   -13.744 1.00 32.21 ? 370 HOH A O   1 
HETATM 1560 O O   . HOH C 3 .   ? 3.718   -7.240  11.920  1.00 55.12 ? 371 HOH A O   1 
HETATM 1561 O O   . HOH C 3 .   ? 13.948  -12.807 -16.142 1.00 46.31 ? 372 HOH A O   1 
HETATM 1562 O O   . HOH C 3 .   ? -2.530  13.288  -12.729 1.00 61.03 ? 373 HOH A O   1 
HETATM 1563 O O   . HOH C 3 .   ? 9.472   -5.298  10.798  1.00 52.99 ? 374 HOH A O   1 
HETATM 1564 O O   . HOH C 3 .   ? 17.240  7.886   -6.028  1.00 38.83 ? 375 HOH A O   1 
HETATM 1565 O O   . HOH C 3 .   ? 5.116   -16.395 4.816   1.00 66.13 ? 376 HOH A O   1 
HETATM 1566 O O   . HOH C 3 .   ? 19.478  -1.129  -0.549  1.00 39.66 ? 377 HOH A O   1 
HETATM 1567 O O   . HOH C 3 .   ? -9.224  -8.831  0.926   1.00 45.06 ? 378 HOH A O   1 
HETATM 1568 O O   . HOH C 3 .   ? -3.922  -12.497 -14.867 1.00 59.44 ? 379 HOH A O   1 
HETATM 1569 O O   . HOH C 3 .   ? 8.920   11.609  17.182  1.00 48.41 ? 380 HOH A O   1 
HETATM 1570 O O   . HOH C 3 .   ? -10.969 0.831   3.784   1.00 47.72 ? 381 HOH A O   1 
HETATM 1571 O O   . HOH C 3 .   ? 21.429  1.845   -0.274  1.00 63.33 ? 382 HOH A O   1 
HETATM 1572 O O   . HOH C 3 .   ? 18.992  8.179   -3.906  1.00 40.51 ? 383 HOH A O   1 
HETATM 1573 O O   . HOH C 3 .   ? -6.493  13.018  -2.466  1.00 41.75 ? 384 HOH A O   1 
HETATM 1574 O O   . HOH C 3 .   ? 9.261   8.740   12.664  1.00 52.62 ? 385 HOH A O   1 
HETATM 1575 O O   . HOH C 3 .   ? -7.722  -7.128  -7.515  1.00 36.87 ? 386 HOH A O   1 
HETATM 1576 O O   . HOH C 3 .   ? 14.460  8.322   7.214   1.00 60.49 ? 387 HOH A O   1 
HETATM 1577 O O   . HOH C 3 .   ? -18.619 2.985   -4.534  1.00 63.96 ? 388 HOH A O   1 
HETATM 1578 O O   . HOH C 3 .   ? -9.569  -17.714 1.359   1.00 58.03 ? 389 HOH A O   1 
HETATM 1579 O O   . HOH C 3 .   ? -17.660 1.462   -6.009  1.00 63.81 ? 390 HOH A O   1 
HETATM 1580 O O   . HOH C 3 .   ? 14.366  0.906   7.228   1.00 49.59 ? 391 HOH A O   1 
HETATM 1581 O O   . HOH C 3 .   ? -1.044  11.692  -1.232  1.00 42.09 ? 392 HOH A O   1 
HETATM 1582 O O   . HOH C 3 .   ? -20.378 3.457   -9.949  1.00 62.91 ? 393 HOH A O   1 
HETATM 1583 O O   . HOH C 3 .   ? -12.130 -6.770  -7.674  1.00 54.90 ? 394 HOH A O   1 
HETATM 1584 O O   . HOH C 3 .   ? -4.800  10.201  6.389   1.00 56.51 ? 395 HOH A O   1 
HETATM 1585 O O   . HOH C 3 .   ? -11.205 -6.459  -5.047  1.00 44.81 ? 396 HOH A O   1 
HETATM 1586 O O   . HOH C 3 .   ? 3.724   -15.449 -9.259  1.00 59.78 ? 397 HOH A O   1 
HETATM 1587 O O   . HOH C 3 .   ? 13.677  12.789  -9.299  1.00 51.52 ? 398 HOH A O   1 
HETATM 1588 O O   . HOH C 3 .   ? -2.821  8.808   11.067  1.00 50.72 ? 399 HOH A O   1 
HETATM 1589 O O   . HOH C 3 .   ? 8.025   7.764   -12.669 1.00 49.70 ? 400 HOH A O   1 
HETATM 1590 O O   . HOH C 3 .   ? 6.631   -17.891 5.510   1.00 59.62 ? 401 HOH A O   1 
HETATM 1591 O O   . HOH C 3 .   ? 9.315   11.133  -10.450 1.00 43.92 ? 402 HOH A O   1 
HETATM 1592 O O   . HOH C 3 .   ? -18.038 1.054   -2.832  1.00 60.67 ? 403 HOH A O   1 
HETATM 1593 O O   . HOH C 3 .   ? -2.785  6.879   12.635  1.00 57.16 ? 404 HOH A O   1 
HETATM 1594 O O   . HOH C 3 .   ? 6.994   10.225  -11.354 1.00 51.19 ? 405 HOH A O   1 
HETATM 1595 O O   . HOH D 3 .   ? -2.377  -6.695  7.101   1.00 46.79 ? 301 HOH B O   1 
HETATM 1596 O O   . HOH D 3 .   ? -3.565  4.354   13.102  1.00 58.26 ? 302 HOH B O   1 
# 
loop_
_pdbx_poly_seq_scheme.asym_id 
_pdbx_poly_seq_scheme.entity_id 
_pdbx_poly_seq_scheme.seq_id 
_pdbx_poly_seq_scheme.mon_id 
_pdbx_poly_seq_scheme.ndb_seq_num 
_pdbx_poly_seq_scheme.pdb_seq_num 
_pdbx_poly_seq_scheme.auth_seq_num 
_pdbx_poly_seq_scheme.pdb_mon_id 
_pdbx_poly_seq_scheme.auth_mon_id 
_pdbx_poly_seq_scheme.pdb_strand_id 
_pdbx_poly_seq_scheme.pdb_ins_code 
_pdbx_poly_seq_scheme.hetero 
A 1 1   GLN 1   44  ?   ?   ?   A . n 
A 1 2   PRO 2   45  45  PRO PRO A . n 
A 1 3   GLN 3   46  46  GLN GLN A . n 
A 1 4   PHE 4   47  47  PHE PHE A . n 
A 1 5   ASN 5   48  48  ASN ASN A . n 
A 1 6   GLU 6   49  49  GLU GLU A . n 
A 1 7   ASP 7   50  50  ASP ASP A . n 
A 1 8   THR 8   51  51  THR THR A . n 
A 1 9   LEU 9   52  52  LEU LEU A . n 
A 1 10  GLN 10  53  53  GLN GLN A . n 
A 1 11  GLN 11  54  54  GLN GLN A . n 
A 1 12  ARG 12  55  55  ARG ARG A . n 
A 1 13  LEU 13  56  56  LEU LEU A . n 
A 1 14  GLN 14  57  57  GLN GLN A . n 
A 1 15  ALA 15  58  58  ALA ALA A . n 
A 1 16  LEU 16  59  59  LEU LEU A . n 
A 1 17  ILE 17  60  60  ILE ILE A . n 
A 1 18  GLU 18  61  61  GLU GLU A . n 
A 1 19  SER 19  62  62  SER SER A . n 
A 1 20  ALA 20  63  63  ALA ALA A . n 
A 1 21  GLY 21  64  64  GLY GLY A . n 
A 1 22  GLU 22  65  65  GLU GLU A . n 
A 1 23  ASN 23  66  66  ASN ASN A . n 
A 1 24  TRP 24  67  67  TRP TRP A . n 
A 1 25  THR 25  68  68  THR THR A . n 
A 1 26  TYR 26  69  69  TYR TYR A . n 
A 1 27  ALA 27  70  70  ALA ALA A . n 
A 1 28  ILE 28  71  71  ILE ILE A . n 
A 1 29  PHE 29  72  72  PHE PHE A . n 
A 1 30  TRP 30  73  73  TRP TRP A . n 
A 1 31  GLN 31  74  74  GLN GLN A . n 
A 1 32  ILE 32  75  75  ILE ILE A . n 
A 1 33  SER 33  76  76  SER SER A . n 
A 1 34  HIS 34  77  77  HIS HIS A . n 
A 1 35  ASP 35  78  78  ASP ASP A . n 
A 1 36  PHE 36  79  79  PHE PHE A . n 
A 1 37  ASP 37  80  80  ASP ASP A . n 
A 1 38  SER 38  81  81  SER SER A . n 
A 1 39  SER 39  82  82  SER SER A . n 
A 1 40  THR 40  83  83  THR THR A . n 
A 1 41  GLY 41  84  84  GLY GLY A . n 
A 1 42  ASP 42  85  85  ASP ASP A . n 
A 1 43  ASN 43  86  86  ASN ASN A . n 
A 1 44  THR 44  87  87  THR THR A . n 
A 1 45  VAL 45  88  88  VAL VAL A . n 
A 1 46  ILE 46  89  89  ILE ILE A . n 
A 1 47  LEU 47  90  90  LEU LEU A . n 
A 1 48  GLY 48  91  91  GLY GLY A . n 
A 1 49  TRP 49  92  92  TRP TRP A . n 
A 1 50  GLY 50  93  93  GLY GLY A . n 
A 1 51  ASP 51  94  94  ASP ASP A . n 
A 1 52  GLY 52  95  95  GLY GLY A . n 
A 1 53  TYR 53  96  96  TYR TYR A . n 
A 1 54  TYR 54  97  97  TYR TYR A . n 
A 1 55  LYS 55  98  98  LYS LYS A . n 
A 1 56  GLY 56  99  99  GLY GLY A . n 
A 1 57  GLU 57  100 100 GLU GLU A . n 
A 1 58  GLU 58  101 ?   ?   ?   A . n 
A 1 59  ASP 59  102 ?   ?   ?   A . n 
A 1 60  LYS 60  103 ?   ?   ?   A . n 
A 1 61  GLU 61  104 ?   ?   ?   A . n 
A 1 62  LYS 62  105 ?   ?   ?   A . n 
A 1 63  LYS 63  106 ?   ?   ?   A . n 
A 1 64  LYS 64  107 ?   ?   ?   A . n 
A 1 65  ASN 65  108 ?   ?   ?   A . n 
A 1 66  ASN 66  109 ?   ?   ?   A . n 
A 1 67  THR 67  110 ?   ?   ?   A . n 
A 1 68  ASN 68  111 111 ASN ASN A . n 
A 1 69  THR 69  112 112 THR THR A . n 
A 1 70  ALA 70  113 113 ALA ALA A . n 
A 1 71  GLU 71  114 114 GLU GLU A . n 
A 1 72  GLN 72  115 115 GLN GLN A . n 
A 1 73  GLU 73  116 116 GLU GLU A . n 
A 1 74  HIS 74  117 117 HIS HIS A . n 
A 1 75  ARG 75  118 118 ARG ARG A . n 
A 1 76  LYS 76  119 119 LYS LYS A . n 
A 1 77  ARG 77  120 120 ARG ARG A . n 
A 1 78  VAL 78  121 121 VAL VAL A . n 
A 1 79  ILE 79  122 122 ILE ILE A . n 
A 1 80  ARG 80  123 123 ARG ARG A . n 
A 1 81  GLU 81  124 124 GLU GLU A . n 
A 1 82  LEU 82  125 125 LEU LEU A . n 
A 1 83  ASN 83  126 126 ASN ASN A . n 
A 1 84  SER 84  127 127 SER SER A . n 
A 1 85  LEU 85  128 128 LEU LEU A . n 
A 1 86  ILE 86  129 ?   ?   ?   A . n 
A 1 87  SER 87  130 ?   ?   ?   A . n 
A 1 88  GLY 88  131 ?   ?   ?   A . n 
A 1 89  GLY 89  132 ?   ?   ?   A . n 
A 1 90  ILE 90  133 ?   ?   ?   A . n 
A 1 91  GLY 91  134 ?   ?   ?   A . n 
A 1 92  VAL 92  135 ?   ?   ?   A . n 
A 1 93  SER 93  136 ?   ?   ?   A . n 
A 1 94  ASP 94  137 ?   ?   ?   A . n 
A 1 95  GLU 95  138 ?   ?   ?   A . n 
A 1 96  SER 96  139 ?   ?   ?   A . n 
A 1 97  ASN 97  140 ?   ?   ?   A . n 
A 1 98  ASP 98  141 ?   ?   ?   A . n 
A 1 99  GLU 99  142 142 GLU GLU A . n 
A 1 100 GLU 100 143 143 GLU GLU A . n 
A 1 101 VAL 101 144 144 VAL VAL A . n 
A 1 102 THR 102 145 145 THR THR A . n 
A 1 103 ASP 103 146 146 ASP ASP A . n 
A 1 104 THR 104 147 147 THR THR A . n 
A 1 105 GLU 105 148 148 GLU GLU A . n 
A 1 106 TRP 106 149 149 TRP TRP A . n 
A 1 107 PHE 107 150 150 PHE PHE A . n 
A 1 108 PHE 108 151 151 PHE PHE A . n 
A 1 109 LEU 109 152 152 LEU LEU A . n 
A 1 110 VAL 110 153 153 VAL VAL A . n 
A 1 111 SER 111 154 154 SER SER A . n 
A 1 112 MET 112 155 155 MET MET A . n 
A 1 113 THR 113 156 156 THR THR A . n 
A 1 114 GLN 114 157 157 GLN GLN A . n 
A 1 115 SER 115 158 158 SER SER A . n 
A 1 116 PHE 116 159 159 PHE PHE A . n 
A 1 117 VAL 117 160 160 VAL VAL A . n 
A 1 118 ASN 118 161 161 ASN ASN A . n 
A 1 119 GLY 119 162 162 GLY GLY A . n 
A 1 120 VAL 120 163 163 VAL VAL A . n 
A 1 121 GLY 121 164 164 GLY GLY A . n 
A 1 122 LEU 122 165 165 LEU LEU A . n 
A 1 123 PRO 123 166 166 PRO PRO A . n 
A 1 124 GLY 124 167 167 GLY GLY A . n 
A 1 125 GLU 125 168 168 GLU GLU A . n 
A 1 126 SER 126 169 169 SER SER A . n 
A 1 127 PHE 127 170 170 PHE PHE A . n 
A 1 128 LEU 128 171 171 LEU LEU A . n 
A 1 129 ASN 129 172 172 ASN ASN A . n 
A 1 130 SER 130 173 173 SER SER A . n 
A 1 131 ARG 131 174 174 ARG ARG A . n 
A 1 132 VAL 132 175 175 VAL VAL A . n 
A 1 133 ILE 133 176 176 ILE ILE A . n 
A 1 134 TRP 134 177 177 TRP TRP A . n 
A 1 135 LEU 135 178 178 LEU LEU A . n 
A 1 136 SER 136 179 179 SER SER A . n 
A 1 137 GLY 137 180 180 GLY GLY A . n 
A 1 138 SER 138 181 181 SER SER A . n 
A 1 139 GLY 139 182 182 GLY GLY A . n 
A 1 140 ALA 140 183 183 ALA ALA A . n 
A 1 141 LEU 141 184 184 LEU LEU A . n 
A 1 142 THR 142 185 185 THR THR A . n 
A 1 143 GLY 143 186 186 GLY GLY A . n 
A 1 144 SER 144 187 187 SER SER A . n 
A 1 145 GLY 145 188 188 GLY GLY A . n 
A 1 146 CYS 146 189 189 CYS CYS A . n 
A 1 147 GLU 147 190 190 GLU GLU A . n 
A 1 148 ARG 148 191 191 ARG ARG A . n 
A 1 149 ALA 149 192 192 ALA ALA A . n 
A 1 150 GLY 150 193 193 GLY GLY A . n 
A 1 151 GLN 151 194 194 GLN GLN A . n 
A 1 152 GLY 152 195 195 GLY GLY A . n 
A 1 153 GLN 153 196 196 GLN GLN A . n 
A 1 154 ILE 154 197 197 ILE ILE A . n 
A 1 155 TYR 155 198 198 TYR TYR A . n 
A 1 156 GLY 156 199 199 GLY GLY A . n 
A 1 157 LEU 157 200 200 LEU LEU A . n 
A 1 158 LYS 158 201 201 LYS LYS A . n 
A 1 159 THR 159 202 202 THR THR A . n 
A 1 160 MET 160 203 203 MET MET A . n 
A 1 161 VAL 161 204 204 VAL VAL A . n 
A 1 162 CYS 162 205 205 CYS CYS A . n 
A 1 163 ILE 163 206 206 ILE ILE A . n 
A 1 164 ALA 164 207 207 ALA ALA A . n 
A 1 165 THR 165 208 208 THR THR A . n 
A 1 166 GLN 166 209 209 GLN GLN A . n 
A 1 167 ASN 167 210 210 ASN ASN A . n 
A 1 168 GLY 168 211 211 GLY GLY A . n 
A 1 169 VAL 169 212 212 VAL VAL A . n 
A 1 170 VAL 170 213 213 VAL VAL A . n 
A 1 171 GLU 171 214 214 GLU GLU A . n 
A 1 172 LEU 172 215 215 LEU LEU A . n 
A 1 173 GLY 173 216 216 GLY GLY A . n 
A 1 174 SER 174 217 217 SER SER A . n 
A 1 175 SER 175 218 218 SER SER A . n 
A 1 176 GLU 176 219 219 GLU GLU A . n 
A 1 177 VAL 177 220 220 VAL VAL A . n 
A 1 178 ILE 178 221 221 ILE ILE A . n 
A 1 179 SER 179 222 222 SER SER A . n 
A 1 180 GLN 180 223 223 GLN GLN A . n 
A 1 181 SER 181 224 224 SER SER A . n 
A 1 182 SER 182 225 225 SER SER A . n 
A 1 183 ASP 183 226 226 ASP ASP A . n 
A 1 184 LEU 184 227 227 LEU LEU A . n 
A 1 185 MET 185 228 228 MET MET A . n 
A 1 186 HIS 186 229 229 HIS HIS A . n 
A 1 187 LYS 187 230 230 LYS LYS A . n 
A 1 188 VAL 188 231 231 VAL VAL A . n 
A 1 189 ASN 189 232 232 ASN ASN A . n 
A 1 190 ASN 190 233 233 ASN ASN A . n 
A 1 191 LEU 191 234 234 LEU LEU A . n 
A 1 192 PHE 192 235 235 PHE PHE A . n 
A 1 193 ASN 193 236 236 ASN ASN A . n 
A 1 194 PHE 194 237 237 PHE PHE A . n 
A 1 195 ASN 195 238 238 ASN ASN A . n 
A 1 196 ASN 196 239 ?   ?   ?   A . n 
A 1 197 GLY 197 240 ?   ?   ?   A . n 
A 1 198 GLY 198 241 ?   ?   ?   A . n 
A 1 199 GLY 199 242 ?   ?   ?   A . n 
B 2 1   ASP 1   218 ?   ?   ?   B . n 
B 2 2   LEU 2   219 ?   ?   ?   B . n 
B 2 3   PRO 3   220 220 PRO PRO B . n 
B 2 4   ILE 4   221 221 ILE ILE B . n 
B 2 5   ALA 5   222 222 ALA ALA B . n 
B 2 6   ARG 6   223 223 ARG ARG B . n 
B 2 7   ARG 7   224 224 ARG ARG B . n 
B 2 8   LYS 8   225 225 LYS LYS B . n 
B 2 9   SER 9   226 226 SER SER B . n 
B 2 10  LEU 10  227 227 LEU LEU B . n 
B 2 11  GLN 11  228 228 GLN GLN B . n 
B 2 12  ARG 12  229 229 ARG ARG B . n 
B 2 13  PHE 13  230 230 PHE PHE B . n 
B 2 14  LEU 14  231 231 LEU LEU B . n 
B 2 15  GLU 15  232 232 GLU GLU B . n 
B 2 16  LYS 16  233 233 LYS LYS B . n 
B 2 17  ARG 17  234 234 ARG ARG B . n 
B 2 18  LYS 18  235 235 LYS LYS B . n 
B 2 19  GLU 19  236 236 GLU GLU B . n 
B 2 20  ARG 20  237 ?   ?   ?   B . n 
B 2 21  LEU 21  238 ?   ?   ?   B . n 
B 2 22  VAL 22  239 ?   ?   ?   B . n 
B 2 23  SER 23  240 ?   ?   ?   B . n 
B 2 24  THR 24  241 ?   ?   ?   B . n 
B 2 25  SER 25  242 ?   ?   ?   B . n 
B 2 26  PRO 26  243 ?   ?   ?   B . n 
B 2 27  TYR 27  244 ?   ?   ?   B . n 
# 
loop_
_pdbx_nonpoly_scheme.asym_id 
_pdbx_nonpoly_scheme.entity_id 
_pdbx_nonpoly_scheme.mon_id 
_pdbx_nonpoly_scheme.ndb_seq_num 
_pdbx_nonpoly_scheme.pdb_seq_num 
_pdbx_nonpoly_scheme.auth_seq_num 
_pdbx_nonpoly_scheme.pdb_mon_id 
_pdbx_nonpoly_scheme.auth_mon_id 
_pdbx_nonpoly_scheme.pdb_strand_id 
_pdbx_nonpoly_scheme.pdb_ins_code 
C 3 HOH 1   301 51  HOH HOH A . 
C 3 HOH 2   302 10  HOH HOH A . 
C 3 HOH 3   303 47  HOH HOH A . 
C 3 HOH 4   304 49  HOH HOH A . 
C 3 HOH 5   305 8   HOH HOH A . 
C 3 HOH 6   306 68  HOH HOH A . 
C 3 HOH 7   307 13  HOH HOH A . 
C 3 HOH 8   308 23  HOH HOH A . 
C 3 HOH 9   309 32  HOH HOH A . 
C 3 HOH 10  310 42  HOH HOH A . 
C 3 HOH 11  311 92  HOH HOH A . 
C 3 HOH 12  312 18  HOH HOH A . 
C 3 HOH 13  313 16  HOH HOH A . 
C 3 HOH 14  314 5   HOH HOH A . 
C 3 HOH 15  315 53  HOH HOH A . 
C 3 HOH 16  316 66  HOH HOH A . 
C 3 HOH 17  317 34  HOH HOH A . 
C 3 HOH 18  318 33  HOH HOH A . 
C 3 HOH 19  319 62  HOH HOH A . 
C 3 HOH 20  320 46  HOH HOH A . 
C 3 HOH 21  321 70  HOH HOH A . 
C 3 HOH 22  322 57  HOH HOH A . 
C 3 HOH 23  323 15  HOH HOH A . 
C 3 HOH 24  324 29  HOH HOH A . 
C 3 HOH 25  325 2   HOH HOH A . 
C 3 HOH 26  326 58  HOH HOH A . 
C 3 HOH 27  327 24  HOH HOH A . 
C 3 HOH 28  328 73  HOH HOH A . 
C 3 HOH 29  329 35  HOH HOH A . 
C 3 HOH 30  330 41  HOH HOH A . 
C 3 HOH 31  331 28  HOH HOH A . 
C 3 HOH 32  332 20  HOH HOH A . 
C 3 HOH 33  333 36  HOH HOH A . 
C 3 HOH 34  334 12  HOH HOH A . 
C 3 HOH 35  335 6   HOH HOH A . 
C 3 HOH 36  336 37  HOH HOH A . 
C 3 HOH 37  337 87  HOH HOH A . 
C 3 HOH 38  338 7   HOH HOH A . 
C 3 HOH 39  339 55  HOH HOH A . 
C 3 HOH 40  340 14  HOH HOH A . 
C 3 HOH 41  341 11  HOH HOH A . 
C 3 HOH 42  342 83  HOH HOH A . 
C 3 HOH 43  343 38  HOH HOH A . 
C 3 HOH 44  344 1   HOH HOH A . 
C 3 HOH 45  345 54  HOH HOH A . 
C 3 HOH 46  346 69  HOH HOH A . 
C 3 HOH 47  347 85  HOH HOH A . 
C 3 HOH 48  348 45  HOH HOH A . 
C 3 HOH 49  349 25  HOH HOH A . 
C 3 HOH 50  350 67  HOH HOH A . 
C 3 HOH 51  351 107 HOH HOH A . 
C 3 HOH 52  352 43  HOH HOH A . 
C 3 HOH 53  353 60  HOH HOH A . 
C 3 HOH 54  354 65  HOH HOH A . 
C 3 HOH 55  355 63  HOH HOH A . 
C 3 HOH 56  356 56  HOH HOH A . 
C 3 HOH 57  357 39  HOH HOH A . 
C 3 HOH 58  358 59  HOH HOH A . 
C 3 HOH 59  359 93  HOH HOH A . 
C 3 HOH 60  360 75  HOH HOH A . 
C 3 HOH 61  361 99  HOH HOH A . 
C 3 HOH 62  362 102 HOH HOH A . 
C 3 HOH 63  363 52  HOH HOH A . 
C 3 HOH 64  364 94  HOH HOH A . 
C 3 HOH 65  365 78  HOH HOH A . 
C 3 HOH 66  366 79  HOH HOH A . 
C 3 HOH 67  367 4   HOH HOH A . 
C 3 HOH 68  368 82  HOH HOH A . 
C 3 HOH 69  369 27  HOH HOH A . 
C 3 HOH 70  370 17  HOH HOH A . 
C 3 HOH 71  371 21  HOH HOH A . 
C 3 HOH 72  372 26  HOH HOH A . 
C 3 HOH 73  373 88  HOH HOH A . 
C 3 HOH 74  374 84  HOH HOH A . 
C 3 HOH 75  375 9   HOH HOH A . 
C 3 HOH 76  376 106 HOH HOH A . 
C 3 HOH 77  377 22  HOH HOH A . 
C 3 HOH 78  378 30  HOH HOH A . 
C 3 HOH 79  379 103 HOH HOH A . 
C 3 HOH 80  380 48  HOH HOH A . 
C 3 HOH 81  381 89  HOH HOH A . 
C 3 HOH 82  382 96  HOH HOH A . 
C 3 HOH 83  383 19  HOH HOH A . 
C 3 HOH 84  384 31  HOH HOH A . 
C 3 HOH 85  385 44  HOH HOH A . 
C 3 HOH 86  386 3   HOH HOH A . 
C 3 HOH 87  387 105 HOH HOH A . 
C 3 HOH 88  388 64  HOH HOH A . 
C 3 HOH 89  389 100 HOH HOH A . 
C 3 HOH 90  390 76  HOH HOH A . 
C 3 HOH 91  391 72  HOH HOH A . 
C 3 HOH 92  392 40  HOH HOH A . 
C 3 HOH 93  393 95  HOH HOH A . 
C 3 HOH 94  394 104 HOH HOH A . 
C 3 HOH 95  395 86  HOH HOH A . 
C 3 HOH 96  396 77  HOH HOH A . 
C 3 HOH 97  397 91  HOH HOH A . 
C 3 HOH 98  398 101 HOH HOH A . 
C 3 HOH 99  399 81  HOH HOH A . 
C 3 HOH 100 400 90  HOH HOH A . 
C 3 HOH 101 401 97  HOH HOH A . 
C 3 HOH 102 402 50  HOH HOH A . 
C 3 HOH 103 403 98  HOH HOH A . 
C 3 HOH 104 404 61  HOH HOH A . 
C 3 HOH 105 405 71  HOH HOH A . 
D 3 HOH 1   301 80  HOH HOH B . 
D 3 HOH 2   302 74  HOH HOH B . 
# 
_pdbx_struct_assembly.id                   1 
_pdbx_struct_assembly.details              author_and_software_defined_assembly 
_pdbx_struct_assembly.method_details       PISA 
_pdbx_struct_assembly.oligomeric_details   dimeric 
_pdbx_struct_assembly.oligomeric_count     2 
# 
_pdbx_struct_assembly_gen.assembly_id       1 
_pdbx_struct_assembly_gen.oper_expression   1 
_pdbx_struct_assembly_gen.asym_id_list      A,B,C,D 
# 
loop_
_pdbx_struct_assembly_prop.biol_id 
_pdbx_struct_assembly_prop.type 
_pdbx_struct_assembly_prop.value 
_pdbx_struct_assembly_prop.details 
1 'ABSA (A^2)' 1300 ? 
1 MORE         -5   ? 
1 'SSA (A^2)'  9850 ? 
# 
_pdbx_struct_oper_list.id                   1 
_pdbx_struct_oper_list.type                 'identity operation' 
_pdbx_struct_oper_list.name                 1_555 
_pdbx_struct_oper_list.symmetry_operation   x,y,z 
_pdbx_struct_oper_list.matrix[1][1]         1.0000000000 
_pdbx_struct_oper_list.matrix[1][2]         0.0000000000 
_pdbx_struct_oper_list.matrix[1][3]         0.0000000000 
_pdbx_struct_oper_list.vector[1]            0.0000000000 
_pdbx_struct_oper_list.matrix[2][1]         0.0000000000 
_pdbx_struct_oper_list.matrix[2][2]         1.0000000000 
_pdbx_struct_oper_list.matrix[2][3]         0.0000000000 
_pdbx_struct_oper_list.vector[2]            0.0000000000 
_pdbx_struct_oper_list.matrix[3][1]         0.0000000000 
_pdbx_struct_oper_list.matrix[3][2]         0.0000000000 
_pdbx_struct_oper_list.matrix[3][3]         1.0000000000 
_pdbx_struct_oper_list.vector[3]            0.0000000000 
# 
loop_
_pdbx_audit_revision_history.ordinal 
_pdbx_audit_revision_history.data_content_type 
_pdbx_audit_revision_history.major_revision 
_pdbx_audit_revision_history.minor_revision 
_pdbx_audit_revision_history.revision_date 
1 'Structure model' 1 0 2017-01-25 
2 'Structure model' 1 1 2017-02-15 
3 'Structure model' 1 2 2017-02-22 
4 'Structure model' 1 3 2017-09-20 
5 'Structure model' 1 4 2017-11-01 
6 'Structure model' 1 5 2017-11-29 
7 'Structure model' 1 6 2019-12-25 
8 'Structure model' 1 7 2023-10-04 
# 
_pdbx_audit_revision_details.ordinal             1 
_pdbx_audit_revision_details.revision_ordinal    1 
_pdbx_audit_revision_details.data_content_type   'Structure model' 
_pdbx_audit_revision_details.provider            repository 
_pdbx_audit_revision_details.type                'Initial release' 
_pdbx_audit_revision_details.description         ? 
_pdbx_audit_revision_details.details             ? 
# 
loop_
_pdbx_audit_revision_group.ordinal 
_pdbx_audit_revision_group.revision_ordinal 
_pdbx_audit_revision_group.data_content_type 
_pdbx_audit_revision_group.group 
1 2 'Structure model' 'Database references'        
2 3 'Structure model' 'Database references'        
3 4 'Structure model' 'Author supporting evidence' 
4 5 'Structure model' 'Author supporting evidence' 
5 6 'Structure model' 'Database references'        
6 7 'Structure model' 'Author supporting evidence' 
7 8 'Structure model' 'Data collection'            
8 8 'Structure model' 'Database references'        
9 8 'Structure model' 'Refinement description'     
# 
loop_
_pdbx_audit_revision_category.ordinal 
_pdbx_audit_revision_category.revision_ordinal 
_pdbx_audit_revision_category.data_content_type 
_pdbx_audit_revision_category.category 
1 4 'Structure model' pdbx_audit_support                 
2 5 'Structure model' pdbx_struct_assembly_auth_evidence 
3 6 'Structure model' pdbx_database_related              
4 7 'Structure model' pdbx_audit_support                 
5 8 'Structure model' chem_comp_atom                     
6 8 'Structure model' chem_comp_bond                     
7 8 'Structure model' database_2                         
8 8 'Structure model' pdbx_initial_refinement_model      
# 
loop_
_pdbx_audit_revision_item.ordinal 
_pdbx_audit_revision_item.revision_ordinal 
_pdbx_audit_revision_item.data_content_type 
_pdbx_audit_revision_item.item 
1 4 'Structure model' '_pdbx_audit_support.funding_organization' 
2 7 'Structure model' '_pdbx_audit_support.funding_organization' 
3 8 'Structure model' '_database_2.pdbx_DOI'                     
4 8 'Structure model' '_database_2.pdbx_database_accession'      
# 
loop_
_software.citation_id 
_software.classification 
_software.compiler_name 
_software.compiler_version 
_software.contact_author 
_software.contact_author_email 
_software.date 
_software.description 
_software.dependencies 
_software.hardware 
_software.language 
_software.location 
_software.mods 
_software.name 
_software.os 
_software.os_version 
_software.type 
_software.version 
_software.pdbx_ordinal 
? refinement       ? ? ? ? ? ? ? ? ? ? ? PHENIX  ? ? ? 1.9_1692 1 
? 'data reduction' ? ? ? ? ? ? ? ? ? ? ? XDS     ? ? ? .        2 
? 'data scaling'   ? ? ? ? ? ? ? ? ? ? ? Aimless ? ? ? .        3 
? phasing          ? ? ? ? ? ? ? ? ? ? ? PHASER  ? ? ? .        4 
# 
loop_
_pdbx_validate_close_contact.id 
_pdbx_validate_close_contact.PDB_model_num 
_pdbx_validate_close_contact.auth_atom_id_1 
_pdbx_validate_close_contact.auth_asym_id_1 
_pdbx_validate_close_contact.auth_comp_id_1 
_pdbx_validate_close_contact.auth_seq_id_1 
_pdbx_validate_close_contact.PDB_ins_code_1 
_pdbx_validate_close_contact.label_alt_id_1 
_pdbx_validate_close_contact.auth_atom_id_2 
_pdbx_validate_close_contact.auth_asym_id_2 
_pdbx_validate_close_contact.auth_comp_id_2 
_pdbx_validate_close_contact.auth_seq_id_2 
_pdbx_validate_close_contact.PDB_ins_code_2 
_pdbx_validate_close_contact.label_alt_id_2 
_pdbx_validate_close_contact.dist 
1 1 ND2 A ASN 232 ? ? O A HOH 301 ? ? 1.97 
2 1 O   A GLU 49  ? ? O A HOH 302 ? ? 2.07 
3 1 O   A HOH 301 ? ? O A HOH 331 ? ? 2.09 
# 
_pdbx_validate_symm_contact.id                1 
_pdbx_validate_symm_contact.PDB_model_num     1 
_pdbx_validate_symm_contact.auth_atom_id_1    O 
_pdbx_validate_symm_contact.auth_asym_id_1    A 
_pdbx_validate_symm_contact.auth_comp_id_1    HOH 
_pdbx_validate_symm_contact.auth_seq_id_1     301 
_pdbx_validate_symm_contact.PDB_ins_code_1    ? 
_pdbx_validate_symm_contact.label_alt_id_1    ? 
_pdbx_validate_symm_contact.site_symmetry_1   1_555 
_pdbx_validate_symm_contact.auth_atom_id_2    O 
_pdbx_validate_symm_contact.auth_asym_id_2    A 
_pdbx_validate_symm_contact.auth_comp_id_2    HOH 
_pdbx_validate_symm_contact.auth_seq_id_2     309 
_pdbx_validate_symm_contact.PDB_ins_code_2    ? 
_pdbx_validate_symm_contact.label_alt_id_2    ? 
_pdbx_validate_symm_contact.site_symmetry_2   4_555 
_pdbx_validate_symm_contact.dist              1.56 
# 
loop_
_pdbx_validate_torsion.id 
_pdbx_validate_torsion.PDB_model_num 
_pdbx_validate_torsion.auth_comp_id 
_pdbx_validate_torsion.auth_asym_id 
_pdbx_validate_torsion.auth_seq_id 
_pdbx_validate_torsion.PDB_ins_code 
_pdbx_validate_torsion.label_alt_id 
_pdbx_validate_torsion.phi 
_pdbx_validate_torsion.psi 
1 1 GLN A 46 ? ? -163.05 94.64 
2 1 ASN A 86 ? ? -102.41 77.39 
# 
loop_
_pdbx_unobs_or_zero_occ_residues.id 
_pdbx_unobs_or_zero_occ_residues.PDB_model_num 
_pdbx_unobs_or_zero_occ_residues.polymer_flag 
_pdbx_unobs_or_zero_occ_residues.occupancy_flag 
_pdbx_unobs_or_zero_occ_residues.auth_asym_id 
_pdbx_unobs_or_zero_occ_residues.auth_comp_id 
_pdbx_unobs_or_zero_occ_residues.auth_seq_id 
_pdbx_unobs_or_zero_occ_residues.PDB_ins_code 
_pdbx_unobs_or_zero_occ_residues.label_asym_id 
_pdbx_unobs_or_zero_occ_residues.label_comp_id 
_pdbx_unobs_or_zero_occ_residues.label_seq_id 
1  1 Y 1 A GLN 44  ? A GLN 1   
2  1 Y 1 A GLU 101 ? A GLU 58  
3  1 Y 1 A ASP 102 ? A ASP 59  
4  1 Y 1 A LYS 103 ? A LYS 60  
5  1 Y 1 A GLU 104 ? A GLU 61  
6  1 Y 1 A LYS 105 ? A LYS 62  
7  1 Y 1 A LYS 106 ? A LYS 63  
8  1 Y 1 A LYS 107 ? A LYS 64  
9  1 Y 1 A ASN 108 ? A ASN 65  
10 1 Y 1 A ASN 109 ? A ASN 66  
11 1 Y 1 A THR 110 ? A THR 67  
12 1 Y 1 A ILE 129 ? A ILE 86  
13 1 Y 1 A SER 130 ? A SER 87  
14 1 Y 1 A GLY 131 ? A GLY 88  
15 1 Y 1 A GLY 132 ? A GLY 89  
16 1 Y 1 A ILE 133 ? A ILE 90  
17 1 Y 1 A GLY 134 ? A GLY 91  
18 1 Y 1 A VAL 135 ? A VAL 92  
19 1 Y 1 A SER 136 ? A SER 93  
20 1 Y 1 A ASP 137 ? A ASP 94  
21 1 Y 1 A GLU 138 ? A GLU 95  
22 1 Y 1 A SER 139 ? A SER 96  
23 1 Y 1 A ASN 140 ? A ASN 97  
24 1 Y 1 A ASP 141 ? A ASP 98  
25 1 Y 1 A ASN 239 ? A ASN 196 
26 1 Y 1 A GLY 240 ? A GLY 197 
27 1 Y 1 A GLY 241 ? A GLY 198 
28 1 Y 1 A GLY 242 ? A GLY 199 
29 1 Y 1 B ASP 218 ? B ASP 1   
30 1 Y 1 B LEU 219 ? B LEU 2   
31 1 Y 1 B ARG 237 ? B ARG 20  
32 1 Y 1 B LEU 238 ? B LEU 21  
33 1 Y 1 B VAL 239 ? B VAL 22  
34 1 Y 1 B SER 240 ? B SER 23  
35 1 Y 1 B THR 241 ? B THR 24  
36 1 Y 1 B SER 242 ? B SER 25  
37 1 Y 1 B PRO 243 ? B PRO 26  
38 1 Y 1 B TYR 244 ? B TYR 27  
# 
loop_
_chem_comp_atom.comp_id 
_chem_comp_atom.atom_id 
_chem_comp_atom.type_symbol 
_chem_comp_atom.pdbx_aromatic_flag 
_chem_comp_atom.pdbx_stereo_config 
_chem_comp_atom.pdbx_ordinal 
ALA N    N N N 1   
ALA CA   C N S 2   
ALA C    C N N 3   
ALA O    O N N 4   
ALA CB   C N N 5   
ALA OXT  O N N 6   
ALA H    H N N 7   
ALA H2   H N N 8   
ALA HA   H N N 9   
ALA HB1  H N N 10  
ALA HB2  H N N 11  
ALA HB3  H N N 12  
ALA HXT  H N N 13  
ARG N    N N N 14  
ARG CA   C N S 15  
ARG C    C N N 16  
ARG O    O N N 17  
ARG CB   C N N 18  
ARG CG   C N N 19  
ARG CD   C N N 20  
ARG NE   N N N 21  
ARG CZ   C N N 22  
ARG NH1  N N N 23  
ARG NH2  N N N 24  
ARG OXT  O N N 25  
ARG H    H N N 26  
ARG H2   H N N 27  
ARG HA   H N N 28  
ARG HB2  H N N 29  
ARG HB3  H N N 30  
ARG HG2  H N N 31  
ARG HG3  H N N 32  
ARG HD2  H N N 33  
ARG HD3  H N N 34  
ARG HE   H N N 35  
ARG HH11 H N N 36  
ARG HH12 H N N 37  
ARG HH21 H N N 38  
ARG HH22 H N N 39  
ARG HXT  H N N 40  
ASN N    N N N 41  
ASN CA   C N S 42  
ASN C    C N N 43  
ASN O    O N N 44  
ASN CB   C N N 45  
ASN CG   C N N 46  
ASN OD1  O N N 47  
ASN ND2  N N N 48  
ASN OXT  O N N 49  
ASN H    H N N 50  
ASN H2   H N N 51  
ASN HA   H N N 52  
ASN HB2  H N N 53  
ASN HB3  H N N 54  
ASN HD21 H N N 55  
ASN HD22 H N N 56  
ASN HXT  H N N 57  
ASP N    N N N 58  
ASP CA   C N S 59  
ASP C    C N N 60  
ASP O    O N N 61  
ASP CB   C N N 62  
ASP CG   C N N 63  
ASP OD1  O N N 64  
ASP OD2  O N N 65  
ASP OXT  O N N 66  
ASP H    H N N 67  
ASP H2   H N N 68  
ASP HA   H N N 69  
ASP HB2  H N N 70  
ASP HB3  H N N 71  
ASP HD2  H N N 72  
ASP HXT  H N N 73  
CYS N    N N N 74  
CYS CA   C N R 75  
CYS C    C N N 76  
CYS O    O N N 77  
CYS CB   C N N 78  
CYS SG   S N N 79  
CYS OXT  O N N 80  
CYS H    H N N 81  
CYS H2   H N N 82  
CYS HA   H N N 83  
CYS HB2  H N N 84  
CYS HB3  H N N 85  
CYS HG   H N N 86  
CYS HXT  H N N 87  
GLN N    N N N 88  
GLN CA   C N S 89  
GLN C    C N N 90  
GLN O    O N N 91  
GLN CB   C N N 92  
GLN CG   C N N 93  
GLN CD   C N N 94  
GLN OE1  O N N 95  
GLN NE2  N N N 96  
GLN OXT  O N N 97  
GLN H    H N N 98  
GLN H2   H N N 99  
GLN HA   H N N 100 
GLN HB2  H N N 101 
GLN HB3  H N N 102 
GLN HG2  H N N 103 
GLN HG3  H N N 104 
GLN HE21 H N N 105 
GLN HE22 H N N 106 
GLN HXT  H N N 107 
GLU N    N N N 108 
GLU CA   C N S 109 
GLU C    C N N 110 
GLU O    O N N 111 
GLU CB   C N N 112 
GLU CG   C N N 113 
GLU CD   C N N 114 
GLU OE1  O N N 115 
GLU OE2  O N N 116 
GLU OXT  O N N 117 
GLU H    H N N 118 
GLU H2   H N N 119 
GLU HA   H N N 120 
GLU HB2  H N N 121 
GLU HB3  H N N 122 
GLU HG2  H N N 123 
GLU HG3  H N N 124 
GLU HE2  H N N 125 
GLU HXT  H N N 126 
GLY N    N N N 127 
GLY CA   C N N 128 
GLY C    C N N 129 
GLY O    O N N 130 
GLY OXT  O N N 131 
GLY H    H N N 132 
GLY H2   H N N 133 
GLY HA2  H N N 134 
GLY HA3  H N N 135 
GLY HXT  H N N 136 
HIS N    N N N 137 
HIS CA   C N S 138 
HIS C    C N N 139 
HIS O    O N N 140 
HIS CB   C N N 141 
HIS CG   C Y N 142 
HIS ND1  N Y N 143 
HIS CD2  C Y N 144 
HIS CE1  C Y N 145 
HIS NE2  N Y N 146 
HIS OXT  O N N 147 
HIS H    H N N 148 
HIS H2   H N N 149 
HIS HA   H N N 150 
HIS HB2  H N N 151 
HIS HB3  H N N 152 
HIS HD1  H N N 153 
HIS HD2  H N N 154 
HIS HE1  H N N 155 
HIS HE2  H N N 156 
HIS HXT  H N N 157 
HOH O    O N N 158 
HOH H1   H N N 159 
HOH H2   H N N 160 
ILE N    N N N 161 
ILE CA   C N S 162 
ILE C    C N N 163 
ILE O    O N N 164 
ILE CB   C N S 165 
ILE CG1  C N N 166 
ILE CG2  C N N 167 
ILE CD1  C N N 168 
ILE OXT  O N N 169 
ILE H    H N N 170 
ILE H2   H N N 171 
ILE HA   H N N 172 
ILE HB   H N N 173 
ILE HG12 H N N 174 
ILE HG13 H N N 175 
ILE HG21 H N N 176 
ILE HG22 H N N 177 
ILE HG23 H N N 178 
ILE HD11 H N N 179 
ILE HD12 H N N 180 
ILE HD13 H N N 181 
ILE HXT  H N N 182 
LEU N    N N N 183 
LEU CA   C N S 184 
LEU C    C N N 185 
LEU O    O N N 186 
LEU CB   C N N 187 
LEU CG   C N N 188 
LEU CD1  C N N 189 
LEU CD2  C N N 190 
LEU OXT  O N N 191 
LEU H    H N N 192 
LEU H2   H N N 193 
LEU HA   H N N 194 
LEU HB2  H N N 195 
LEU HB3  H N N 196 
LEU HG   H N N 197 
LEU HD11 H N N 198 
LEU HD12 H N N 199 
LEU HD13 H N N 200 
LEU HD21 H N N 201 
LEU HD22 H N N 202 
LEU HD23 H N N 203 
LEU HXT  H N N 204 
LYS N    N N N 205 
LYS CA   C N S 206 
LYS C    C N N 207 
LYS O    O N N 208 
LYS CB   C N N 209 
LYS CG   C N N 210 
LYS CD   C N N 211 
LYS CE   C N N 212 
LYS NZ   N N N 213 
LYS OXT  O N N 214 
LYS H    H N N 215 
LYS H2   H N N 216 
LYS HA   H N N 217 
LYS HB2  H N N 218 
LYS HB3  H N N 219 
LYS HG2  H N N 220 
LYS HG3  H N N 221 
LYS HD2  H N N 222 
LYS HD3  H N N 223 
LYS HE2  H N N 224 
LYS HE3  H N N 225 
LYS HZ1  H N N 226 
LYS HZ2  H N N 227 
LYS HZ3  H N N 228 
LYS HXT  H N N 229 
MET N    N N N 230 
MET CA   C N S 231 
MET C    C N N 232 
MET O    O N N 233 
MET CB   C N N 234 
MET CG   C N N 235 
MET SD   S N N 236 
MET CE   C N N 237 
MET OXT  O N N 238 
MET H    H N N 239 
MET H2   H N N 240 
MET HA   H N N 241 
MET HB2  H N N 242 
MET HB3  H N N 243 
MET HG2  H N N 244 
MET HG3  H N N 245 
MET HE1  H N N 246 
MET HE2  H N N 247 
MET HE3  H N N 248 
MET HXT  H N N 249 
PHE N    N N N 250 
PHE CA   C N S 251 
PHE C    C N N 252 
PHE O    O N N 253 
PHE CB   C N N 254 
PHE CG   C Y N 255 
PHE CD1  C Y N 256 
PHE CD2  C Y N 257 
PHE CE1  C Y N 258 
PHE CE2  C Y N 259 
PHE CZ   C Y N 260 
PHE OXT  O N N 261 
PHE H    H N N 262 
PHE H2   H N N 263 
PHE HA   H N N 264 
PHE HB2  H N N 265 
PHE HB3  H N N 266 
PHE HD1  H N N 267 
PHE HD2  H N N 268 
PHE HE1  H N N 269 
PHE HE2  H N N 270 
PHE HZ   H N N 271 
PHE HXT  H N N 272 
PRO N    N N N 273 
PRO CA   C N S 274 
PRO C    C N N 275 
PRO O    O N N 276 
PRO CB   C N N 277 
PRO CG   C N N 278 
PRO CD   C N N 279 
PRO OXT  O N N 280 
PRO H    H N N 281 
PRO HA   H N N 282 
PRO HB2  H N N 283 
PRO HB3  H N N 284 
PRO HG2  H N N 285 
PRO HG3  H N N 286 
PRO HD2  H N N 287 
PRO HD3  H N N 288 
PRO HXT  H N N 289 
SER N    N N N 290 
SER CA   C N S 291 
SER C    C N N 292 
SER O    O N N 293 
SER CB   C N N 294 
SER OG   O N N 295 
SER OXT  O N N 296 
SER H    H N N 297 
SER H2   H N N 298 
SER HA   H N N 299 
SER HB2  H N N 300 
SER HB3  H N N 301 
SER HG   H N N 302 
SER HXT  H N N 303 
THR N    N N N 304 
THR CA   C N S 305 
THR C    C N N 306 
THR O    O N N 307 
THR CB   C N R 308 
THR OG1  O N N 309 
THR CG2  C N N 310 
THR OXT  O N N 311 
THR H    H N N 312 
THR H2   H N N 313 
THR HA   H N N 314 
THR HB   H N N 315 
THR HG1  H N N 316 
THR HG21 H N N 317 
THR HG22 H N N 318 
THR HG23 H N N 319 
THR HXT  H N N 320 
TRP N    N N N 321 
TRP CA   C N S 322 
TRP C    C N N 323 
TRP O    O N N 324 
TRP CB   C N N 325 
TRP CG   C Y N 326 
TRP CD1  C Y N 327 
TRP CD2  C Y N 328 
TRP NE1  N Y N 329 
TRP CE2  C Y N 330 
TRP CE3  C Y N 331 
TRP CZ2  C Y N 332 
TRP CZ3  C Y N 333 
TRP CH2  C Y N 334 
TRP OXT  O N N 335 
TRP H    H N N 336 
TRP H2   H N N 337 
TRP HA   H N N 338 
TRP HB2  H N N 339 
TRP HB3  H N N 340 
TRP HD1  H N N 341 
TRP HE1  H N N 342 
TRP HE3  H N N 343 
TRP HZ2  H N N 344 
TRP HZ3  H N N 345 
TRP HH2  H N N 346 
TRP HXT  H N N 347 
TYR N    N N N 348 
TYR CA   C N S 349 
TYR C    C N N 350 
TYR O    O N N 351 
TYR CB   C N N 352 
TYR CG   C Y N 353 
TYR CD1  C Y N 354 
TYR CD2  C Y N 355 
TYR CE1  C Y N 356 
TYR CE2  C Y N 357 
TYR CZ   C Y N 358 
TYR OH   O N N 359 
TYR OXT  O N N 360 
TYR H    H N N 361 
TYR H2   H N N 362 
TYR HA   H N N 363 
TYR HB2  H N N 364 
TYR HB3  H N N 365 
TYR HD1  H N N 366 
TYR HD2  H N N 367 
TYR HE1  H N N 368 
TYR HE2  H N N 369 
TYR HH   H N N 370 
TYR HXT  H N N 371 
VAL N    N N N 372 
VAL CA   C N S 373 
VAL C    C N N 374 
VAL O    O N N 375 
VAL CB   C N N 376 
VAL CG1  C N N 377 
VAL CG2  C N N 378 
VAL OXT  O N N 379 
VAL H    H N N 380 
VAL H2   H N N 381 
VAL HA   H N N 382 
VAL HB   H N N 383 
VAL HG11 H N N 384 
VAL HG12 H N N 385 
VAL HG13 H N N 386 
VAL HG21 H N N 387 
VAL HG22 H N N 388 
VAL HG23 H N N 389 
VAL HXT  H N N 390 
# 
loop_
_chem_comp_bond.comp_id 
_chem_comp_bond.atom_id_1 
_chem_comp_bond.atom_id_2 
_chem_comp_bond.value_order 
_chem_comp_bond.pdbx_aromatic_flag 
_chem_comp_bond.pdbx_stereo_config 
_chem_comp_bond.pdbx_ordinal 
ALA N   CA   sing N N 1   
ALA N   H    sing N N 2   
ALA N   H2   sing N N 3   
ALA CA  C    sing N N 4   
ALA CA  CB   sing N N 5   
ALA CA  HA   sing N N 6   
ALA C   O    doub N N 7   
ALA C   OXT  sing N N 8   
ALA CB  HB1  sing N N 9   
ALA CB  HB2  sing N N 10  
ALA CB  HB3  sing N N 11  
ALA OXT HXT  sing N N 12  
ARG N   CA   sing N N 13  
ARG N   H    sing N N 14  
ARG N   H2   sing N N 15  
ARG CA  C    sing N N 16  
ARG CA  CB   sing N N 17  
ARG CA  HA   sing N N 18  
ARG C   O    doub N N 19  
ARG C   OXT  sing N N 20  
ARG CB  CG   sing N N 21  
ARG CB  HB2  sing N N 22  
ARG CB  HB3  sing N N 23  
ARG CG  CD   sing N N 24  
ARG CG  HG2  sing N N 25  
ARG CG  HG3  sing N N 26  
ARG CD  NE   sing N N 27  
ARG CD  HD2  sing N N 28  
ARG CD  HD3  sing N N 29  
ARG NE  CZ   sing N N 30  
ARG NE  HE   sing N N 31  
ARG CZ  NH1  sing N N 32  
ARG CZ  NH2  doub N N 33  
ARG NH1 HH11 sing N N 34  
ARG NH1 HH12 sing N N 35  
ARG NH2 HH21 sing N N 36  
ARG NH2 HH22 sing N N 37  
ARG OXT HXT  sing N N 38  
ASN N   CA   sing N N 39  
ASN N   H    sing N N 40  
ASN N   H2   sing N N 41  
ASN CA  C    sing N N 42  
ASN CA  CB   sing N N 43  
ASN CA  HA   sing N N 44  
ASN C   O    doub N N 45  
ASN C   OXT  sing N N 46  
ASN CB  CG   sing N N 47  
ASN CB  HB2  sing N N 48  
ASN CB  HB3  sing N N 49  
ASN CG  OD1  doub N N 50  
ASN CG  ND2  sing N N 51  
ASN ND2 HD21 sing N N 52  
ASN ND2 HD22 sing N N 53  
ASN OXT HXT  sing N N 54  
ASP N   CA   sing N N 55  
ASP N   H    sing N N 56  
ASP N   H2   sing N N 57  
ASP CA  C    sing N N 58  
ASP CA  CB   sing N N 59  
ASP CA  HA   sing N N 60  
ASP C   O    doub N N 61  
ASP C   OXT  sing N N 62  
ASP CB  CG   sing N N 63  
ASP CB  HB2  sing N N 64  
ASP CB  HB3  sing N N 65  
ASP CG  OD1  doub N N 66  
ASP CG  OD2  sing N N 67  
ASP OD2 HD2  sing N N 68  
ASP OXT HXT  sing N N 69  
CYS N   CA   sing N N 70  
CYS N   H    sing N N 71  
CYS N   H2   sing N N 72  
CYS CA  C    sing N N 73  
CYS CA  CB   sing N N 74  
CYS CA  HA   sing N N 75  
CYS C   O    doub N N 76  
CYS C   OXT  sing N N 77  
CYS CB  SG   sing N N 78  
CYS CB  HB2  sing N N 79  
CYS CB  HB3  sing N N 80  
CYS SG  HG   sing N N 81  
CYS OXT HXT  sing N N 82  
GLN N   CA   sing N N 83  
GLN N   H    sing N N 84  
GLN N   H2   sing N N 85  
GLN CA  C    sing N N 86  
GLN CA  CB   sing N N 87  
GLN CA  HA   sing N N 88  
GLN C   O    doub N N 89  
GLN C   OXT  sing N N 90  
GLN CB  CG   sing N N 91  
GLN CB  HB2  sing N N 92  
GLN CB  HB3  sing N N 93  
GLN CG  CD   sing N N 94  
GLN CG  HG2  sing N N 95  
GLN CG  HG3  sing N N 96  
GLN CD  OE1  doub N N 97  
GLN CD  NE2  sing N N 98  
GLN NE2 HE21 sing N N 99  
GLN NE2 HE22 sing N N 100 
GLN OXT HXT  sing N N 101 
GLU N   CA   sing N N 102 
GLU N   H    sing N N 103 
GLU N   H2   sing N N 104 
GLU CA  C    sing N N 105 
GLU CA  CB   sing N N 106 
GLU CA  HA   sing N N 107 
GLU C   O    doub N N 108 
GLU C   OXT  sing N N 109 
GLU CB  CG   sing N N 110 
GLU CB  HB2  sing N N 111 
GLU CB  HB3  sing N N 112 
GLU CG  CD   sing N N 113 
GLU CG  HG2  sing N N 114 
GLU CG  HG3  sing N N 115 
GLU CD  OE1  doub N N 116 
GLU CD  OE2  sing N N 117 
GLU OE2 HE2  sing N N 118 
GLU OXT HXT  sing N N 119 
GLY N   CA   sing N N 120 
GLY N   H    sing N N 121 
GLY N   H2   sing N N 122 
GLY CA  C    sing N N 123 
GLY CA  HA2  sing N N 124 
GLY CA  HA3  sing N N 125 
GLY C   O    doub N N 126 
GLY C   OXT  sing N N 127 
GLY OXT HXT  sing N N 128 
HIS N   CA   sing N N 129 
HIS N   H    sing N N 130 
HIS N   H2   sing N N 131 
HIS CA  C    sing N N 132 
HIS CA  CB   sing N N 133 
HIS CA  HA   sing N N 134 
HIS C   O    doub N N 135 
HIS C   OXT  sing N N 136 
HIS CB  CG   sing N N 137 
HIS CB  HB2  sing N N 138 
HIS CB  HB3  sing N N 139 
HIS CG  ND1  sing Y N 140 
HIS CG  CD2  doub Y N 141 
HIS ND1 CE1  doub Y N 142 
HIS ND1 HD1  sing N N 143 
HIS CD2 NE2  sing Y N 144 
HIS CD2 HD2  sing N N 145 
HIS CE1 NE2  sing Y N 146 
HIS CE1 HE1  sing N N 147 
HIS NE2 HE2  sing N N 148 
HIS OXT HXT  sing N N 149 
HOH O   H1   sing N N 150 
HOH O   H2   sing N N 151 
ILE N   CA   sing N N 152 
ILE N   H    sing N N 153 
ILE N   H2   sing N N 154 
ILE CA  C    sing N N 155 
ILE CA  CB   sing N N 156 
ILE CA  HA   sing N N 157 
ILE C   O    doub N N 158 
ILE C   OXT  sing N N 159 
ILE CB  CG1  sing N N 160 
ILE CB  CG2  sing N N 161 
ILE CB  HB   sing N N 162 
ILE CG1 CD1  sing N N 163 
ILE CG1 HG12 sing N N 164 
ILE CG1 HG13 sing N N 165 
ILE CG2 HG21 sing N N 166 
ILE CG2 HG22 sing N N 167 
ILE CG2 HG23 sing N N 168 
ILE CD1 HD11 sing N N 169 
ILE CD1 HD12 sing N N 170 
ILE CD1 HD13 sing N N 171 
ILE OXT HXT  sing N N 172 
LEU N   CA   sing N N 173 
LEU N   H    sing N N 174 
LEU N   H2   sing N N 175 
LEU CA  C    sing N N 176 
LEU CA  CB   sing N N 177 
LEU CA  HA   sing N N 178 
LEU C   O    doub N N 179 
LEU C   OXT  sing N N 180 
LEU CB  CG   sing N N 181 
LEU CB  HB2  sing N N 182 
LEU CB  HB3  sing N N 183 
LEU CG  CD1  sing N N 184 
LEU CG  CD2  sing N N 185 
LEU CG  HG   sing N N 186 
LEU CD1 HD11 sing N N 187 
LEU CD1 HD12 sing N N 188 
LEU CD1 HD13 sing N N 189 
LEU CD2 HD21 sing N N 190 
LEU CD2 HD22 sing N N 191 
LEU CD2 HD23 sing N N 192 
LEU OXT HXT  sing N N 193 
LYS N   CA   sing N N 194 
LYS N   H    sing N N 195 
LYS N   H2   sing N N 196 
LYS CA  C    sing N N 197 
LYS CA  CB   sing N N 198 
LYS CA  HA   sing N N 199 
LYS C   O    doub N N 200 
LYS C   OXT  sing N N 201 
LYS CB  CG   sing N N 202 
LYS CB  HB2  sing N N 203 
LYS CB  HB3  sing N N 204 
LYS CG  CD   sing N N 205 
LYS CG  HG2  sing N N 206 
LYS CG  HG3  sing N N 207 
LYS CD  CE   sing N N 208 
LYS CD  HD2  sing N N 209 
LYS CD  HD3  sing N N 210 
LYS CE  NZ   sing N N 211 
LYS CE  HE2  sing N N 212 
LYS CE  HE3  sing N N 213 
LYS NZ  HZ1  sing N N 214 
LYS NZ  HZ2  sing N N 215 
LYS NZ  HZ3  sing N N 216 
LYS OXT HXT  sing N N 217 
MET N   CA   sing N N 218 
MET N   H    sing N N 219 
MET N   H2   sing N N 220 
MET CA  C    sing N N 221 
MET CA  CB   sing N N 222 
MET CA  HA   sing N N 223 
MET C   O    doub N N 224 
MET C   OXT  sing N N 225 
MET CB  CG   sing N N 226 
MET CB  HB2  sing N N 227 
MET CB  HB3  sing N N 228 
MET CG  SD   sing N N 229 
MET CG  HG2  sing N N 230 
MET CG  HG3  sing N N 231 
MET SD  CE   sing N N 232 
MET CE  HE1  sing N N 233 
MET CE  HE2  sing N N 234 
MET CE  HE3  sing N N 235 
MET OXT HXT  sing N N 236 
PHE N   CA   sing N N 237 
PHE N   H    sing N N 238 
PHE N   H2   sing N N 239 
PHE CA  C    sing N N 240 
PHE CA  CB   sing N N 241 
PHE CA  HA   sing N N 242 
PHE C   O    doub N N 243 
PHE C   OXT  sing N N 244 
PHE CB  CG   sing N N 245 
PHE CB  HB2  sing N N 246 
PHE CB  HB3  sing N N 247 
PHE CG  CD1  doub Y N 248 
PHE CG  CD2  sing Y N 249 
PHE CD1 CE1  sing Y N 250 
PHE CD1 HD1  sing N N 251 
PHE CD2 CE2  doub Y N 252 
PHE CD2 HD2  sing N N 253 
PHE CE1 CZ   doub Y N 254 
PHE CE1 HE1  sing N N 255 
PHE CE2 CZ   sing Y N 256 
PHE CE2 HE2  sing N N 257 
PHE CZ  HZ   sing N N 258 
PHE OXT HXT  sing N N 259 
PRO N   CA   sing N N 260 
PRO N   CD   sing N N 261 
PRO N   H    sing N N 262 
PRO CA  C    sing N N 263 
PRO CA  CB   sing N N 264 
PRO CA  HA   sing N N 265 
PRO C   O    doub N N 266 
PRO C   OXT  sing N N 267 
PRO CB  CG   sing N N 268 
PRO CB  HB2  sing N N 269 
PRO CB  HB3  sing N N 270 
PRO CG  CD   sing N N 271 
PRO CG  HG2  sing N N 272 
PRO CG  HG3  sing N N 273 
PRO CD  HD2  sing N N 274 
PRO CD  HD3  sing N N 275 
PRO OXT HXT  sing N N 276 
SER N   CA   sing N N 277 
SER N   H    sing N N 278 
SER N   H2   sing N N 279 
SER CA  C    sing N N 280 
SER CA  CB   sing N N 281 
SER CA  HA   sing N N 282 
SER C   O    doub N N 283 
SER C   OXT  sing N N 284 
SER CB  OG   sing N N 285 
SER CB  HB2  sing N N 286 
SER CB  HB3  sing N N 287 
SER OG  HG   sing N N 288 
SER OXT HXT  sing N N 289 
THR N   CA   sing N N 290 
THR N   H    sing N N 291 
THR N   H2   sing N N 292 
THR CA  C    sing N N 293 
THR CA  CB   sing N N 294 
THR CA  HA   sing N N 295 
THR C   O    doub N N 296 
THR C   OXT  sing N N 297 
THR CB  OG1  sing N N 298 
THR CB  CG2  sing N N 299 
THR CB  HB   sing N N 300 
THR OG1 HG1  sing N N 301 
THR CG2 HG21 sing N N 302 
THR CG2 HG22 sing N N 303 
THR CG2 HG23 sing N N 304 
THR OXT HXT  sing N N 305 
TRP N   CA   sing N N 306 
TRP N   H    sing N N 307 
TRP N   H2   sing N N 308 
TRP CA  C    sing N N 309 
TRP CA  CB   sing N N 310 
TRP CA  HA   sing N N 311 
TRP C   O    doub N N 312 
TRP C   OXT  sing N N 313 
TRP CB  CG   sing N N 314 
TRP CB  HB2  sing N N 315 
TRP CB  HB3  sing N N 316 
TRP CG  CD1  doub Y N 317 
TRP CG  CD2  sing Y N 318 
TRP CD1 NE1  sing Y N 319 
TRP CD1 HD1  sing N N 320 
TRP CD2 CE2  doub Y N 321 
TRP CD2 CE3  sing Y N 322 
TRP NE1 CE2  sing Y N 323 
TRP NE1 HE1  sing N N 324 
TRP CE2 CZ2  sing Y N 325 
TRP CE3 CZ3  doub Y N 326 
TRP CE3 HE3  sing N N 327 
TRP CZ2 CH2  doub Y N 328 
TRP CZ2 HZ2  sing N N 329 
TRP CZ3 CH2  sing Y N 330 
TRP CZ3 HZ3  sing N N 331 
TRP CH2 HH2  sing N N 332 
TRP OXT HXT  sing N N 333 
TYR N   CA   sing N N 334 
TYR N   H    sing N N 335 
TYR N   H2   sing N N 336 
TYR CA  C    sing N N 337 
TYR CA  CB   sing N N 338 
TYR CA  HA   sing N N 339 
TYR C   O    doub N N 340 
TYR C   OXT  sing N N 341 
TYR CB  CG   sing N N 342 
TYR CB  HB2  sing N N 343 
TYR CB  HB3  sing N N 344 
TYR CG  CD1  doub Y N 345 
TYR CG  CD2  sing Y N 346 
TYR CD1 CE1  sing Y N 347 
TYR CD1 HD1  sing N N 348 
TYR CD2 CE2  doub Y N 349 
TYR CD2 HD2  sing N N 350 
TYR CE1 CZ   doub Y N 351 
TYR CE1 HE1  sing N N 352 
TYR CE2 CZ   sing Y N 353 
TYR CE2 HE2  sing N N 354 
TYR CZ  OH   sing N N 355 
TYR OH  HH   sing N N 356 
TYR OXT HXT  sing N N 357 
VAL N   CA   sing N N 358 
VAL N   H    sing N N 359 
VAL N   H2   sing N N 360 
VAL CA  C    sing N N 361 
VAL CA  CB   sing N N 362 
VAL CA  HA   sing N N 363 
VAL C   O    doub N N 364 
VAL C   OXT  sing N N 365 
VAL CB  CG1  sing N N 366 
VAL CB  CG2  sing N N 367 
VAL CB  HB   sing N N 368 
VAL CG1 HG11 sing N N 369 
VAL CG1 HG12 sing N N 370 
VAL CG1 HG13 sing N N 371 
VAL CG2 HG21 sing N N 372 
VAL CG2 HG22 sing N N 373 
VAL CG2 HG23 sing N N 374 
VAL OXT HXT  sing N N 375 
# 
loop_
_pdbx_audit_support.funding_organization 
_pdbx_audit_support.country 
_pdbx_audit_support.grant_number 
_pdbx_audit_support.ordinal 
'National Institutes of Health/National Institute of Diabetes and Digestive and Kidney Disease (NIH/NIDDK)' 'United States' 
DK071662 1 
'National Institutes of Health/National Institute of General Medical Sciences (NIH/NIGMS)'                  'United States' 
GM102545 2 
'National Institutes of Health/National Institute of General Medical Sciences (NIH/NIGMS)'                  'United States' 
GM104212 3 
# 
_pdbx_entity_nonpoly.entity_id   3 
_pdbx_entity_nonpoly.name        water 
_pdbx_entity_nonpoly.comp_id     HOH 
# 
_pdbx_initial_refinement_model.id               1 
_pdbx_initial_refinement_model.entity_id_list   ? 
_pdbx_initial_refinement_model.type             'experimental model' 
_pdbx_initial_refinement_model.source_name      PDB 
_pdbx_initial_refinement_model.accession_code   4RQW 
_pdbx_initial_refinement_model.details          ? 
# 
_pdbx_struct_assembly_auth_evidence.id                     1 
_pdbx_struct_assembly_auth_evidence.assembly_id            1 
_pdbx_struct_assembly_auth_evidence.experimental_support   'gel filtration' 
_pdbx_struct_assembly_auth_evidence.details                ? 
# 
